data_5KIH
# 
_entry.id   5KIH 
# 
_audit_conform.dict_name       mmcif_pdbx.dic 
_audit_conform.dict_version    5.391 
_audit_conform.dict_location   http://mmcif.pdb.org/dictionaries/ascii/mmcif_pdbx.dic 
# 
loop_
_database_2.database_id 
_database_2.database_code 
_database_2.pdbx_database_accession 
_database_2.pdbx_DOI 
PDB   5KIH         pdb_00005kih 10.2210/pdb5kih/pdb 
WWPDB D_1000222292 ?            ?                   
BMRB  30117        ?            10.13018/BMR30117   
# 
loop_
_pdbx_audit_revision_history.ordinal 
_pdbx_audit_revision_history.data_content_type 
_pdbx_audit_revision_history.major_revision 
_pdbx_audit_revision_history.minor_revision 
_pdbx_audit_revision_history.revision_date 
1 'Structure model' 1 0 2016-08-24 
2 'Structure model' 1 1 2016-09-21 
3 'Structure model' 1 2 2016-11-02 
4 'Structure model' 1 3 2024-05-01 
# 
_pdbx_audit_revision_details.ordinal             1 
_pdbx_audit_revision_details.revision_ordinal    1 
_pdbx_audit_revision_details.data_content_type   'Structure model' 
_pdbx_audit_revision_details.provider            repository 
_pdbx_audit_revision_details.type                'Initial release' 
_pdbx_audit_revision_details.description         ? 
_pdbx_audit_revision_details.details             ? 
# 
loop_
_pdbx_audit_revision_group.ordinal 
_pdbx_audit_revision_group.revision_ordinal 
_pdbx_audit_revision_group.data_content_type 
_pdbx_audit_revision_group.group 
1 2 'Structure model' 'Database references' 
2 3 'Structure model' 'Database references' 
3 4 'Structure model' 'Data collection'     
4 4 'Structure model' 'Database references' 
5 4 'Structure model' 'Structure summary'   
# 
loop_
_pdbx_audit_revision_category.ordinal 
_pdbx_audit_revision_category.revision_ordinal 
_pdbx_audit_revision_category.data_content_type 
_pdbx_audit_revision_category.category 
1 4 'Structure model' chem_comp_atom        
2 4 'Structure model' chem_comp_bond        
3 4 'Structure model' database_2            
4 4 'Structure model' entity                
5 4 'Structure model' pdbx_nmr_software     
6 4 'Structure model' pdbx_nmr_spectrometer 
# 
loop_
_pdbx_audit_revision_item.ordinal 
_pdbx_audit_revision_item.revision_ordinal 
_pdbx_audit_revision_item.data_content_type 
_pdbx_audit_revision_item.item 
1 4 'Structure model' '_database_2.pdbx_DOI'                
2 4 'Structure model' '_database_2.pdbx_database_accession' 
3 4 'Structure model' '_entity.pdbx_number_of_molecules'    
4 4 'Structure model' '_pdbx_nmr_software.name'             
5 4 'Structure model' '_pdbx_nmr_spectrometer.model'        
# 
_pdbx_database_status.status_code                     REL 
_pdbx_database_status.status_code_sf                  ? 
_pdbx_database_status.status_code_mr                  REL 
_pdbx_database_status.entry_id                        5KIH 
_pdbx_database_status.recvd_initial_deposition_date   2016-06-16 
_pdbx_database_status.SG_entry                        N 
_pdbx_database_status.deposit_site                    RCSB 
_pdbx_database_status.process_site                    RCSB 
_pdbx_database_status.status_code_cs                  REL 
_pdbx_database_status.methods_development_category    ? 
_pdbx_database_status.pdb_format_compatible           Y 
_pdbx_database_status.status_code_nmr_data            ? 
# 
loop_
_pdbx_database_related.db_name 
_pdbx_database_related.details 
_pdbx_database_related.db_id 
_pdbx_database_related.content_type 
BMRB . 30117 unspecified 
PDB  . 5KGV  unspecified 
PDB  . 5KI7  unspecified 
PDB  . 5KIB  unspecified 
PDB  . 5KIE  unspecified 
PDB  . 5KIF  unspecified 
# 
loop_
_audit_author.name 
_audit_author.pdbx_ordinal 
'Evich, M.'            1 
'Spring-Connell, A.M.' 2 
'Storici, F.'          3 
'Germann, M.W.'        4 
# 
_citation.abstract                  ? 
_citation.abstract_id_CAS           ? 
_citation.book_id_ISBN              ? 
_citation.book_publisher            ? 
_citation.book_publisher_city       ? 
_citation.book_title                ? 
_citation.coordinate_linkage        ? 
_citation.country                   GE 
_citation.database_id_Medline       ? 
_citation.details                   ? 
_citation.id                        primary 
_citation.journal_abbrev            Chembiochem 
_citation.journal_id_ASTM           ? 
_citation.journal_id_CSD            ? 
_citation.journal_id_ISSN           1439-7633 
_citation.journal_full              ? 
_citation.journal_issue             ? 
_citation.journal_volume            17 
_citation.language                  ? 
_citation.page_first                1968 
_citation.page_last                 1977 
_citation.title                     'Structural Impact of Single Ribonucleotide Residues in DNA.' 
_citation.year                      2016 
_citation.database_id_CSD           ? 
_citation.pdbx_database_id_DOI      10.1002/cbic.201600385 
_citation.pdbx_database_id_PubMed   27504600 
_citation.unpublished_flag          ? 
# 
loop_
_citation_author.citation_id 
_citation_author.name 
_citation_author.ordinal 
_citation_author.identifier_ORCID 
primary 'Evich, M.'            1 ? 
primary 'Spring-Connell, A.M.' 2 ? 
primary 'Storici, F.'          3 ? 
primary 'Germann, M.W.'        4 ? 
# 
loop_
_entity.id 
_entity.type 
_entity.src_method 
_entity.pdbx_description 
_entity.formula_weight 
_entity.pdbx_number_of_molecules 
_entity.pdbx_ec 
_entity.pdbx_mutation 
_entity.pdbx_fragment 
_entity.details 
1 polymer syn 
;DNA/RNA (5'-D(*TP*TP*AP*G)-R(P*G)-D(P*CP*CP*TP*G)-3')
;
2762.809 1 ? ? ? ? 
2 polymer syn 
;DNA (5'-D(*CP*AP*GP*GP*CP*CP*TP*AP*A)-3')
;
2724.812 1 ? ? ? ? 
# 
loop_
_entity_poly.entity_id 
_entity_poly.type 
_entity_poly.nstd_linkage 
_entity_poly.nstd_monomer 
_entity_poly.pdbx_seq_one_letter_code 
_entity_poly.pdbx_seq_one_letter_code_can 
_entity_poly.pdbx_strand_id 
_entity_poly.pdbx_target_identifier 
1 'polydeoxyribonucleotide/polyribonucleotide hybrid' no no '(DT)(DT)(DA)(DG)G(DC)(DC)(DT)(DG)'    TTAGGCCTG A ? 
2 polydeoxyribonucleotide                             no no '(DC)(DA)(DG)(DG)(DC)(DC)(DT)(DA)(DA)' CAGGCCTAA B ? 
# 
loop_
_entity_poly_seq.entity_id 
_entity_poly_seq.num 
_entity_poly_seq.mon_id 
_entity_poly_seq.hetero 
1 1 DT n 
1 2 DT n 
1 3 DA n 
1 4 DG n 
1 5 G  n 
1 6 DC n 
1 7 DC n 
1 8 DT n 
1 9 DG n 
2 1 DC n 
2 2 DA n 
2 3 DG n 
2 4 DG n 
2 5 DC n 
2 6 DC n 
2 7 DT n 
2 8 DA n 
2 9 DA n 
# 
loop_
_pdbx_entity_src_syn.entity_id 
_pdbx_entity_src_syn.pdbx_src_id 
_pdbx_entity_src_syn.pdbx_alt_source_flag 
_pdbx_entity_src_syn.pdbx_beg_seq_num 
_pdbx_entity_src_syn.pdbx_end_seq_num 
_pdbx_entity_src_syn.organism_scientific 
_pdbx_entity_src_syn.organism_common_name 
_pdbx_entity_src_syn.ncbi_taxonomy_id 
_pdbx_entity_src_syn.details 
1 1 sample 1 9 'synthetic construct' ? 32630 ? 
2 1 sample 1 9 'synthetic construct' ? 32630 ? 
# 
loop_
_chem_comp.id 
_chem_comp.type 
_chem_comp.mon_nstd_flag 
_chem_comp.name 
_chem_comp.pdbx_synonyms 
_chem_comp.formula 
_chem_comp.formula_weight 
DA 'DNA linking' y "2'-DEOXYADENOSINE-5'-MONOPHOSPHATE" ? 'C10 H14 N5 O6 P' 331.222 
DC 'DNA linking' y "2'-DEOXYCYTIDINE-5'-MONOPHOSPHATE"  ? 'C9 H14 N3 O7 P'  307.197 
DG 'DNA linking' y "2'-DEOXYGUANOSINE-5'-MONOPHOSPHATE" ? 'C10 H14 N5 O7 P' 347.221 
DT 'DNA linking' y "THYMIDINE-5'-MONOPHOSPHATE"         ? 'C10 H15 N2 O8 P' 322.208 
G  'RNA linking' y "GUANOSINE-5'-MONOPHOSPHATE"         ? 'C10 H14 N5 O8 P' 363.221 
# 
loop_
_pdbx_poly_seq_scheme.asym_id 
_pdbx_poly_seq_scheme.entity_id 
_pdbx_poly_seq_scheme.seq_id 
_pdbx_poly_seq_scheme.mon_id 
_pdbx_poly_seq_scheme.ndb_seq_num 
_pdbx_poly_seq_scheme.pdb_seq_num 
_pdbx_poly_seq_scheme.auth_seq_num 
_pdbx_poly_seq_scheme.pdb_mon_id 
_pdbx_poly_seq_scheme.auth_mon_id 
_pdbx_poly_seq_scheme.pdb_strand_id 
_pdbx_poly_seq_scheme.pdb_ins_code 
_pdbx_poly_seq_scheme.hetero 
A 1 1 DT 1 1  1  DT DT A . n 
A 1 2 DT 2 2  2  DT DT A . n 
A 1 3 DA 3 3  3  DA DA A . n 
A 1 4 DG 4 4  4  DG DG A . n 
A 1 5 G  5 5  5  G  G  A . n 
A 1 6 DC 6 6  6  DC DC A . n 
A 1 7 DC 7 7  7  DC DC A . n 
A 1 8 DT 8 8  8  DT DT A . n 
A 1 9 DG 9 9  9  DG DG A . n 
B 2 1 DC 1 10 10 DC DC B . n 
B 2 2 DA 2 11 11 DA DA B . n 
B 2 3 DG 3 12 12 DG DG B . n 
B 2 4 DG 4 13 13 DG DG B . n 
B 2 5 DC 5 14 14 DC DC B . n 
B 2 6 DC 6 15 15 DC DC B . n 
B 2 7 DT 7 16 16 DT DT B . n 
B 2 8 DA 8 17 17 DA DA B . n 
B 2 9 DA 9 18 18 DA DA B . n 
# 
_cell.angle_alpha                  90.00 
_cell.angle_alpha_esd              ? 
_cell.angle_beta                   90.00 
_cell.angle_beta_esd               ? 
_cell.angle_gamma                  90.00 
_cell.angle_gamma_esd              ? 
_cell.entry_id                     5KIH 
_cell.details                      ? 
_cell.formula_units_Z              ? 
_cell.length_a                     0.000 
_cell.length_a_esd                 ? 
_cell.length_b                     0.000 
_cell.length_b_esd                 ? 
_cell.length_c                     0.000 
_cell.length_c_esd                 ? 
_cell.volume                       ? 
_cell.volume_esd                   ? 
_cell.Z_PDB                        ? 
_cell.reciprocal_angle_alpha       ? 
_cell.reciprocal_angle_beta        ? 
_cell.reciprocal_angle_gamma       ? 
_cell.reciprocal_angle_alpha_esd   ? 
_cell.reciprocal_angle_beta_esd    ? 
_cell.reciprocal_angle_gamma_esd   ? 
_cell.reciprocal_length_a          ? 
_cell.reciprocal_length_b          ? 
_cell.reciprocal_length_c          ? 
_cell.reciprocal_length_a_esd      ? 
_cell.reciprocal_length_b_esd      ? 
_cell.reciprocal_length_c_esd      ? 
_cell.pdbx_unique_axis             ? 
# 
_symmetry.entry_id                         5KIH 
_symmetry.cell_setting                     ? 
_symmetry.Int_Tables_number                1 
_symmetry.space_group_name_Hall            ? 
_symmetry.space_group_name_H-M             'P 1' 
_symmetry.pdbx_full_space_group_name_H-M   ? 
# 
_exptl.absorpt_coefficient_mu     ? 
_exptl.absorpt_correction_T_max   ? 
_exptl.absorpt_correction_T_min   ? 
_exptl.absorpt_correction_type    ? 
_exptl.absorpt_process_details    ? 
_exptl.entry_id                   5KIH 
_exptl.crystals_number            ? 
_exptl.details                    ? 
_exptl.method                     'SOLUTION NMR' 
_exptl.method_details             ? 
# 
_struct.entry_id                     5KIH 
_struct.title                        'Structural impact of single ribonucleotides in DNA' 
_struct.pdbx_model_details           ? 
_struct.pdbx_formula_weight          ? 
_struct.pdbx_formula_weight_method   ? 
_struct.pdbx_model_type_details      ? 
_struct.pdbx_CASP_flag               N 
# 
_struct_keywords.entry_id        5KIH 
_struct_keywords.text            'DNA, RNA, Ribonucleotides' 
_struct_keywords.pdbx_keywords   DNA 
# 
loop_
_struct_asym.id 
_struct_asym.pdbx_blank_PDB_chainid_flag 
_struct_asym.pdbx_modified 
_struct_asym.entity_id 
_struct_asym.details 
A N N 1 ? 
B N N 2 ? 
# 
loop_
_struct_ref.id 
_struct_ref.db_name 
_struct_ref.db_code 
_struct_ref.pdbx_db_accession 
_struct_ref.pdbx_db_isoform 
_struct_ref.entity_id 
_struct_ref.pdbx_seq_one_letter_code 
_struct_ref.pdbx_align_begin 
1 PDB 5KIH 5KIH ? 1 ? 1 
2 PDB 5KIH 5KIH ? 2 ? 1 
# 
loop_
_struct_ref_seq.align_id 
_struct_ref_seq.ref_id 
_struct_ref_seq.pdbx_PDB_id_code 
_struct_ref_seq.pdbx_strand_id 
_struct_ref_seq.seq_align_beg 
_struct_ref_seq.pdbx_seq_align_beg_ins_code 
_struct_ref_seq.seq_align_end 
_struct_ref_seq.pdbx_seq_align_end_ins_code 
_struct_ref_seq.pdbx_db_accession 
_struct_ref_seq.db_align_beg 
_struct_ref_seq.pdbx_db_align_beg_ins_code 
_struct_ref_seq.db_align_end 
_struct_ref_seq.pdbx_db_align_end_ins_code 
_struct_ref_seq.pdbx_auth_seq_align_beg 
_struct_ref_seq.pdbx_auth_seq_align_end 
1 1 5KIH A 1 ? 9 ? 5KIH 1  ? 9  ? 1  9  
2 2 5KIH B 1 ? 9 ? 5KIH 10 ? 18 ? 10 18 
# 
_pdbx_struct_assembly.id                   1 
_pdbx_struct_assembly.details              author_defined_assembly 
_pdbx_struct_assembly.method_details       ? 
_pdbx_struct_assembly.oligomeric_details   dimeric 
_pdbx_struct_assembly.oligomeric_count     2 
# 
loop_
_pdbx_struct_assembly_prop.biol_id 
_pdbx_struct_assembly_prop.type 
_pdbx_struct_assembly_prop.value 
_pdbx_struct_assembly_prop.details 
1 'ABSA (A^2)' 850  ? 
1 MORE         -4   ? 
1 'SSA (A^2)'  3610 ? 
# 
_pdbx_struct_assembly_gen.assembly_id       1 
_pdbx_struct_assembly_gen.oper_expression   1 
_pdbx_struct_assembly_gen.asym_id_list      A,B 
# 
_pdbx_struct_oper_list.id                   1 
_pdbx_struct_oper_list.type                 'identity operation' 
_pdbx_struct_oper_list.name                 1_555 
_pdbx_struct_oper_list.symmetry_operation   ? 
_pdbx_struct_oper_list.matrix[1][1]         1.0000000000 
_pdbx_struct_oper_list.matrix[1][2]         0.0000000000 
_pdbx_struct_oper_list.matrix[1][3]         0.0000000000 
_pdbx_struct_oper_list.vector[1]            0.0000000000 
_pdbx_struct_oper_list.matrix[2][1]         0.0000000000 
_pdbx_struct_oper_list.matrix[2][2]         1.0000000000 
_pdbx_struct_oper_list.matrix[2][3]         0.0000000000 
_pdbx_struct_oper_list.vector[2]            0.0000000000 
_pdbx_struct_oper_list.matrix[3][1]         0.0000000000 
_pdbx_struct_oper_list.matrix[3][2]         0.0000000000 
_pdbx_struct_oper_list.matrix[3][3]         1.0000000000 
_pdbx_struct_oper_list.vector[3]            0.0000000000 
# 
loop_
_struct_conn.id 
_struct_conn.conn_type_id 
_struct_conn.pdbx_leaving_atom_flag 
_struct_conn.pdbx_PDB_id 
_struct_conn.ptnr1_label_asym_id 
_struct_conn.ptnr1_label_comp_id 
_struct_conn.ptnr1_label_seq_id 
_struct_conn.ptnr1_label_atom_id 
_struct_conn.pdbx_ptnr1_label_alt_id 
_struct_conn.pdbx_ptnr1_PDB_ins_code 
_struct_conn.pdbx_ptnr1_standard_comp_id 
_struct_conn.ptnr1_symmetry 
_struct_conn.ptnr2_label_asym_id 
_struct_conn.ptnr2_label_comp_id 
_struct_conn.ptnr2_label_seq_id 
_struct_conn.ptnr2_label_atom_id 
_struct_conn.pdbx_ptnr2_label_alt_id 
_struct_conn.pdbx_ptnr2_PDB_ins_code 
_struct_conn.ptnr1_auth_asym_id 
_struct_conn.ptnr1_auth_comp_id 
_struct_conn.ptnr1_auth_seq_id 
_struct_conn.ptnr2_auth_asym_id 
_struct_conn.ptnr2_auth_comp_id 
_struct_conn.ptnr2_auth_seq_id 
_struct_conn.ptnr2_symmetry 
_struct_conn.pdbx_ptnr3_label_atom_id 
_struct_conn.pdbx_ptnr3_label_seq_id 
_struct_conn.pdbx_ptnr3_label_comp_id 
_struct_conn.pdbx_ptnr3_label_asym_id 
_struct_conn.pdbx_ptnr3_label_alt_id 
_struct_conn.pdbx_ptnr3_PDB_ins_code 
_struct_conn.details 
_struct_conn.pdbx_dist_value 
_struct_conn.pdbx_value_order 
_struct_conn.pdbx_role 
hydrog1  hydrog ? ? A DT 1 N3 ? ? ? 1_555 B DA 9 N1 ? ? A DT 1 B DA 18 1_555 ? ? ? ? ? ? WATSON-CRICK ? ? ? 
hydrog2  hydrog ? ? A DT 1 O4 ? ? ? 1_555 B DA 9 N6 ? ? A DT 1 B DA 18 1_555 ? ? ? ? ? ? WATSON-CRICK ? ? ? 
hydrog3  hydrog ? ? A DT 2 N3 ? ? ? 1_555 B DA 8 N1 ? ? A DT 2 B DA 17 1_555 ? ? ? ? ? ? WATSON-CRICK ? ? ? 
hydrog4  hydrog ? ? A DT 2 O4 ? ? ? 1_555 B DA 8 N6 ? ? A DT 2 B DA 17 1_555 ? ? ? ? ? ? WATSON-CRICK ? ? ? 
hydrog5  hydrog ? ? A DA 3 N1 ? ? ? 1_555 B DT 7 N3 ? ? A DA 3 B DT 16 1_555 ? ? ? ? ? ? WATSON-CRICK ? ? ? 
hydrog6  hydrog ? ? A DA 3 N6 ? ? ? 1_555 B DT 7 O4 ? ? A DA 3 B DT 16 1_555 ? ? ? ? ? ? WATSON-CRICK ? ? ? 
hydrog7  hydrog ? ? A DG 4 N1 ? ? ? 1_555 B DC 6 N3 ? ? A DG 4 B DC 15 1_555 ? ? ? ? ? ? WATSON-CRICK ? ? ? 
hydrog8  hydrog ? ? A DG 4 N2 ? ? ? 1_555 B DC 6 O2 ? ? A DG 4 B DC 15 1_555 ? ? ? ? ? ? WATSON-CRICK ? ? ? 
hydrog9  hydrog ? ? A DG 4 O6 ? ? ? 1_555 B DC 6 N4 ? ? A DG 4 B DC 15 1_555 ? ? ? ? ? ? WATSON-CRICK ? ? ? 
hydrog10 hydrog ? ? A G  5 N1 ? ? ? 1_555 B DC 5 N3 ? ? A G  5 B DC 14 1_555 ? ? ? ? ? ? WATSON-CRICK ? ? ? 
hydrog11 hydrog ? ? A G  5 N2 ? ? ? 1_555 B DC 5 O2 ? ? A G  5 B DC 14 1_555 ? ? ? ? ? ? WATSON-CRICK ? ? ? 
hydrog12 hydrog ? ? A G  5 O6 ? ? ? 1_555 B DC 5 N4 ? ? A G  5 B DC 14 1_555 ? ? ? ? ? ? WATSON-CRICK ? ? ? 
hydrog13 hydrog ? ? A DC 6 N3 ? ? ? 1_555 B DG 4 N1 ? ? A DC 6 B DG 13 1_555 ? ? ? ? ? ? WATSON-CRICK ? ? ? 
hydrog14 hydrog ? ? A DC 6 N4 ? ? ? 1_555 B DG 4 O6 ? ? A DC 6 B DG 13 1_555 ? ? ? ? ? ? WATSON-CRICK ? ? ? 
hydrog15 hydrog ? ? A DC 6 O2 ? ? ? 1_555 B DG 4 N2 ? ? A DC 6 B DG 13 1_555 ? ? ? ? ? ? WATSON-CRICK ? ? ? 
hydrog16 hydrog ? ? A DC 7 N3 ? ? ? 1_555 B DG 3 N1 ? ? A DC 7 B DG 12 1_555 ? ? ? ? ? ? WATSON-CRICK ? ? ? 
hydrog17 hydrog ? ? A DC 7 N4 ? ? ? 1_555 B DG 3 O6 ? ? A DC 7 B DG 12 1_555 ? ? ? ? ? ? WATSON-CRICK ? ? ? 
hydrog18 hydrog ? ? A DC 7 O2 ? ? ? 1_555 B DG 3 N2 ? ? A DC 7 B DG 12 1_555 ? ? ? ? ? ? WATSON-CRICK ? ? ? 
hydrog19 hydrog ? ? A DT 8 N3 ? ? ? 1_555 B DA 2 N1 ? ? A DT 8 B DA 11 1_555 ? ? ? ? ? ? WATSON-CRICK ? ? ? 
hydrog20 hydrog ? ? A DT 8 O4 ? ? ? 1_555 B DA 2 N6 ? ? A DT 8 B DA 11 1_555 ? ? ? ? ? ? WATSON-CRICK ? ? ? 
hydrog21 hydrog ? ? A DG 9 N1 ? ? ? 1_555 B DC 1 N3 ? ? A DG 9 B DC 10 1_555 ? ? ? ? ? ? WATSON-CRICK ? ? ? 
hydrog22 hydrog ? ? A DG 9 N2 ? ? ? 1_555 B DC 1 O2 ? ? A DG 9 B DC 10 1_555 ? ? ? ? ? ? WATSON-CRICK ? ? ? 
hydrog23 hydrog ? ? A DG 9 O6 ? ? ? 1_555 B DC 1 N4 ? ? A DG 9 B DC 10 1_555 ? ? ? ? ? ? WATSON-CRICK ? ? ? 
# 
_struct_conn_type.id          hydrog 
_struct_conn_type.criteria    ? 
_struct_conn_type.reference   ? 
# 
loop_
_pdbx_validate_rmsd_bond.id 
_pdbx_validate_rmsd_bond.PDB_model_num 
_pdbx_validate_rmsd_bond.auth_atom_id_1 
_pdbx_validate_rmsd_bond.auth_asym_id_1 
_pdbx_validate_rmsd_bond.auth_comp_id_1 
_pdbx_validate_rmsd_bond.auth_seq_id_1 
_pdbx_validate_rmsd_bond.PDB_ins_code_1 
_pdbx_validate_rmsd_bond.label_alt_id_1 
_pdbx_validate_rmsd_bond.auth_atom_id_2 
_pdbx_validate_rmsd_bond.auth_asym_id_2 
_pdbx_validate_rmsd_bond.auth_comp_id_2 
_pdbx_validate_rmsd_bond.auth_seq_id_2 
_pdbx_validate_rmsd_bond.PDB_ins_code_2 
_pdbx_validate_rmsd_bond.label_alt_id_2 
_pdbx_validate_rmsd_bond.bond_value 
_pdbx_validate_rmsd_bond.bond_target_value 
_pdbx_validate_rmsd_bond.bond_deviation 
_pdbx_validate_rmsd_bond.bond_standard_deviation 
_pdbx_validate_rmsd_bond.linker_flag 
1  1 "O3'" A DT 2  ? ? "C3'" A DT 2  ? ? 1.357 1.419 -0.062 0.006 N 
2  1 C5    A DT 2  ? ? C7    A DT 2  ? ? 1.460 1.496 -0.036 0.006 N 
3  1 "O4'" A DG 4  ? ? "C4'" A DG 4  ? ? 1.385 1.446 -0.061 0.010 N 
4  1 C2    A G  5  ? ? N2    A G  5  ? ? 1.272 1.341 -0.069 0.010 N 
5  1 C4    A DC 7  ? ? N4    A DC 7  ? ? 1.278 1.335 -0.057 0.009 N 
6  1 "O3'" B DC 10 ? ? "C3'" B DC 10 ? ? 1.377 1.419 -0.042 0.006 N 
7  1 N3    B DC 10 ? ? C4    B DC 10 ? ? 1.289 1.335 -0.046 0.007 N 
8  1 "C3'" B DA 11 ? ? "C2'" B DA 11 ? ? 1.409 1.516 -0.107 0.008 N 
9  1 "C2'" B DA 11 ? ? "C1'" B DA 11 ? ? 1.444 1.518 -0.074 0.010 N 
10 1 "O4'" B DA 11 ? ? "C1'" B DA 11 ? ? 1.341 1.418 -0.077 0.012 N 
11 1 "O3'" B DA 11 ? ? "C3'" B DA 11 ? ? 1.361 1.419 -0.058 0.006 N 
12 1 "O3'" B DG 12 ? ? P     B DG 13 ? ? 1.504 1.607 -0.103 0.012 Y 
13 1 "C3'" B DG 13 ? ? "C2'" B DG 13 ? ? 1.405 1.516 -0.111 0.008 N 
14 1 "C2'" B DG 13 ? ? "C1'" B DG 13 ? ? 1.452 1.518 -0.066 0.010 N 
15 1 "O4'" B DG 13 ? ? "C1'" B DG 13 ? ? 1.346 1.418 -0.072 0.012 N 
16 1 "O4'" B DC 15 ? ? "C1'" B DC 15 ? ? 1.339 1.418 -0.079 0.012 N 
17 1 "O4'" B DC 15 ? ? "C4'" B DC 15 ? ? 1.363 1.446 -0.083 0.010 N 
18 1 "C3'" B DT 16 ? ? "C2'" B DT 16 ? ? 1.343 1.516 -0.173 0.008 N 
19 1 "C2'" B DT 16 ? ? "C1'" B DT 16 ? ? 1.415 1.518 -0.103 0.010 N 
20 1 "O4'" B DT 16 ? ? "C1'" B DT 16 ? ? 1.329 1.418 -0.089 0.012 N 
21 1 "O3'" B DT 16 ? ? "C3'" B DT 16 ? ? 1.348 1.419 -0.071 0.006 N 
22 1 "O4'" B DA 17 ? ? "C4'" B DA 17 ? ? 1.347 1.446 -0.099 0.010 N 
23 1 N3    B DA 17 ? ? C4    B DA 17 ? ? 1.303 1.344 -0.041 0.006 N 
24 1 C6    B DA 17 ? ? N1    B DA 17 ? ? 1.284 1.351 -0.067 0.007 N 
25 1 C5    B DA 17 ? ? N7    B DA 17 ? ? 1.323 1.388 -0.065 0.006 N 
26 1 C8    B DA 17 ? ? N9    B DA 17 ? ? 1.266 1.373 -0.107 0.008 N 
27 1 "C3'" B DA 18 ? ? "C2'" B DA 18 ? ? 1.321 1.516 -0.195 0.008 N 
28 1 "C2'" B DA 18 ? ? "C1'" B DA 18 ? ? 1.432 1.518 -0.086 0.010 N 
29 1 "O4'" B DA 18 ? ? "C4'" B DA 18 ? ? 1.380 1.446 -0.066 0.010 N 
30 1 "O3'" B DA 18 ? ? "C3'" B DA 18 ? ? 1.330 1.419 -0.089 0.006 N 
31 1 N3    B DA 18 ? ? C4    B DA 18 ? ? 1.272 1.344 -0.072 0.006 N 
32 1 C4    B DA 18 ? ? C5    B DA 18 ? ? 1.329 1.383 -0.054 0.007 N 
33 1 C6    B DA 18 ? ? N1    B DA 18 ? ? 1.227 1.351 -0.124 0.007 N 
34 1 C5    B DA 18 ? ? N7    B DA 18 ? ? 1.349 1.388 -0.039 0.006 N 
35 1 C8    B DA 18 ? ? N9    B DA 18 ? ? 1.280 1.373 -0.093 0.008 N 
36 1 C6    B DA 18 ? ? N6    B DA 18 ? ? 1.262 1.335 -0.073 0.008 N 
37 2 "C5'" A DT 1  ? ? "C4'" A DT 1  ? ? 1.413 1.509 -0.096 0.011 N 
38 2 "O4'" A DA 3  ? ? "C1'" A DA 3  ? ? 1.330 1.418 -0.088 0.012 N 
39 2 "O3'" A DA 3  ? ? "C3'" A DA 3  ? ? 1.364 1.419 -0.055 0.006 N 
40 2 C6    A DA 3  ? ? N1    A DA 3  ? ? 1.306 1.351 -0.045 0.007 N 
41 2 "O4'" A DG 4  ? ? "C4'" A DG 4  ? ? 1.386 1.446 -0.060 0.010 N 
42 2 C2    A DG 4  ? ? N2    A DG 4  ? ? 1.278 1.341 -0.063 0.010 N 
43 2 N1    A G  5  ? ? C2    A G  5  ? ? 1.324 1.373 -0.049 0.008 N 
44 2 "O4'" B DC 10 ? ? "C4'" B DC 10 ? ? 1.381 1.446 -0.065 0.010 N 
45 2 C2    B DC 10 ? ? O2    B DC 10 ? ? 1.174 1.240 -0.066 0.009 N 
46 2 C4    B DC 10 ? ? N4    B DC 10 ? ? 1.272 1.335 -0.063 0.009 N 
47 2 N1    B DC 10 ? ? C6    B DC 10 ? ? 1.272 1.367 -0.095 0.006 N 
48 2 N3    B DC 10 ? ? C4    B DC 10 ? ? 1.246 1.335 -0.089 0.007 N 
49 2 C4    B DC 10 ? ? C5    B DC 10 ? ? 1.339 1.425 -0.086 0.008 N 
50 2 C6    B DA 11 ? ? N1    B DA 11 ? ? 1.306 1.351 -0.045 0.007 N 
51 2 C6    B DG 12 ? ? N1    B DG 12 ? ? 1.339 1.391 -0.052 0.007 N 
52 2 "O3'" B DG 13 ? ? "C3'" B DG 13 ? ? 1.375 1.419 -0.044 0.006 N 
53 2 N1    B DG 13 ? ? C2    B DG 13 ? ? 1.321 1.373 -0.052 0.008 N 
54 2 "O4'" B DC 15 ? ? "C4'" B DC 15 ? ? 1.384 1.446 -0.062 0.010 N 
55 2 "O3'" B DA 18 ? ? "C3'" B DA 18 ? ? 1.375 1.419 -0.044 0.006 N 
# 
loop_
_pdbx_validate_rmsd_angle.id 
_pdbx_validate_rmsd_angle.PDB_model_num 
_pdbx_validate_rmsd_angle.auth_atom_id_1 
_pdbx_validate_rmsd_angle.auth_asym_id_1 
_pdbx_validate_rmsd_angle.auth_comp_id_1 
_pdbx_validate_rmsd_angle.auth_seq_id_1 
_pdbx_validate_rmsd_angle.PDB_ins_code_1 
_pdbx_validate_rmsd_angle.label_alt_id_1 
_pdbx_validate_rmsd_angle.auth_atom_id_2 
_pdbx_validate_rmsd_angle.auth_asym_id_2 
_pdbx_validate_rmsd_angle.auth_comp_id_2 
_pdbx_validate_rmsd_angle.auth_seq_id_2 
_pdbx_validate_rmsd_angle.PDB_ins_code_2 
_pdbx_validate_rmsd_angle.label_alt_id_2 
_pdbx_validate_rmsd_angle.auth_atom_id_3 
_pdbx_validate_rmsd_angle.auth_asym_id_3 
_pdbx_validate_rmsd_angle.auth_comp_id_3 
_pdbx_validate_rmsd_angle.auth_seq_id_3 
_pdbx_validate_rmsd_angle.PDB_ins_code_3 
_pdbx_validate_rmsd_angle.label_alt_id_3 
_pdbx_validate_rmsd_angle.angle_value 
_pdbx_validate_rmsd_angle.angle_target_value 
_pdbx_validate_rmsd_angle.angle_deviation 
_pdbx_validate_rmsd_angle.angle_standard_deviation 
_pdbx_validate_rmsd_angle.linker_flag 
1   1 "O4'" A DT 1  ? ? "C1'" A DT 1  ? ? N1    A DT 1  ? ? 112.15 108.30 3.85  0.30 N 
2   1 N1    A DT 1  ? ? C2    A DT 1  ? ? N3    A DT 1  ? ? 118.37 114.60 3.77  0.60 N 
3   1 C2    A DT 1  ? ? N3    A DT 1  ? ? C4    A DT 1  ? ? 123.29 127.20 -3.91 0.60 N 
4   1 N3    A DT 1  ? ? C2    A DT 1  ? ? O2    A DT 1  ? ? 117.13 122.30 -5.17 0.60 N 
5   1 C6    A DT 1  ? ? C5    A DT 1  ? ? C7    A DT 1  ? ? 119.03 122.90 -3.87 0.60 N 
6   1 "O4'" A DT 2  ? ? "C1'" A DT 2  ? ? N1    A DT 2  ? ? 113.54 108.30 5.24  0.30 N 
7   1 N3    A DT 2  ? ? C2    A DT 2  ? ? O2    A DT 2  ? ? 117.76 122.30 -4.54 0.60 N 
8   1 C6    A DT 2  ? ? C5    A DT 2  ? ? C7    A DT 2  ? ? 119.18 122.90 -3.72 0.60 N 
9   1 C4    A DA 3  ? ? C5    A DA 3  ? ? C6    A DA 3  ? ? 113.45 117.00 -3.55 0.50 N 
10  1 "O4'" A DG 4  ? ? "C1'" A DG 4  ? ? N9    A DG 4  ? ? 114.68 108.30 6.38  0.30 N 
11  1 "O4'" A DC 6  ? ? "C1'" A DC 6  ? ? N1    A DC 6  ? ? 114.77 108.30 6.47  0.30 N 
12  1 N3    A DC 6  ? ? C2    A DC 6  ? ? O2    A DC 6  ? ? 116.96 121.90 -4.94 0.70 N 
13  1 "O4'" A DC 7  ? ? "C4'" A DC 7  ? ? "C3'" A DC 7  ? ? 111.43 106.00 5.43  0.60 N 
14  1 "C3'" A DC 7  ? ? "C2'" A DC 7  ? ? "C1'" A DC 7  ? ? 110.38 102.50 7.88  1.20 N 
15  1 "O4'" A DC 7  ? ? "C1'" A DC 7  ? ? N1    A DC 7  ? ? 110.37 108.30 2.07  0.30 N 
16  1 C2    A DC 7  ? ? N3    A DC 7  ? ? C4    A DC 7  ? ? 116.90 119.90 -3.00 0.50 N 
17  1 N3    A DC 7  ? ? C4    A DC 7  ? ? C5    A DC 7  ? ? 125.32 121.90 3.42  0.40 N 
18  1 "O4'" A DT 8  ? ? "C1'" A DT 8  ? ? N1    A DT 8  ? ? 111.76 108.30 3.46  0.30 N 
19  1 C6    A DT 8  ? ? N1    A DT 8  ? ? C2    A DT 8  ? ? 124.33 121.30 3.03  0.50 N 
20  1 C5    A DT 8  ? ? C6    A DT 8  ? ? N1    A DT 8  ? ? 118.74 123.70 -4.96 0.60 N 
21  1 C6    A DT 8  ? ? C5    A DT 8  ? ? C7    A DT 8  ? ? 117.78 122.90 -5.12 0.60 N 
22  1 "C1'" A DG 9  ? ? "O4'" A DG 9  ? ? "C4'" A DG 9  ? ? 104.03 110.10 -6.07 1.00 N 
23  1 "O4'" A DG 9  ? ? "C1'" A DG 9  ? ? N9    A DG 9  ? ? 111.69 108.30 3.39  0.30 N 
24  1 C5    A DG 9  ? ? C6    A DG 9  ? ? N1    A DG 9  ? ? 116.06 111.50 4.56  0.50 N 
25  1 C8    A DG 9  ? ? N9    A DG 9  ? ? C4    A DG 9  ? ? 103.78 106.40 -2.62 0.40 N 
26  1 C6    A DG 9  ? ? C5    A DG 9  ? ? N7    A DG 9  ? ? 134.34 130.40 3.94  0.60 N 
27  1 N1    A DG 9  ? ? C6    A DG 9  ? ? O6    A DG 9  ? ? 115.93 119.90 -3.97 0.60 N 
28  1 "O4'" B DC 10 ? ? "C4'" B DC 10 ? ? "C3'" B DC 10 ? ? 110.33 106.00 4.33  0.60 N 
29  1 "O4'" B DC 10 ? ? "C1'" B DC 10 ? ? N1    B DC 10 ? ? 112.11 108.30 3.81  0.30 N 
30  1 C6    B DC 10 ? ? N1    B DC 10 ? ? C2    B DC 10 ? ? 117.04 120.30 -3.26 0.40 N 
31  1 "C3'" B DA 11 ? ? "C2'" B DA 11 ? ? "C1'" B DA 11 ? ? 112.57 102.50 10.07 1.20 N 
32  1 "O4'" B DA 11 ? ? "C1'" B DA 11 ? ? N9    B DA 11 ? ? 110.98 108.30 2.68  0.30 N 
33  1 N1    B DA 11 ? ? C2    B DA 11 ? ? N3    B DA 11 ? ? 126.29 129.30 -3.01 0.50 N 
34  1 C4    B DA 11 ? ? C5    B DA 11 ? ? C6    B DA 11 ? ? 112.39 117.00 -4.61 0.50 N 
35  1 C5    B DA 11 ? ? C6    B DA 11 ? ? N1    B DA 11 ? ? 123.96 117.70 6.26  0.50 N 
36  1 N1    B DA 11 ? ? C6    B DA 11 ? ? N6    B DA 11 ? ? 111.63 118.60 -6.97 0.60 N 
37  1 "O4'" B DG 12 ? ? "C1'" B DG 12 ? ? N9    B DG 12 ? ? 110.21 108.30 1.91  0.30 N 
38  1 N1    B DG 12 ? ? C2    B DG 12 ? ? N3    B DG 12 ? ? 127.80 123.90 3.90  0.60 N 
39  1 C5    B DG 12 ? ? C6    B DG 12 ? ? N1    B DG 12 ? ? 114.71 111.50 3.21  0.50 N 
40  1 N3    B DG 12 ? ? C2    B DG 12 ? ? N2    B DG 12 ? ? 114.90 119.90 -5.00 0.70 N 
41  1 "C3'" B DG 12 ? ? "O3'" B DG 12 ? ? P     B DG 13 ? ? 127.92 119.70 8.22  1.20 Y 
42  1 "O4'" B DG 13 ? ? "C1'" B DG 13 ? ? N9    B DG 13 ? ? 110.24 108.30 1.94  0.30 N 
43  1 N1    B DG 13 ? ? C6    B DG 13 ? ? O6    B DG 13 ? ? 115.95 119.90 -3.95 0.60 N 
44  1 "O4'" B DC 14 ? ? "C1'" B DC 14 ? ? N1    B DC 14 ? ? 111.00 108.30 2.70  0.30 N 
45  1 N1    B DC 14 ? ? C2    B DC 14 ? ? O2    B DC 14 ? ? 122.94 118.90 4.04  0.60 N 
46  1 N3    B DC 14 ? ? C2    B DC 14 ? ? O2    B DC 14 ? ? 116.26 121.90 -5.64 0.70 N 
47  1 N3    B DC 15 ? ? C2    B DC 15 ? ? O2    B DC 15 ? ? 117.04 121.90 -4.86 0.70 N 
48  1 "C3'" B DT 16 ? ? "C2'" B DT 16 ? ? "C1'" B DT 16 ? ? 112.08 102.50 9.58  1.20 N 
49  1 "O4'" B DT 16 ? ? "C1'" B DT 16 ? ? "C2'" B DT 16 ? ? 98.70  105.90 -7.20 0.80 N 
50  1 "O4'" B DT 16 ? ? "C1'" B DT 16 ? ? N1    B DT 16 ? ? 115.40 108.30 7.10  0.30 N 
51  1 N3    B DT 16 ? ? C2    B DT 16 ? ? O2    B DT 16 ? ? 118.10 122.30 -4.20 0.60 N 
52  1 C4    B DT 16 ? ? C5    B DT 16 ? ? C7    B DT 16 ? ? 122.61 119.00 3.61  0.60 N 
53  1 C6    B DT 16 ? ? C5    B DT 16 ? ? C7    B DT 16 ? ? 118.35 122.90 -4.55 0.60 N 
54  1 "C3'" B DT 16 ? ? "O3'" B DT 16 ? ? P     B DA 17 ? ? 128.49 119.70 8.79  1.20 Y 
55  1 "O4'" B DA 17 ? ? "C4'" B DA 17 ? ? "C3'" B DA 17 ? ? 109.93 106.00 3.93  0.60 N 
56  1 C5    B DA 17 ? ? C6    B DA 17 ? ? N1    B DA 17 ? ? 120.76 117.70 3.06  0.50 N 
57  1 C8    B DA 17 ? ? N9    B DA 17 ? ? C4    B DA 17 ? ? 103.33 105.80 -2.47 0.40 N 
58  1 N1    B DA 17 ? ? C6    B DA 17 ? ? N6    B DA 17 ? ? 114.14 118.60 -4.46 0.60 N 
59  1 "C3'" B DA 18 ? ? "C2'" B DA 18 ? ? "C1'" B DA 18 ? ? 112.80 102.50 10.30 1.20 N 
60  1 "O4'" B DA 18 ? ? "C1'" B DA 18 ? ? N9    B DA 18 ? ? 110.27 108.30 1.97  0.30 N 
61  1 N1    B DA 18 ? ? C6    B DA 18 ? ? N6    B DA 18 ? ? 113.04 118.60 -5.56 0.60 N 
62  2 "O4'" A DT 1  ? ? "C4'" A DT 1  ? ? "C3'" A DT 1  ? ? 113.64 106.00 7.64  0.60 N 
63  2 "O4'" A DT 1  ? ? "C1'" A DT 1  ? ? N1    A DT 1  ? ? 113.03 108.30 4.73  0.30 N 
64  2 C6    A DT 1  ? ? C5    A DT 1  ? ? C7    A DT 1  ? ? 118.44 122.90 -4.46 0.60 N 
65  2 C5    A DT 2  ? ? C6    A DT 2  ? ? N1    A DT 2  ? ? 119.42 123.70 -4.28 0.60 N 
66  2 C6    A DT 2  ? ? C5    A DT 2  ? ? C7    A DT 2  ? ? 118.71 122.90 -4.19 0.60 N 
67  2 "C1'" A DA 3  ? ? "O4'" A DA 3  ? ? "C4'" A DA 3  ? ? 115.77 110.30 5.47  0.70 N 
68  2 "C3'" A DA 3  ? ? "C2'" A DA 3  ? ? "C1'" A DA 3  ? ? 112.19 102.50 9.69  1.20 N 
69  2 "O4'" A DA 3  ? ? "C1'" A DA 3  ? ? "C2'" A DA 3  ? ? 100.46 105.90 -5.44 0.80 N 
70  2 "O4'" A DA 3  ? ? "C1'" A DA 3  ? ? N9    A DA 3  ? ? 113.53 108.30 5.23  0.30 N 
71  2 C4    A DA 3  ? ? C5    A DA 3  ? ? C6    A DA 3  ? ? 112.57 117.00 -4.43 0.50 N 
72  2 C5    A DA 3  ? ? C6    A DA 3  ? ? N1    A DA 3  ? ? 121.83 117.70 4.13  0.50 N 
73  2 N1    A DA 3  ? ? C6    A DA 3  ? ? N6    A DA 3  ? ? 112.42 118.60 -6.18 0.60 N 
74  2 "O4'" A DG 4  ? ? "C4'" A DG 4  ? ? "C3'" A DG 4  ? ? 111.06 106.00 5.06  0.60 N 
75  2 "O4'" A DG 4  ? ? "C1'" A DG 4  ? ? N9    A DG 4  ? ? 111.21 108.30 2.91  0.30 N 
76  2 N9    A DG 4  ? ? C4    A DG 4  ? ? C5    A DG 4  ? ? 108.23 105.40 2.83  0.40 N 
77  2 N3    A DG 4  ? ? C2    A DG 4  ? ? N2    A DG 4  ? ? 115.16 119.90 -4.74 0.70 N 
78  2 N1    A DG 4  ? ? C6    A DG 4  ? ? O6    A DG 4  ? ? 116.07 119.90 -3.83 0.60 N 
79  2 C5    A G  5  ? ? C6    A G  5  ? ? N1    A G  5  ? ? 114.72 111.50 3.22  0.50 N 
80  2 N9    A G  5  ? ? C4    A G  5  ? ? C5    A G  5  ? ? 107.97 105.40 2.57  0.40 N 
81  2 N1    A G  5  ? ? C6    A G  5  ? ? O6    A G  5  ? ? 115.45 119.90 -4.45 0.60 N 
82  2 N3    A DC 6  ? ? C2    A DC 6  ? ? O2    A DC 6  ? ? 117.23 121.90 -4.67 0.70 N 
83  2 "O4'" A DC 7  ? ? "C1'" A DC 7  ? ? N1    A DC 7  ? ? 111.18 108.30 2.88  0.30 N 
84  2 N3    A DC 7  ? ? C4    A DC 7  ? ? C5    A DC 7  ? ? 125.19 121.90 3.29  0.40 N 
85  2 N1    A DC 7  ? ? C2    A DC 7  ? ? O2    A DC 7  ? ? 123.30 118.90 4.40  0.60 N 
86  2 N3    A DC 7  ? ? C2    A DC 7  ? ? O2    A DC 7  ? ? 115.94 121.90 -5.96 0.70 N 
87  2 "O4'" A DG 9  ? ? "C1'" A DG 9  ? ? N9    A DG 9  ? ? 111.23 108.30 2.93  0.30 N 
88  2 "O4'" B DC 10 ? ? "C1'" B DC 10 ? ? N1    B DC 10 ? ? 116.30 108.30 8.00  0.30 N 
89  2 C6    B DC 10 ? ? N1    B DC 10 ? ? C2    B DC 10 ? ? 116.15 120.30 -4.15 0.40 N 
90  2 C4    B DC 10 ? ? C5    B DC 10 ? ? C6    B DC 10 ? ? 120.55 117.40 3.15  0.50 N 
91  2 "O4'" B DA 11 ? ? "C1'" B DA 11 ? ? N9    B DA 11 ? ? 110.44 108.30 2.14  0.30 N 
92  2 C5    B DA 11 ? ? C6    B DA 11 ? ? N1    B DA 11 ? ? 121.22 117.70 3.52  0.50 N 
93  2 N1    B DA 11 ? ? C6    B DA 11 ? ? N6    B DA 11 ? ? 113.22 118.60 -5.38 0.60 N 
94  2 N3    B DG 12 ? ? C4    B DG 12 ? ? C5    B DG 12 ? ? 124.70 128.60 -3.90 0.50 N 
95  2 C8    B DG 12 ? ? N9    B DG 12 ? ? C4    B DG 12 ? ? 103.05 106.40 -3.35 0.40 N 
96  2 N1    B DG 12 ? ? C6    B DG 12 ? ? O6    B DG 12 ? ? 116.25 119.90 -3.65 0.60 N 
97  2 C2    B DG 13 ? ? N3    B DG 13 ? ? C4    B DG 13 ? ? 115.17 111.90 3.27  0.50 N 
98  2 N3    B DG 13 ? ? C4    B DG 13 ? ? C5    B DG 13 ? ? 124.85 128.60 -3.75 0.50 N 
99  2 N9    B DG 13 ? ? C4    B DG 13 ? ? C5    B DG 13 ? ? 108.20 105.40 2.80  0.40 N 
100 2 N1    B DG 13 ? ? C6    B DG 13 ? ? O6    B DG 13 ? ? 116.23 119.90 -3.67 0.60 N 
101 2 "O4'" B DC 14 ? ? "C1'" B DC 14 ? ? N1    B DC 14 ? ? 110.42 108.30 2.12  0.30 N 
102 2 N3    B DC 14 ? ? C2    B DC 14 ? ? O2    B DC 14 ? ? 116.55 121.90 -5.35 0.70 N 
103 2 N1    B DC 15 ? ? C2    B DC 15 ? ? O2    B DC 15 ? ? 124.52 118.90 5.62  0.60 N 
104 2 N3    B DC 15 ? ? C2    B DC 15 ? ? O2    B DC 15 ? ? 116.12 121.90 -5.78 0.70 N 
105 2 "O4'" B DT 16 ? ? "C1'" B DT 16 ? ? N1    B DT 16 ? ? 112.02 108.30 3.72  0.30 N 
106 2 C4    B DT 16 ? ? C5    B DT 16 ? ? C6    B DT 16 ? ? 122.37 118.00 4.37  0.60 N 
107 2 C6    B DT 16 ? ? C5    B DT 16 ? ? C7    B DT 16 ? ? 118.26 122.90 -4.64 0.60 N 
108 2 C4    B DA 17 ? ? C5    B DA 17 ? ? C6    B DA 17 ? ? 113.73 117.00 -3.27 0.50 N 
109 2 C5    B DA 17 ? ? C6    B DA 17 ? ? N1    B DA 17 ? ? 121.06 117.70 3.36  0.50 N 
110 2 C8    B DA 17 ? ? N9    B DA 17 ? ? C4    B DA 17 ? ? 102.67 105.80 -3.13 0.40 N 
111 2 N9    B DA 17 ? ? C4    B DA 17 ? ? C5    B DA 17 ? ? 108.40 105.80 2.60  0.40 N 
112 2 N1    B DA 17 ? ? C6    B DA 17 ? ? N6    B DA 17 ? ? 112.77 118.60 -5.83 0.60 N 
113 2 "O4'" B DA 18 ? ? "C1'" B DA 18 ? ? N9    B DA 18 ? ? 111.34 108.30 3.04  0.30 N 
114 2 C4    B DA 18 ? ? C5    B DA 18 ? ? C6    B DA 18 ? ? 111.21 117.00 -5.79 0.50 N 
115 2 C5    B DA 18 ? ? C6    B DA 18 ? ? N1    B DA 18 ? ? 123.13 117.70 5.43  0.50 N 
116 2 C6    B DA 18 ? ? C5    B DA 18 ? ? N7    B DA 18 ? ? 136.78 132.30 4.48  0.70 N 
117 2 N1    B DA 18 ? ? C6    B DA 18 ? ? N6    B DA 18 ? ? 111.48 118.60 -7.12 0.60 N 
# 
loop_
_pdbx_validate_planes.id 
_pdbx_validate_planes.PDB_model_num 
_pdbx_validate_planes.auth_comp_id 
_pdbx_validate_planes.auth_asym_id 
_pdbx_validate_planes.auth_seq_id 
_pdbx_validate_planes.PDB_ins_code 
_pdbx_validate_planes.label_alt_id 
_pdbx_validate_planes.rmsd 
_pdbx_validate_planes.type 
1 1 DG A 4  ? ? 0.069 'SIDE CHAIN' 
2 1 G  A 5  ? ? 0.078 'SIDE CHAIN' 
3 1 DC A 6  ? ? 0.059 'SIDE CHAIN' 
4 1 DG A 9  ? ? 0.073 'SIDE CHAIN' 
5 1 DC B 10 ? ? 0.154 'SIDE CHAIN' 
6 2 G  A 5  ? ? 0.076 'SIDE CHAIN' 
7 2 DC B 10 ? ? 0.077 'SIDE CHAIN' 
8 2 DA B 11 ? ? 0.088 'SIDE CHAIN' 
# 
_pdbx_nmr_ensemble.entry_id                                      5KIH 
_pdbx_nmr_ensemble.conformers_calculated_total_number            6 
_pdbx_nmr_ensemble.conformers_submitted_total_number             2 
_pdbx_nmr_ensemble.conformer_selection_criteria                  'structures with the lowest energy' 
_pdbx_nmr_ensemble.representative_conformer                      ? 
_pdbx_nmr_ensemble.average_constraints_per_residue               ? 
_pdbx_nmr_ensemble.average_constraint_violations_per_residue     ? 
_pdbx_nmr_ensemble.maximum_distance_constraint_violation         ? 
_pdbx_nmr_ensemble.average_distance_constraint_violation         ? 
_pdbx_nmr_ensemble.maximum_upper_distance_constraint_violation   ? 
_pdbx_nmr_ensemble.maximum_lower_distance_constraint_violation   ? 
_pdbx_nmr_ensemble.distance_constraint_violation_method          ? 
_pdbx_nmr_ensemble.maximum_torsion_angle_constraint_violation    ? 
_pdbx_nmr_ensemble.average_torsion_angle_constraint_violation    ? 
_pdbx_nmr_ensemble.torsion_angle_constraint_violation_method     ? 
# 
_pdbx_nmr_representative.entry_id             5KIH 
_pdbx_nmr_representative.conformer_id         1 
_pdbx_nmr_representative.selection_criteria   'closest to the average' 
# 
loop_
_pdbx_nmr_sample_details.solution_id 
_pdbx_nmr_sample_details.contents 
_pdbx_nmr_sample_details.solvent_system 
_pdbx_nmr_sample_details.label 
_pdbx_nmr_sample_details.type 
_pdbx_nmr_sample_details.details 
1 
;1 mM DNA/RNA (5'-D(*TP*TP*AP*G)-R(P*G)-D(P*CP*CP*TP*G)-3'), 1 mM DNA (5'-D(*CP*AP*GP*GP*CP*CP*TP*AP*A)-3'), 100 % 100% deuterium D2O, 100 mM sodium chloride, 10 mM sodium phosphate, 100% D2O
;
'100% D2O'        D2O_sample solution '100% D2O, pH 6.6'         
2 
;1 mM DNA/RNA (5'-D(*TP*TP*AP*G)-R(P*G)-D(P*CP*CP*TP*G)-3'), 1 mM DNA (5'-D(*CP*AP*GP*GP*CP*CP*TP*AP*A)-3'), 10 % 100% deuterium D2O, 100 mM sodium chloride, 10 mM sodium phosphate, 90% H2O/10% D2O
;
'90% H2O/10% D2O' H2O_sample solution '90% H2O, 10% D2O, pH 7.0' 
# 
loop_
_pdbx_nmr_exptl_sample.solution_id 
_pdbx_nmr_exptl_sample.component 
_pdbx_nmr_exptl_sample.concentration 
_pdbx_nmr_exptl_sample.concentration_range 
_pdbx_nmr_exptl_sample.concentration_units 
_pdbx_nmr_exptl_sample.isotopic_labeling 
1 
;DNA/RNA (5'-D(*TP*TP*AP*G)-R(P*G)-D(P*CP*CP*TP*G)-3')
;
1   ? mM 'natural abundance' 
1 
;DNA (5'-D(*CP*AP*GP*GP*CP*CP*TP*AP*A)-3')
;
1   ? mM 'natural abundance' 
1 D2O                                                     100 ? %  '100% deuterium'    
1 'sodium chloride'                                       100 ? mM 'natural abundance' 
1 'sodium phosphate'                                      10  ? mM 'natural abundance' 
2 
;DNA/RNA (5'-D(*TP*TP*AP*G)-R(P*G)-D(P*CP*CP*TP*G)-3')
;
1   ? mM 'natural abundance' 
2 
;DNA (5'-D(*CP*AP*GP*GP*CP*CP*TP*AP*A)-3')
;
1   ? mM 'natural abundance' 
2 D2O                                                     10  ? %  '100% deuterium'    
2 'sodium chloride'                                       100 ? mM 'natural abundance' 
2 'sodium phosphate'                                      10  ? mM 'natural abundance' 
# 
loop_
_pdbx_nmr_exptl_sample_conditions.conditions_id 
_pdbx_nmr_exptl_sample_conditions.temperature 
_pdbx_nmr_exptl_sample_conditions.pressure_units 
_pdbx_nmr_exptl_sample_conditions.pressure 
_pdbx_nmr_exptl_sample_conditions.pH 
_pdbx_nmr_exptl_sample_conditions.ionic_strength 
_pdbx_nmr_exptl_sample_conditions.details 
_pdbx_nmr_exptl_sample_conditions.ionic_strength_err 
_pdbx_nmr_exptl_sample_conditions.ionic_strength_units 
_pdbx_nmr_exptl_sample_conditions.label 
_pdbx_nmr_exptl_sample_conditions.pH_err 
_pdbx_nmr_exptl_sample_conditions.pH_units 
_pdbx_nmr_exptl_sample_conditions.pressure_err 
_pdbx_nmr_exptl_sample_conditions.temperature_err 
_pdbx_nmr_exptl_sample_conditions.temperature_units 
1 294 atm ambient 6.6 110 ? ? mM D2O_conditions ? pH ? ? K 
2 294 atm ambient 7.0 110 ? ? mM H2O_conditions ? pH ? ? K 
# 
loop_
_pdbx_nmr_exptl.experiment_id 
_pdbx_nmr_exptl.conditions_id 
_pdbx_nmr_exptl.solution_id 
_pdbx_nmr_exptl.type 
_pdbx_nmr_exptl.spectrometer_id 
_pdbx_nmr_exptl.sample_state 
1  1 1 '2D NOESY 250 ms'           1 isotropic 
2  2 2 '2D NOESY'                  1 isotropic 
3  1 1 '2D Low Flip COSY'          1 isotropic 
4  1 1 '2D 1H-13C HSQC'            2 isotropic 
5  1 1 '2D constant time NOESY'    1 isotropic 
10 1 1 '2D 1H-31P CORR'            1 isotropic 
9  1 1 '2D NOESY 150 ms'           1 isotropic 
8  1 1 '1D 1H'                     1 isotropic 
7  1 1 '1D 31P'                    1 isotropic 
6  2 2 '1D 1H 1-1 jump and return' 1 isotropic 
# 
_pdbx_nmr_refine.entry_id           5KIH 
_pdbx_nmr_refine.method             'matrix relaxation, molecular dynamics' 
_pdbx_nmr_refine.details            ? 
_pdbx_nmr_refine.software_ordinal   5 
# 
loop_
_pdbx_nmr_software.ordinal 
_pdbx_nmr_software.classification 
_pdbx_nmr_software.name 
_pdbx_nmr_software.version 
_pdbx_nmr_software.authors 
1 'structure calculation'     Amber     9    'Case, Darden, Cheatham III, Simmerling, Wang, Duke, Luo, ... and Kollman' 
2 'chemical shift assignment' Sparky    3.33 Goddard                                                                    
3 collection                  TopSpin   ?    'Bruker Biospin'                                                           
4 refinement                  CORMA     ?    'Thomas James'                                                             
5 refinement                  MARDIGRAS ?    'Thomas James'                                                             
# 
loop_
_chem_comp_atom.comp_id 
_chem_comp_atom.atom_id 
_chem_comp_atom.type_symbol 
_chem_comp_atom.pdbx_aromatic_flag 
_chem_comp_atom.pdbx_stereo_config 
_chem_comp_atom.pdbx_ordinal 
DA OP3    O N N 1   
DA P      P N N 2   
DA OP1    O N N 3   
DA OP2    O N N 4   
DA "O5'"  O N N 5   
DA "C5'"  C N N 6   
DA "C4'"  C N R 7   
DA "O4'"  O N N 8   
DA "C3'"  C N S 9   
DA "O3'"  O N N 10  
DA "C2'"  C N N 11  
DA "C1'"  C N R 12  
DA N9     N Y N 13  
DA C8     C Y N 14  
DA N7     N Y N 15  
DA C5     C Y N 16  
DA C6     C Y N 17  
DA N6     N N N 18  
DA N1     N Y N 19  
DA C2     C Y N 20  
DA N3     N Y N 21  
DA C4     C Y N 22  
DA HOP3   H N N 23  
DA HOP2   H N N 24  
DA "H5'"  H N N 25  
DA "H5''" H N N 26  
DA "H4'"  H N N 27  
DA "H3'"  H N N 28  
DA "HO3'" H N N 29  
DA "H2'"  H N N 30  
DA "H2''" H N N 31  
DA "H1'"  H N N 32  
DA H8     H N N 33  
DA H61    H N N 34  
DA H62    H N N 35  
DA H2     H N N 36  
DC OP3    O N N 37  
DC P      P N N 38  
DC OP1    O N N 39  
DC OP2    O N N 40  
DC "O5'"  O N N 41  
DC "C5'"  C N N 42  
DC "C4'"  C N R 43  
DC "O4'"  O N N 44  
DC "C3'"  C N S 45  
DC "O3'"  O N N 46  
DC "C2'"  C N N 47  
DC "C1'"  C N R 48  
DC N1     N N N 49  
DC C2     C N N 50  
DC O2     O N N 51  
DC N3     N N N 52  
DC C4     C N N 53  
DC N4     N N N 54  
DC C5     C N N 55  
DC C6     C N N 56  
DC HOP3   H N N 57  
DC HOP2   H N N 58  
DC "H5'"  H N N 59  
DC "H5''" H N N 60  
DC "H4'"  H N N 61  
DC "H3'"  H N N 62  
DC "HO3'" H N N 63  
DC "H2'"  H N N 64  
DC "H2''" H N N 65  
DC "H1'"  H N N 66  
DC H41    H N N 67  
DC H42    H N N 68  
DC H5     H N N 69  
DC H6     H N N 70  
DG OP3    O N N 71  
DG P      P N N 72  
DG OP1    O N N 73  
DG OP2    O N N 74  
DG "O5'"  O N N 75  
DG "C5'"  C N N 76  
DG "C4'"  C N R 77  
DG "O4'"  O N N 78  
DG "C3'"  C N S 79  
DG "O3'"  O N N 80  
DG "C2'"  C N N 81  
DG "C1'"  C N R 82  
DG N9     N Y N 83  
DG C8     C Y N 84  
DG N7     N Y N 85  
DG C5     C Y N 86  
DG C6     C N N 87  
DG O6     O N N 88  
DG N1     N N N 89  
DG C2     C N N 90  
DG N2     N N N 91  
DG N3     N N N 92  
DG C4     C Y N 93  
DG HOP3   H N N 94  
DG HOP2   H N N 95  
DG "H5'"  H N N 96  
DG "H5''" H N N 97  
DG "H4'"  H N N 98  
DG "H3'"  H N N 99  
DG "HO3'" H N N 100 
DG "H2'"  H N N 101 
DG "H2''" H N N 102 
DG "H1'"  H N N 103 
DG H8     H N N 104 
DG H1     H N N 105 
DG H21    H N N 106 
DG H22    H N N 107 
DT OP3    O N N 108 
DT P      P N N 109 
DT OP1    O N N 110 
DT OP2    O N N 111 
DT "O5'"  O N N 112 
DT "C5'"  C N N 113 
DT "C4'"  C N R 114 
DT "O4'"  O N N 115 
DT "C3'"  C N S 116 
DT "O3'"  O N N 117 
DT "C2'"  C N N 118 
DT "C1'"  C N R 119 
DT N1     N N N 120 
DT C2     C N N 121 
DT O2     O N N 122 
DT N3     N N N 123 
DT C4     C N N 124 
DT O4     O N N 125 
DT C5     C N N 126 
DT C7     C N N 127 
DT C6     C N N 128 
DT HOP3   H N N 129 
DT HOP2   H N N 130 
DT "H5'"  H N N 131 
DT "H5''" H N N 132 
DT "H4'"  H N N 133 
DT "H3'"  H N N 134 
DT "HO3'" H N N 135 
DT "H2'"  H N N 136 
DT "H2''" H N N 137 
DT "H1'"  H N N 138 
DT H3     H N N 139 
DT H71    H N N 140 
DT H72    H N N 141 
DT H73    H N N 142 
DT H6     H N N 143 
G  OP3    O N N 144 
G  P      P N N 145 
G  OP1    O N N 146 
G  OP2    O N N 147 
G  "O5'"  O N N 148 
G  "C5'"  C N N 149 
G  "C4'"  C N R 150 
G  "O4'"  O N N 151 
G  "C3'"  C N S 152 
G  "O3'"  O N N 153 
G  "C2'"  C N R 154 
G  "O2'"  O N N 155 
G  "C1'"  C N R 156 
G  N9     N Y N 157 
G  C8     C Y N 158 
G  N7     N Y N 159 
G  C5     C Y N 160 
G  C6     C N N 161 
G  O6     O N N 162 
G  N1     N N N 163 
G  C2     C N N 164 
G  N2     N N N 165 
G  N3     N N N 166 
G  C4     C Y N 167 
G  HOP3   H N N 168 
G  HOP2   H N N 169 
G  "H5'"  H N N 170 
G  "H5''" H N N 171 
G  "H4'"  H N N 172 
G  "H3'"  H N N 173 
G  "HO3'" H N N 174 
G  "H2'"  H N N 175 
G  "HO2'" H N N 176 
G  "H1'"  H N N 177 
G  H8     H N N 178 
G  H1     H N N 179 
G  H21    H N N 180 
G  H22    H N N 181 
# 
loop_
_chem_comp_bond.comp_id 
_chem_comp_bond.atom_id_1 
_chem_comp_bond.atom_id_2 
_chem_comp_bond.value_order 
_chem_comp_bond.pdbx_aromatic_flag 
_chem_comp_bond.pdbx_stereo_config 
_chem_comp_bond.pdbx_ordinal 
DA OP3   P      sing N N 1   
DA OP3   HOP3   sing N N 2   
DA P     OP1    doub N N 3   
DA P     OP2    sing N N 4   
DA P     "O5'"  sing N N 5   
DA OP2   HOP2   sing N N 6   
DA "O5'" "C5'"  sing N N 7   
DA "C5'" "C4'"  sing N N 8   
DA "C5'" "H5'"  sing N N 9   
DA "C5'" "H5''" sing N N 10  
DA "C4'" "O4'"  sing N N 11  
DA "C4'" "C3'"  sing N N 12  
DA "C4'" "H4'"  sing N N 13  
DA "O4'" "C1'"  sing N N 14  
DA "C3'" "O3'"  sing N N 15  
DA "C3'" "C2'"  sing N N 16  
DA "C3'" "H3'"  sing N N 17  
DA "O3'" "HO3'" sing N N 18  
DA "C2'" "C1'"  sing N N 19  
DA "C2'" "H2'"  sing N N 20  
DA "C2'" "H2''" sing N N 21  
DA "C1'" N9     sing N N 22  
DA "C1'" "H1'"  sing N N 23  
DA N9    C8     sing Y N 24  
DA N9    C4     sing Y N 25  
DA C8    N7     doub Y N 26  
DA C8    H8     sing N N 27  
DA N7    C5     sing Y N 28  
DA C5    C6     sing Y N 29  
DA C5    C4     doub Y N 30  
DA C6    N6     sing N N 31  
DA C6    N1     doub Y N 32  
DA N6    H61    sing N N 33  
DA N6    H62    sing N N 34  
DA N1    C2     sing Y N 35  
DA C2    N3     doub Y N 36  
DA C2    H2     sing N N 37  
DA N3    C4     sing Y N 38  
DC OP3   P      sing N N 39  
DC OP3   HOP3   sing N N 40  
DC P     OP1    doub N N 41  
DC P     OP2    sing N N 42  
DC P     "O5'"  sing N N 43  
DC OP2   HOP2   sing N N 44  
DC "O5'" "C5'"  sing N N 45  
DC "C5'" "C4'"  sing N N 46  
DC "C5'" "H5'"  sing N N 47  
DC "C5'" "H5''" sing N N 48  
DC "C4'" "O4'"  sing N N 49  
DC "C4'" "C3'"  sing N N 50  
DC "C4'" "H4'"  sing N N 51  
DC "O4'" "C1'"  sing N N 52  
DC "C3'" "O3'"  sing N N 53  
DC "C3'" "C2'"  sing N N 54  
DC "C3'" "H3'"  sing N N 55  
DC "O3'" "HO3'" sing N N 56  
DC "C2'" "C1'"  sing N N 57  
DC "C2'" "H2'"  sing N N 58  
DC "C2'" "H2''" sing N N 59  
DC "C1'" N1     sing N N 60  
DC "C1'" "H1'"  sing N N 61  
DC N1    C2     sing N N 62  
DC N1    C6     sing N N 63  
DC C2    O2     doub N N 64  
DC C2    N3     sing N N 65  
DC N3    C4     doub N N 66  
DC C4    N4     sing N N 67  
DC C4    C5     sing N N 68  
DC N4    H41    sing N N 69  
DC N4    H42    sing N N 70  
DC C5    C6     doub N N 71  
DC C5    H5     sing N N 72  
DC C6    H6     sing N N 73  
DG OP3   P      sing N N 74  
DG OP3   HOP3   sing N N 75  
DG P     OP1    doub N N 76  
DG P     OP2    sing N N 77  
DG P     "O5'"  sing N N 78  
DG OP2   HOP2   sing N N 79  
DG "O5'" "C5'"  sing N N 80  
DG "C5'" "C4'"  sing N N 81  
DG "C5'" "H5'"  sing N N 82  
DG "C5'" "H5''" sing N N 83  
DG "C4'" "O4'"  sing N N 84  
DG "C4'" "C3'"  sing N N 85  
DG "C4'" "H4'"  sing N N 86  
DG "O4'" "C1'"  sing N N 87  
DG "C3'" "O3'"  sing N N 88  
DG "C3'" "C2'"  sing N N 89  
DG "C3'" "H3'"  sing N N 90  
DG "O3'" "HO3'" sing N N 91  
DG "C2'" "C1'"  sing N N 92  
DG "C2'" "H2'"  sing N N 93  
DG "C2'" "H2''" sing N N 94  
DG "C1'" N9     sing N N 95  
DG "C1'" "H1'"  sing N N 96  
DG N9    C8     sing Y N 97  
DG N9    C4     sing Y N 98  
DG C8    N7     doub Y N 99  
DG C8    H8     sing N N 100 
DG N7    C5     sing Y N 101 
DG C5    C6     sing N N 102 
DG C5    C4     doub Y N 103 
DG C6    O6     doub N N 104 
DG C6    N1     sing N N 105 
DG N1    C2     sing N N 106 
DG N1    H1     sing N N 107 
DG C2    N2     sing N N 108 
DG C2    N3     doub N N 109 
DG N2    H21    sing N N 110 
DG N2    H22    sing N N 111 
DG N3    C4     sing N N 112 
DT OP3   P      sing N N 113 
DT OP3   HOP3   sing N N 114 
DT P     OP1    doub N N 115 
DT P     OP2    sing N N 116 
DT P     "O5'"  sing N N 117 
DT OP2   HOP2   sing N N 118 
DT "O5'" "C5'"  sing N N 119 
DT "C5'" "C4'"  sing N N 120 
DT "C5'" "H5'"  sing N N 121 
DT "C5'" "H5''" sing N N 122 
DT "C4'" "O4'"  sing N N 123 
DT "C4'" "C3'"  sing N N 124 
DT "C4'" "H4'"  sing N N 125 
DT "O4'" "C1'"  sing N N 126 
DT "C3'" "O3'"  sing N N 127 
DT "C3'" "C2'"  sing N N 128 
DT "C3'" "H3'"  sing N N 129 
DT "O3'" "HO3'" sing N N 130 
DT "C2'" "C1'"  sing N N 131 
DT "C2'" "H2'"  sing N N 132 
DT "C2'" "H2''" sing N N 133 
DT "C1'" N1     sing N N 134 
DT "C1'" "H1'"  sing N N 135 
DT N1    C2     sing N N 136 
DT N1    C6     sing N N 137 
DT C2    O2     doub N N 138 
DT C2    N3     sing N N 139 
DT N3    C4     sing N N 140 
DT N3    H3     sing N N 141 
DT C4    O4     doub N N 142 
DT C4    C5     sing N N 143 
DT C5    C7     sing N N 144 
DT C5    C6     doub N N 145 
DT C7    H71    sing N N 146 
DT C7    H72    sing N N 147 
DT C7    H73    sing N N 148 
DT C6    H6     sing N N 149 
G  OP3   P      sing N N 150 
G  OP3   HOP3   sing N N 151 
G  P     OP1    doub N N 152 
G  P     OP2    sing N N 153 
G  P     "O5'"  sing N N 154 
G  OP2   HOP2   sing N N 155 
G  "O5'" "C5'"  sing N N 156 
G  "C5'" "C4'"  sing N N 157 
G  "C5'" "H5'"  sing N N 158 
G  "C5'" "H5''" sing N N 159 
G  "C4'" "O4'"  sing N N 160 
G  "C4'" "C3'"  sing N N 161 
G  "C4'" "H4'"  sing N N 162 
G  "O4'" "C1'"  sing N N 163 
G  "C3'" "O3'"  sing N N 164 
G  "C3'" "C2'"  sing N N 165 
G  "C3'" "H3'"  sing N N 166 
G  "O3'" "HO3'" sing N N 167 
G  "C2'" "O2'"  sing N N 168 
G  "C2'" "C1'"  sing N N 169 
G  "C2'" "H2'"  sing N N 170 
G  "O2'" "HO2'" sing N N 171 
G  "C1'" N9     sing N N 172 
G  "C1'" "H1'"  sing N N 173 
G  N9    C8     sing Y N 174 
G  N9    C4     sing Y N 175 
G  C8    N7     doub Y N 176 
G  C8    H8     sing N N 177 
G  N7    C5     sing Y N 178 
G  C5    C6     sing N N 179 
G  C5    C4     doub Y N 180 
G  C6    O6     doub N N 181 
G  C6    N1     sing N N 182 
G  N1    C2     sing N N 183 
G  N1    H1     sing N N 184 
G  C2    N2     sing N N 185 
G  C2    N3     doub N N 186 
G  N2    H21    sing N N 187 
G  N2    H22    sing N N 188 
G  N3    C4     sing N N 189 
# 
loop_
_ndb_struct_conf_na.entry_id 
_ndb_struct_conf_na.feature 
5KIH 'double helix'        
5KIH 'b-form double helix' 
# 
loop_
_ndb_struct_na_base_pair.model_number 
_ndb_struct_na_base_pair.i_label_asym_id 
_ndb_struct_na_base_pair.i_label_comp_id 
_ndb_struct_na_base_pair.i_label_seq_id 
_ndb_struct_na_base_pair.i_symmetry 
_ndb_struct_na_base_pair.j_label_asym_id 
_ndb_struct_na_base_pair.j_label_comp_id 
_ndb_struct_na_base_pair.j_label_seq_id 
_ndb_struct_na_base_pair.j_symmetry 
_ndb_struct_na_base_pair.shear 
_ndb_struct_na_base_pair.stretch 
_ndb_struct_na_base_pair.stagger 
_ndb_struct_na_base_pair.buckle 
_ndb_struct_na_base_pair.propeller 
_ndb_struct_na_base_pair.opening 
_ndb_struct_na_base_pair.pair_number 
_ndb_struct_na_base_pair.pair_name 
_ndb_struct_na_base_pair.i_auth_asym_id 
_ndb_struct_na_base_pair.i_auth_seq_id 
_ndb_struct_na_base_pair.i_PDB_ins_code 
_ndb_struct_na_base_pair.j_auth_asym_id 
_ndb_struct_na_base_pair.j_auth_seq_id 
_ndb_struct_na_base_pair.j_PDB_ins_code 
_ndb_struct_na_base_pair.hbond_type_28 
_ndb_struct_na_base_pair.hbond_type_12 
1 A DT 1 1_555 B DA 9 1_555 -0.069 -0.139 -0.123 -9.692  -19.288 4.138  1 A_DT1:DA18_B A 1 ? B 18 ? 20 1 
1 A DT 2 1_555 B DA 8 1_555 -0.126 -0.098 -0.037 -12.671 -10.460 -1.282 2 A_DT2:DA17_B A 2 ? B 17 ? 20 1 
1 A DA 3 1_555 B DT 7 1_555 0.096  -0.055 -0.545 -12.551 -17.509 -4.775 3 A_DA3:DT16_B A 3 ? B 16 ? 20 1 
1 A DG 4 1_555 B DC 6 1_555 -0.116 -0.072 -0.051 -5.005  -15.878 1.515  4 A_DG4:DC15_B A 4 ? B 15 ? 19 1 
1 A G  5 1_555 B DC 5 1_555 0.007  -0.022 -0.035 -17.584 -11.311 0.513  5 A_G5:DC14_B  A 5 ? B 14 ? 19 1 
1 A DC 6 1_555 B DG 4 1_555 0.176  -0.055 0.207  -8.912  -7.144  -1.054 6 A_DC6:DG13_B A 6 ? B 13 ? 19 1 
1 A DC 7 1_555 B DG 3 1_555 0.117  0.016  -0.159 -12.759 -11.652 2.864  7 A_DC7:DG12_B A 7 ? B 12 ? 19 1 
1 A DT 8 1_555 B DA 2 1_555 -0.148 -0.050 -0.023 -7.251  -19.639 0.041  8 A_DT8:DA11_B A 8 ? B 11 ? 20 1 
1 A DG 9 1_555 B DC 1 1_555 0.190  -0.042 0.173  4.323   -26.051 0.842  9 A_DG9:DC10_B A 9 ? B 10 ? 19 1 
# 
loop_
_ndb_struct_na_base_pair_step.model_number 
_ndb_struct_na_base_pair_step.i_label_asym_id_1 
_ndb_struct_na_base_pair_step.i_label_comp_id_1 
_ndb_struct_na_base_pair_step.i_label_seq_id_1 
_ndb_struct_na_base_pair_step.i_symmetry_1 
_ndb_struct_na_base_pair_step.j_label_asym_id_1 
_ndb_struct_na_base_pair_step.j_label_comp_id_1 
_ndb_struct_na_base_pair_step.j_label_seq_id_1 
_ndb_struct_na_base_pair_step.j_symmetry_1 
_ndb_struct_na_base_pair_step.i_label_asym_id_2 
_ndb_struct_na_base_pair_step.i_label_comp_id_2 
_ndb_struct_na_base_pair_step.i_label_seq_id_2 
_ndb_struct_na_base_pair_step.i_symmetry_2 
_ndb_struct_na_base_pair_step.j_label_asym_id_2 
_ndb_struct_na_base_pair_step.j_label_comp_id_2 
_ndb_struct_na_base_pair_step.j_label_seq_id_2 
_ndb_struct_na_base_pair_step.j_symmetry_2 
_ndb_struct_na_base_pair_step.shift 
_ndb_struct_na_base_pair_step.slide 
_ndb_struct_na_base_pair_step.rise 
_ndb_struct_na_base_pair_step.tilt 
_ndb_struct_na_base_pair_step.roll 
_ndb_struct_na_base_pair_step.twist 
_ndb_struct_na_base_pair_step.x_displacement 
_ndb_struct_na_base_pair_step.y_displacement 
_ndb_struct_na_base_pair_step.helical_rise 
_ndb_struct_na_base_pair_step.inclination 
_ndb_struct_na_base_pair_step.tip 
_ndb_struct_na_base_pair_step.helical_twist 
_ndb_struct_na_base_pair_step.step_number 
_ndb_struct_na_base_pair_step.step_name 
_ndb_struct_na_base_pair_step.i_auth_asym_id_1 
_ndb_struct_na_base_pair_step.i_auth_seq_id_1 
_ndb_struct_na_base_pair_step.i_PDB_ins_code_1 
_ndb_struct_na_base_pair_step.j_auth_asym_id_1 
_ndb_struct_na_base_pair_step.j_auth_seq_id_1 
_ndb_struct_na_base_pair_step.j_PDB_ins_code_1 
_ndb_struct_na_base_pair_step.i_auth_asym_id_2 
_ndb_struct_na_base_pair_step.i_auth_seq_id_2 
_ndb_struct_na_base_pair_step.i_PDB_ins_code_2 
_ndb_struct_na_base_pair_step.j_auth_asym_id_2 
_ndb_struct_na_base_pair_step.j_auth_seq_id_2 
_ndb_struct_na_base_pair_step.j_PDB_ins_code_2 
1 A DT 1 1_555 B DA 9 1_555 A DT 2 1_555 B DA 8 1_555 -0.148 -1.303 3.606 0.722  2.494  31.848 -2.858 0.412  3.493 4.536  -1.313  
31.951 1 AA_DT1DT2:DA17DA18_BB A 1 ? B 18 ? A 2 ? B 17 ? 
1 A DT 2 1_555 B DA 8 1_555 A DA 3 1_555 B DT 7 1_555 0.070  -1.524 3.600 2.159  10.448 32.678 -4.273 0.231  2.984 17.981 -3.716  
34.330 2 AA_DT2DA3:DT16DA17_BB A 2 ? B 17 ? A 3 ? B 16 ? 
1 A DA 3 1_555 B DT 7 1_555 A DG 4 1_555 B DC 6 1_555 0.338  -0.606 3.223 -1.911 0.696  26.535 -1.495 -1.224 3.174 1.513  4.156   
26.612 3 AA_DA3DG4:DC15DT16_BB A 3 ? B 16 ? A 4 ? B 15 ? 
1 A DG 4 1_555 B DC 6 1_555 A G  5 1_555 B DC 5 1_555 -0.798 -0.718 3.553 -1.958 2.112  39.836 -1.315 0.923  3.545 3.095  2.869   
39.936 4 AA_DG4G5:DC14DC15_BB  A 4 ? B 15 ? A 5 ? B 14 ? 
1 A G  5 1_555 B DC 5 1_555 A DC 6 1_555 B DG 4 1_555 -0.041 -0.523 3.016 -1.493 7.986  33.847 -1.978 -0.137 2.823 13.476 2.519   
34.781 5 AA_G5DC6:DG13DC14_BB  A 5 ? B 14 ? A 6 ? B 13 ? 
1 A DC 6 1_555 B DG 4 1_555 A DC 7 1_555 B DG 3 1_555 1.005  0.034  3.259 8.520  8.145  39.320 -0.869 -0.476 3.339 11.786 -12.329 
40.981 6 AA_DC6DC7:DG12DG13_BB A 6 ? B 13 ? A 7 ? B 12 ? 
1 A DC 7 1_555 B DG 3 1_555 A DT 8 1_555 B DA 2 1_555 -0.569 0.222  3.444 -0.059 9.577  26.344 -1.959 1.160  3.319 20.184 0.124   
28.002 7 AA_DC7DT8:DA11DG12_BB A 7 ? B 12 ? A 8 ? B 11 ? 
1 A DT 8 1_555 B DA 2 1_555 A DG 9 1_555 B DC 1 1_555 0.936  -0.489 3.458 -6.956 15.072 32.198 -2.925 -2.495 2.718 25.194 11.628  
36.125 8 AA_DT8DG9:DC10DA11_BB A 8 ? B 11 ? A 9 ? B 10 ? 
# 
loop_
_pdbx_nmr_spectrometer.spectrometer_id 
_pdbx_nmr_spectrometer.model 
_pdbx_nmr_spectrometer.type 
_pdbx_nmr_spectrometer.manufacturer 
_pdbx_nmr_spectrometer.field_strength 
_pdbx_nmr_spectrometer.details 
1 AVANCE       ? Bruker 600 ? 
2 'AVANCE III' ? Bruker 850 ? 
# 
_atom_sites.entry_id                    5KIH 
_atom_sites.fract_transf_matrix[1][1]   1.000000 
_atom_sites.fract_transf_matrix[1][2]   0.000000 
_atom_sites.fract_transf_matrix[1][3]   0.000000 
_atom_sites.fract_transf_matrix[2][1]   0.000000 
_atom_sites.fract_transf_matrix[2][2]   1.000000 
_atom_sites.fract_transf_matrix[2][3]   0.000000 
_atom_sites.fract_transf_matrix[3][1]   0.000000 
_atom_sites.fract_transf_matrix[3][2]   0.000000 
_atom_sites.fract_transf_matrix[3][3]   1.000000 
_atom_sites.fract_transf_vector[1]      0.00000 
_atom_sites.fract_transf_vector[2]      0.00000 
_atom_sites.fract_transf_vector[3]      0.00000 
# 
loop_
_atom_type.symbol 
C 
H 
N 
O 
P 
# 
loop_
_atom_site.group_PDB 
_atom_site.id 
_atom_site.type_symbol 
_atom_site.label_atom_id 
_atom_site.label_alt_id 
_atom_site.label_comp_id 
_atom_site.label_asym_id 
_atom_site.label_entity_id 
_atom_site.label_seq_id 
_atom_site.pdbx_PDB_ins_code 
_atom_site.Cartn_x 
_atom_site.Cartn_y 
_atom_site.Cartn_z 
_atom_site.occupancy 
_atom_site.B_iso_or_equiv 
_atom_site.pdbx_formal_charge 
_atom_site.auth_seq_id 
_atom_site.auth_comp_id 
_atom_site.auth_asym_id 
_atom_site.auth_atom_id 
_atom_site.pdbx_PDB_model_num 
ATOM 1    O "O5'"  . DT A 1 1 ? -14.812 -7.863  -3.489  1.00 0.00 ? 1  DT A "O5'"  1 
ATOM 2    C "C5'"  . DT A 1 1 ? -15.260 -9.014  -2.803  1.00 0.00 ? 1  DT A "C5'"  1 
ATOM 3    C "C4'"  . DT A 1 1 ? -14.214 -9.765  -2.042  1.00 0.00 ? 1  DT A "C4'"  1 
ATOM 4    O "O4'"  . DT A 1 1 ? -13.272 -10.337 -2.927  1.00 0.00 ? 1  DT A "O4'"  1 
ATOM 5    C "C3'"  . DT A 1 1 ? -13.456 -8.853  -1.045  1.00 0.00 ? 1  DT A "C3'"  1 
ATOM 6    O "O3'"  . DT A 1 1 ? -13.596 -9.343  0.266   1.00 0.00 ? 1  DT A "O3'"  1 
ATOM 7    C "C2'"  . DT A 1 1 ? -12.035 -9.021  -1.515  1.00 0.00 ? 1  DT A "C2'"  1 
ATOM 8    C "C1'"  . DT A 1 1 ? -11.961 -10.231 -2.437  1.00 0.00 ? 1  DT A "C1'"  1 
ATOM 9    N N1     . DT A 1 1 ? -10.965 -9.879  -3.534  1.00 0.00 ? 1  DT A N1     1 
ATOM 10   C C2     . DT A 1 1 ? -9.721  -10.466 -3.446  1.00 0.00 ? 1  DT A C2     1 
ATOM 11   O O2     . DT A 1 1 ? -9.425  -11.341 -2.652  1.00 0.00 ? 1  DT A O2     1 
ATOM 12   N N3     . DT A 1 1 ? -8.740  -10.035 -4.291  1.00 0.00 ? 1  DT A N3     1 
ATOM 13   C C4     . DT A 1 1 ? -8.925  -9.059  -5.205  1.00 0.00 ? 1  DT A C4     1 
ATOM 14   O O4     . DT A 1 1 ? -7.972  -8.724  -5.861  1.00 0.00 ? 1  DT A O4     1 
ATOM 15   C C5     . DT A 1 1 ? -10.243 -8.444  -5.233  1.00 0.00 ? 1  DT A C5     1 
ATOM 16   C C7     . DT A 1 1 ? -10.540 -7.317  -6.153  1.00 0.00 ? 1  DT A C7     1 
ATOM 17   C C6     . DT A 1 1 ? -11.201 -8.874  -4.402  1.00 0.00 ? 1  DT A C6     1 
ATOM 18   H "H5'"  . DT A 1 1 ? -15.683 -9.698  -3.499  1.00 0.00 ? 1  DT A "H5'"  1 
ATOM 19   H "H5''" . DT A 1 1 ? -16.033 -8.703  -2.132  1.00 0.00 ? 1  DT A "H5''" 1 
ATOM 20   H "H4'"  . DT A 1 1 ? -14.710 -10.565 -1.519  1.00 0.00 ? 1  DT A "H4'"  1 
ATOM 21   H "H3'"  . DT A 1 1 ? -13.776 -7.835  -1.079  1.00 0.00 ? 1  DT A "H3'"  1 
ATOM 22   H "H2'"  . DT A 1 1 ? -11.834 -8.106  -2.010  1.00 0.00 ? 1  DT A "H2'"  1 
ATOM 23   H "H2''" . DT A 1 1 ? -11.353 -9.153  -0.737  1.00 0.00 ? 1  DT A "H2''" 1 
ATOM 24   H "H1'"  . DT A 1 1 ? -11.686 -11.154 -1.990  1.00 0.00 ? 1  DT A "H1'"  1 
ATOM 25   H H3     . DT A 1 1 ? -7.836  -10.456 -4.186  1.00 0.00 ? 1  DT A H3     1 
ATOM 26   H H71    . DT A 1 1 ? -10.804 -7.610  -7.064  1.00 0.00 ? 1  DT A H71    1 
ATOM 27   H H72    . DT A 1 1 ? -11.235 -6.720  -5.765  1.00 0.00 ? 1  DT A H72    1 
ATOM 28   H H73    . DT A 1 1 ? -9.716  -6.743  -6.342  1.00 0.00 ? 1  DT A H73    1 
ATOM 29   H H6     . DT A 1 1 ? -12.185 -8.447  -4.367  1.00 0.00 ? 1  DT A H6     1 
ATOM 30   H H5T    . DT A 1 1 ? -15.437 -7.309  -3.561  1.00 0.00 ? 1  DT A H5T    1 
ATOM 31   P P      . DT A 1 2 ? -13.038 -8.554  1.523   1.00 0.00 ? 2  DT A P      1 
ATOM 32   O OP1    . DT A 1 2 ? -13.805 -9.027  2.677   1.00 0.00 ? 2  DT A OP1    1 
ATOM 33   O OP2    . DT A 1 2 ? -13.037 -7.133  1.197   1.00 0.00 ? 2  DT A OP2    1 
ATOM 34   O "O5'"  . DT A 1 2 ? -11.521 -8.942  1.786   1.00 0.00 ? 2  DT A "O5'"  1 
ATOM 35   C "C5'"  . DT A 1 2 ? -11.189 -10.232 2.263   1.00 0.00 ? 2  DT A "C5'"  1 
ATOM 36   C "C4'"  . DT A 1 2 ? -9.671  -10.424 2.361   1.00 0.00 ? 2  DT A "C4'"  1 
ATOM 37   O "O4'"  . DT A 1 2 ? -9.091  -10.472 1.082   1.00 0.00 ? 2  DT A "O4'"  1 
ATOM 38   C "C3'"  . DT A 1 2 ? -8.921  -9.397  3.213   1.00 0.00 ? 2  DT A "C3'"  1 
ATOM 39   O "O3'"  . DT A 1 2 ? -8.303  -9.978  4.271   1.00 0.00 ? 2  DT A "O3'"  1 
ATOM 40   C "C2'"  . DT A 1 2 ? -7.952  -8.835  2.252   1.00 0.00 ? 2  DT A "C2'"  1 
ATOM 41   C "C1'"  . DT A 1 2 ? -7.870  -9.804  1.135   1.00 0.00 ? 2  DT A "C1'"  1 
ATOM 42   N N1     . DT A 1 2 ? -7.515  -9.117  -0.130  1.00 0.00 ? 2  DT A N1     1 
ATOM 43   C C2     . DT A 1 2 ? -6.215  -9.297  -0.604  1.00 0.00 ? 2  DT A C2     1 
ATOM 44   O O2     . DT A 1 2 ? -5.355  -9.993  -0.088  1.00 0.00 ? 2  DT A O2     1 
ATOM 45   N N3     . DT A 1 2 ? -5.863  -8.561  -1.701  1.00 0.00 ? 2  DT A N3     1 
ATOM 46   C C4     . DT A 1 2 ? -6.629  -7.621  -2.292  1.00 0.00 ? 2  DT A C4     1 
ATOM 47   O O4     . DT A 1 2 ? -6.154  -7.018  -3.245  1.00 0.00 ? 2  DT A O4     1 
ATOM 48   C C5     . DT A 1 2 ? -7.971  -7.454  -1.755  1.00 0.00 ? 2  DT A C5     1 
ATOM 49   C C7     . DT A 1 2 ? -8.869  -6.424  -2.268  1.00 0.00 ? 2  DT A C7     1 
ATOM 50   C C6     . DT A 1 2 ? -8.359  -8.199  -0.706  1.00 0.00 ? 2  DT A C6     1 
ATOM 51   H "H5'"  . DT A 1 2 ? -11.635 -11.014 1.674   1.00 0.00 ? 2  DT A "H5'"  1 
ATOM 52   H "H5''" . DT A 1 2 ? -11.599 -10.334 3.255   1.00 0.00 ? 2  DT A "H5''" 1 
ATOM 53   H "H4'"  . DT A 1 2 ? -9.538  -11.408 2.786   1.00 0.00 ? 2  DT A "H4'"  1 
ATOM 54   H "H3'"  . DT A 1 2 ? -9.551  -8.624  3.557   1.00 0.00 ? 2  DT A "H3'"  1 
ATOM 55   H "H2'"  . DT A 1 2 ? -8.312  -7.960  1.887   1.00 0.00 ? 2  DT A "H2'"  1 
ATOM 56   H "H2''" . DT A 1 2 ? -7.049  -8.708  2.723   1.00 0.00 ? 2  DT A "H2''" 1 
ATOM 57   H "H1'"  . DT A 1 2 ? -7.166  -10.523 1.420   1.00 0.00 ? 2  DT A "H1'"  1 
ATOM 58   H H3     . DT A 1 2 ? -4.954  -8.676  -2.100  1.00 0.00 ? 2  DT A H3     1 
ATOM 59   H H71    . DT A 1 2 ? -8.435  -5.684  -2.734  1.00 0.00 ? 2  DT A H71    1 
ATOM 60   H H72    . DT A 1 2 ? -9.462  -6.777  -2.846  1.00 0.00 ? 2  DT A H72    1 
ATOM 61   H H73    . DT A 1 2 ? -9.344  -6.018  -1.572  1.00 0.00 ? 2  DT A H73    1 
ATOM 62   H H6     . DT A 1 2 ? -9.345  -8.031  -0.328  1.00 0.00 ? 2  DT A H6     1 
ATOM 63   P P      . DA A 1 3 ? -7.644  -9.162  5.443   1.00 0.00 ? 3  DA A P      1 
ATOM 64   O OP1    . DA A 1 3 ? -7.588  -10.103 6.571   1.00 0.00 ? 3  DA A OP1    1 
ATOM 65   O OP2    . DA A 1 3 ? -8.317  -7.873  5.583   1.00 0.00 ? 3  DA A OP2    1 
ATOM 66   O "O5'"  . DA A 1 3 ? -6.169  -8.894  4.929   1.00 0.00 ? 3  DA A "O5'"  1 
ATOM 67   C "C5'"  . DA A 1 3 ? -5.272  -9.975  4.739   1.00 0.00 ? 3  DA A "C5'"  1 
ATOM 68   C "C4'"  . DA A 1 3 ? -3.923  -9.614  4.143   1.00 0.00 ? 3  DA A "C4'"  1 
ATOM 69   O "O4'"  . DA A 1 3 ? -4.052  -9.119  2.825   1.00 0.00 ? 3  DA A "O4'"  1 
ATOM 70   C "C3'"  . DA A 1 3 ? -3.080  -8.588  4.901   1.00 0.00 ? 3  DA A "C3'"  1 
ATOM 71   O "O3'"  . DA A 1 3 ? -1.927  -9.268  5.327   1.00 0.00 ? 3  DA A "O3'"  1 
ATOM 72   C "C2'"  . DA A 1 3 ? -2.754  -7.530  3.865   1.00 0.00 ? 3  DA A "C2'"  1 
ATOM 73   C "C1'"  . DA A 1 3 ? -2.946  -8.295  2.577   1.00 0.00 ? 3  DA A "C1'"  1 
ATOM 74   N N9     . DA A 1 3 ? -3.266  -7.402  1.419   1.00 0.00 ? 3  DA A N9     1 
ATOM 75   C C8     . DA A 1 3 ? -4.462  -6.732  1.220   1.00 0.00 ? 3  DA A C8     1 
ATOM 76   N N7     . DA A 1 3 ? -4.495  -5.976  0.161   1.00 0.00 ? 3  DA A N7     1 
ATOM 77   C C5     . DA A 1 3 ? -3.213  -6.155  -0.381  1.00 0.00 ? 3  DA A C5     1 
ATOM 78   C C6     . DA A 1 3 ? -2.572  -5.710  -1.549  1.00 0.00 ? 3  DA A C6     1 
ATOM 79   N N6     . DA A 1 3 ? -3.082  -4.847  -2.374  1.00 0.00 ? 3  DA A N6     1 
ATOM 80   N N1     . DA A 1 3 ? -1.360  -6.174  -1.883  1.00 0.00 ? 3  DA A N1     1 
ATOM 81   C C2     . DA A 1 3 ? -0.775  -7.055  -1.090  1.00 0.00 ? 3  DA A C2     1 
ATOM 82   N N3     . DA A 1 3 ? -1.233  -7.535  0.029   1.00 0.00 ? 3  DA A N3     1 
ATOM 83   C C4     . DA A 1 3 ? -2.468  -7.035  0.345   1.00 0.00 ? 3  DA A C4     1 
ATOM 84   H "H5'"  . DA A 1 3 ? -5.713  -10.698 4.067   1.00 0.00 ? 3  DA A "H5'"  1 
ATOM 85   H "H5''" . DA A 1 3 ? -5.108  -10.502 5.661   1.00 0.00 ? 3  DA A "H5''" 1 
ATOM 86   H "H4'"  . DA A 1 3 ? -3.363  -10.539 4.086   1.00 0.00 ? 3  DA A "H4'"  1 
ATOM 87   H "H3'"  . DA A 1 3 ? -3.657  -8.199  5.727   1.00 0.00 ? 3  DA A "H3'"  1 
ATOM 88   H "H2'"  . DA A 1 3 ? -3.401  -6.671  3.949   1.00 0.00 ? 3  DA A "H2'"  1 
ATOM 89   H "H2''" . DA A 1 3 ? -1.713  -7.259  3.922   1.00 0.00 ? 3  DA A "H2''" 1 
ATOM 90   H "H1'"  . DA A 1 3 ? -2.091  -8.943  2.410   1.00 0.00 ? 3  DA A "H1'"  1 
ATOM 91   H H8     . DA A 1 3 ? -5.321  -6.841  1.854   1.00 0.00 ? 3  DA A H8     1 
ATOM 92   H H61    . DA A 1 3 ? -2.576  -4.684  -3.228  1.00 0.00 ? 3  DA A H61    1 
ATOM 93   H H62    . DA A 1 3 ? -4.008  -4.551  -2.234  1.00 0.00 ? 3  DA A H62    1 
ATOM 94   H H2     . DA A 1 3 ? 0.155   -7.464  -1.423  1.00 0.00 ? 3  DA A H2     1 
ATOM 95   P P      . DG A 1 4 ? -0.939  -8.689  6.429   1.00 0.00 ? 4  DG A P      1 
ATOM 96   O OP1    . DG A 1 4 ? -0.257  -9.837  7.070   1.00 0.00 ? 4  DG A OP1    1 
ATOM 97   O OP2    . DG A 1 4 ? -1.716  -7.769  7.296   1.00 0.00 ? 4  DG A OP2    1 
ATOM 98   O "O5'"  . DG A 1 4 ? 0.108   -7.814  5.625   1.00 0.00 ? 4  DG A "O5'"  1 
ATOM 99   C "C5'"  . DG A 1 4 ? 1.098   -8.387  4.832   1.00 0.00 ? 4  DG A "C5'"  1 
ATOM 100  C "C4'"  . DG A 1 4 ? 1.918   -7.382  4.023   1.00 0.00 ? 4  DG A "C4'"  1 
ATOM 101  O "O4'"  . DG A 1 4 ? 1.124   -6.900  2.996   1.00 0.00 ? 4  DG A "O4'"  1 
ATOM 102  C "C3'"  . DG A 1 4 ? 2.391   -6.143  4.850   1.00 0.00 ? 4  DG A "C3'"  1 
ATOM 103  O "O3'"  . DG A 1 4 ? 3.737   -5.887  4.475   1.00 0.00 ? 4  DG A "O3'"  1 
ATOM 104  C "C2'"  . DG A 1 4 ? 1.506   -5.052  4.294   1.00 0.00 ? 4  DG A "C2'"  1 
ATOM 105  C "C1'"  . DG A 1 4 ? 1.284   -5.527  2.871   1.00 0.00 ? 4  DG A "C1'"  1 
ATOM 106  N N9     . DG A 1 4 ? 0.169   -4.832  2.178   1.00 0.00 ? 4  DG A N9     1 
ATOM 107  C C8     . DG A 1 4 ? -1.043  -4.432  2.663   1.00 0.00 ? 4  DG A C8     1 
ATOM 108  N N7     . DG A 1 4 ? -1.713  -3.661  1.849   1.00 0.00 ? 4  DG A N7     1 
ATOM 109  C C5     . DG A 1 4 ? -0.876  -3.555  0.743   1.00 0.00 ? 4  DG A C5     1 
ATOM 110  C C6     . DG A 1 4 ? -0.938  -2.787  -0.471  1.00 0.00 ? 4  DG A C6     1 
ATOM 111  O O6     . DG A 1 4 ? -1.832  -2.079  -0.882  1.00 0.00 ? 4  DG A O6     1 
ATOM 112  N N1     . DG A 1 4 ? 0.188   -2.902  -1.278  1.00 0.00 ? 4  DG A N1     1 
ATOM 113  C C2     . DG A 1 4 ? 1.225   -3.683  -0.979  1.00 0.00 ? 4  DG A C2     1 
ATOM 114  N N2     . DG A 1 4 ? 2.237   -3.625  -1.792  1.00 0.00 ? 4  DG A N2     1 
ATOM 115  N N3     . DG A 1 4 ? 1.339   -4.424  0.113   1.00 0.00 ? 4  DG A N3     1 
ATOM 116  C C4     . DG A 1 4 ? 0.278   -4.264  0.963   1.00 0.00 ? 4  DG A C4     1 
ATOM 117  H "H5'"  . DG A 1 4 ? 0.632   -9.080  4.155   1.00 0.00 ? 4  DG A "H5'"  1 
ATOM 118  H "H5''" . DG A 1 4 ? 1.770   -8.936  5.448   1.00 0.00 ? 4  DG A "H5''" 1 
ATOM 119  H "H4'"  . DG A 1 4 ? 2.808   -7.848  3.606   1.00 0.00 ? 4  DG A "H4'"  1 
ATOM 120  H "H3'"  . DG A 1 4 ? 2.239   -6.248  5.919   1.00 0.00 ? 4  DG A "H3'"  1 
ATOM 121  H "H2'"  . DG A 1 4 ? 0.563   -5.026  4.828   1.00 0.00 ? 4  DG A "H2'"  1 
ATOM 122  H "H2''" . DG A 1 4 ? 1.925   -4.052  4.330   1.00 0.00 ? 4  DG A "H2''" 1 
ATOM 123  H "H1'"  . DG A 1 4 ? 2.213   -5.330  2.355   1.00 0.00 ? 4  DG A "H1'"  1 
ATOM 124  H H8     . DG A 1 4 ? -1.400  -4.738  3.624   1.00 0.00 ? 4  DG A H8     1 
ATOM 125  H H1     . DG A 1 4 ? 0.199   -2.440  -2.163  1.00 0.00 ? 4  DG A H1     1 
ATOM 126  H H21    . DG A 1 4 ? 2.195   -3.030  -2.595  1.00 0.00 ? 4  DG A H21    1 
ATOM 127  H H22    . DG A 1 4 ? 3.032   -4.206  -1.631  1.00 0.00 ? 4  DG A H22    1 
ATOM 128  P P      . G  A 1 5 ? 4.688   -4.918  5.297   1.00 0.00 ? 5  G  A P      1 
ATOM 129  O OP1    . G  A 1 5 ? 5.627   -5.757  6.039   1.00 0.00 ? 5  G  A OP1    1 
ATOM 130  O OP2    . G  A 1 5 ? 3.933   -3.881  6.013   1.00 0.00 ? 5  G  A OP2    1 
ATOM 131  O "O5'"  . G  A 1 5 ? 5.441   -4.170  4.166   1.00 0.00 ? 5  G  A "O5'"  1 
ATOM 132  C "C5'"  . G  A 1 5 ? 6.385   -4.816  3.326   1.00 0.00 ? 5  G  A "C5'"  1 
ATOM 133  C "C4'"  . G  A 1 5 ? 6.665   -4.056  2.031   1.00 0.00 ? 5  G  A "C4'"  1 
ATOM 134  O "O4'"  . G  A 1 5 ? 5.488   -4.096  1.254   1.00 0.00 ? 5  G  A "O4'"  1 
ATOM 135  C "C3'"  . G  A 1 5 ? 7.075   -2.581  2.156   1.00 0.00 ? 5  G  A "C3'"  1 
ATOM 136  O "O3'"  . G  A 1 5 ? 8.439   -2.440  2.502   1.00 0.00 ? 5  G  A "O3'"  1 
ATOM 137  C "C2'"  . G  A 1 5 ? 6.710   -2.116  0.782   1.00 0.00 ? 5  G  A "C2'"  1 
ATOM 138  O "O2'"  . G  A 1 5 ? 7.672   -2.538  -0.189  1.00 0.00 ? 5  G  A "O2'"  1 
ATOM 139  C "C1'"  . G  A 1 5 ? 5.435   -2.899  0.486   1.00 0.00 ? 5  G  A "C1'"  1 
ATOM 140  N N9     . G  A 1 5 ? 4.226   -2.164  0.865   1.00 0.00 ? 5  G  A N9     1 
ATOM 141  C C8     . G  A 1 5 ? 3.416   -2.313  1.915   1.00 0.00 ? 5  G  A C8     1 
ATOM 142  N N7     . G  A 1 5 ? 2.343   -1.572  1.864   1.00 0.00 ? 5  G  A N7     1 
ATOM 143  C C5     . G  A 1 5 ? 2.422   -0.915  0.657   1.00 0.00 ? 5  G  A C5     1 
ATOM 144  C C6     . G  A 1 5 ? 1.524   -0.041  -0.003  1.00 0.00 ? 5  G  A C6     1 
ATOM 145  O O6     . G  A 1 5 ? 0.398   0.307   0.325   1.00 0.00 ? 5  G  A O6     1 
ATOM 146  N N1     . G  A 1 5 ? 2.041   0.468   -1.159  1.00 0.00 ? 5  G  A N1     1 
ATOM 147  C C2     . G  A 1 5 ? 3.247   0.114   -1.673  1.00 0.00 ? 5  G  A C2     1 
ATOM 148  N N2     . G  A 1 5 ? 3.609   0.642   -2.771  1.00 0.00 ? 5  G  A N2     1 
ATOM 149  N N3     . G  A 1 5 ? 4.084   -0.714  -1.117  1.00 0.00 ? 5  G  A N3     1 
ATOM 150  C C4     . G  A 1 5 ? 3.600   -1.210  0.064   1.00 0.00 ? 5  G  A C4     1 
ATOM 151  H "H5'"  . G  A 1 5 ? 6.088   -5.808  3.064   1.00 0.00 ? 5  G  A "H5'"  1 
ATOM 152  H "H5''" . G  A 1 5 ? 7.327   -4.894  3.845   1.00 0.00 ? 5  G  A "H5''" 1 
ATOM 153  H "H4'"  . G  A 1 5 ? 7.457   -4.577  1.524   1.00 0.00 ? 5  G  A "H4'"  1 
ATOM 154  H "H3'"  . G  A 1 5 ? 6.438   -2.122  2.902   1.00 0.00 ? 5  G  A "H3'"  1 
ATOM 155  H "H2'"  . G  A 1 5 ? 6.587   -1.042  0.821   1.00 0.00 ? 5  G  A "H2'"  1 
ATOM 156  H "HO2'" . G  A 1 5 ? 7.913   -2.200  -0.550  1.00 0.00 ? 5  G  A "HO2'" 1 
ATOM 157  H "H1'"  . G  A 1 5 ? 5.324   -3.076  -0.574  1.00 0.00 ? 5  G  A "H1'"  1 
ATOM 158  H H8     . G  A 1 5 ? 3.650   -3.014  2.678   1.00 0.00 ? 5  G  A H8     1 
ATOM 159  H H1     . G  A 1 5 ? 1.465   1.041   -1.748  1.00 0.00 ? 5  G  A H1     1 
ATOM 160  H H21    . G  A 1 5 ? 2.993   1.276   -3.254  1.00 0.00 ? 5  G  A H21    1 
ATOM 161  H H22    . G  A 1 5 ? 4.521   0.438   -3.121  1.00 0.00 ? 5  G  A H22    1 
ATOM 162  P P      . DC A 1 6 ? 9.004   -1.152  3.243   1.00 0.00 ? 6  DC A P      1 
ATOM 163  O OP1    . DC A 1 6 ? 10.401  -1.438  3.600   1.00 0.00 ? 6  DC A OP1    1 
ATOM 164  O OP2    . DC A 1 6 ? 8.032   -0.835  4.306   1.00 0.00 ? 6  DC A OP2    1 
ATOM 165  O "O5'"  . DC A 1 6 ? 9.011   0.047   2.189   1.00 0.00 ? 6  DC A "O5'"  1 
ATOM 166  C "C5'"  . DC A 1 6 ? 9.777   -0.032  0.997   1.00 0.00 ? 6  DC A "C5'"  1 
ATOM 167  C "C4'"  . DC A 1 6 ? 9.313   0.925   -0.106  1.00 0.00 ? 6  DC A "C4'"  1 
ATOM 168  O "O4'"  . DC A 1 6 ? 7.952   0.685   -0.438  1.00 0.00 ? 6  DC A "O4'"  1 
ATOM 169  C "C3'"  . DC A 1 6 ? 9.409   2.385   0.316   1.00 0.00 ? 6  DC A "C3'"  1 
ATOM 170  O "O3'"  . DC A 1 6 ? 10.584  2.993   -0.162  1.00 0.00 ? 6  DC A "O3'"  1 
ATOM 171  C "C2'"  . DC A 1 6 ? 8.243   2.997   -0.423  1.00 0.00 ? 6  DC A "C2'"  1 
ATOM 172  C "C1'"  . DC A 1 6 ? 7.231   1.891   -0.649  1.00 0.00 ? 6  DC A "C1'"  1 
ATOM 173  N N1     . DC A 1 6 ? 6.011   2.056   0.219   1.00 0.00 ? 6  DC A N1     1 
ATOM 174  C C2     . DC A 1 6 ? 4.881   2.793   -0.234  1.00 0.00 ? 6  DC A C2     1 
ATOM 175  O O2     . DC A 1 6 ? 4.938   3.505   -1.233  1.00 0.00 ? 6  DC A O2     1 
ATOM 176  N N3     . DC A 1 6 ? 3.739   2.801   0.449   1.00 0.00 ? 6  DC A N3     1 
ATOM 177  C C4     . DC A 1 6 ? 3.684   2.093   1.560   1.00 0.00 ? 6  DC A C4     1 
ATOM 178  N N4     . DC A 1 6 ? 2.558   2.081   2.199   1.00 0.00 ? 6  DC A N4     1 
ATOM 179  C C5     . DC A 1 6 ? 4.771   1.310   2.042   1.00 0.00 ? 6  DC A C5     1 
ATOM 180  C C6     . DC A 1 6 ? 5.932   1.363   1.367   1.00 0.00 ? 6  DC A C6     1 
ATOM 181  H "H5'"  . DC A 1 6 ? 9.721   -1.035  0.628   1.00 0.00 ? 6  DC A "H5'"  1 
ATOM 182  H "H5''" . DC A 1 6 ? 10.805  0.177   1.215   1.00 0.00 ? 6  DC A "H5''" 1 
ATOM 183  H "H4'"  . DC A 1 6 ? 9.924   0.793   -0.996  1.00 0.00 ? 6  DC A "H4'"  1 
ATOM 184  H "H3'"  . DC A 1 6 ? 9.275   2.463   1.382   1.00 0.00 ? 6  DC A "H3'"  1 
ATOM 185  H "H2'"  . DC A 1 6 ? 7.805   3.783   0.129   1.00 0.00 ? 6  DC A "H2'"  1 
ATOM 186  H "H2''" . DC A 1 6 ? 8.554   3.378   -1.366  1.00 0.00 ? 6  DC A "H2''" 1 
ATOM 187  H "H1'"  . DC A 1 6 ? 6.864   1.880   -1.664  1.00 0.00 ? 6  DC A "H1'"  1 
ATOM 188  H H41    . DC A 1 6 ? 1.803   2.556   1.737   1.00 0.00 ? 6  DC A H41    1 
ATOM 189  H H42    . DC A 1 6 ? 2.514   1.683   3.099   1.00 0.00 ? 6  DC A H42    1 
ATOM 190  H H5     . DC A 1 6 ? 4.742   0.708   2.935   1.00 0.00 ? 6  DC A H5     1 
ATOM 191  H H6     . DC A 1 6 ? 6.812   0.841   1.696   1.00 0.00 ? 6  DC A H6     1 
ATOM 192  P P      . DC A 1 7 ? 11.151  4.384   0.430   1.00 0.00 ? 7  DC A P      1 
ATOM 193  O OP1    . DC A 1 7 ? 12.436  4.693   -0.238  1.00 0.00 ? 7  DC A OP1    1 
ATOM 194  O OP2    . DC A 1 7 ? 11.108  4.269   1.889   1.00 0.00 ? 7  DC A OP2    1 
ATOM 195  O "O5'"  . DC A 1 7 ? 10.054  5.502   -0.016  1.00 0.00 ? 7  DC A "O5'"  1 
ATOM 196  C "C5'"  . DC A 1 7 ? 9.799   5.869   -1.353  1.00 0.00 ? 7  DC A "C5'"  1 
ATOM 197  C "C4'"  . DC A 1 7 ? 8.692   6.897   -1.534  1.00 0.00 ? 7  DC A "C4'"  1 
ATOM 198  O "O4'"  . DC A 1 7 ? 7.468   6.270   -1.276  1.00 0.00 ? 7  DC A "O4'"  1 
ATOM 199  C "C3'"  . DC A 1 7 ? 8.898   8.097   -0.637  1.00 0.00 ? 7  DC A "C3'"  1 
ATOM 200  O "O3'"  . DC A 1 7 ? 9.241   9.215   -1.392  1.00 0.00 ? 7  DC A "O3'"  1 
ATOM 201  C "C2'"  . DC A 1 7 ? 7.569   8.219   -0.015  1.00 0.00 ? 7  DC A "C2'"  1 
ATOM 202  C "C1'"  . DC A 1 7 ? 6.669   7.128   -0.493  1.00 0.00 ? 7  DC A "C1'"  1 
ATOM 203  N N1     . DC A 1 7 ? 6.033   6.361   0.650   1.00 0.00 ? 7  DC A N1     1 
ATOM 204  C C2     . DC A 1 7 ? 4.695   6.492   0.923   1.00 0.00 ? 7  DC A C2     1 
ATOM 205  O O2     . DC A 1 7 ? 3.986   7.216   0.241   1.00 0.00 ? 7  DC A O2     1 
ATOM 206  N N3     . DC A 1 7 ? 4.139   5.816   1.987   1.00 0.00 ? 7  DC A N3     1 
ATOM 207  C C4     . DC A 1 7 ? 4.946   5.125   2.730   1.00 0.00 ? 7  DC A C4     1 
ATOM 208  N N4     . DC A 1 7 ? 4.423   4.453   3.684   1.00 0.00 ? 7  DC A N4     1 
ATOM 209  C C5     . DC A 1 7 ? 6.343   5.052   2.565   1.00 0.00 ? 7  DC A C5     1 
ATOM 210  C C6     . DC A 1 7 ? 6.849   5.706   1.520   1.00 0.00 ? 7  DC A C6     1 
ATOM 211  H "H5'"  . DC A 1 7 ? 9.598   5.022   -1.992  1.00 0.00 ? 7  DC A "H5'"  1 
ATOM 212  H "H5''" . DC A 1 7 ? 10.694  6.316   -1.774  1.00 0.00 ? 7  DC A "H5''" 1 
ATOM 213  H "H4'"  . DC A 1 7 ? 8.689   7.188   -2.569  1.00 0.00 ? 7  DC A "H4'"  1 
ATOM 214  H "H3'"  . DC A 1 7 ? 9.613   7.882   0.106   1.00 0.00 ? 7  DC A "H3'"  1 
ATOM 215  H "H2'"  . DC A 1 7 ? 7.682   8.118   0.991   1.00 0.00 ? 7  DC A "H2'"  1 
ATOM 216  H "H2''" . DC A 1 7 ? 7.136   9.099   -0.250  1.00 0.00 ? 7  DC A "H2''" 1 
ATOM 217  H "H1'"  . DC A 1 7 ? 5.956   7.510   -1.143  1.00 0.00 ? 7  DC A "H1'"  1 
ATOM 218  H H41    . DC A 1 7 ? 3.431   4.478   3.816   1.00 0.00 ? 7  DC A H41    1 
ATOM 219  H H42    . DC A 1 7 ? 4.998   3.869   4.254   1.00 0.00 ? 7  DC A H42    1 
ATOM 220  H H5     . DC A 1 7 ? 7.009   4.481   3.173   1.00 0.00 ? 7  DC A H5     1 
ATOM 221  H H6     . DC A 1 7 ? 7.896   5.734   1.322   1.00 0.00 ? 7  DC A H6     1 
ATOM 222  P P      . DT A 1 8 ? 9.547   10.625  -0.748  1.00 0.00 ? 8  DT A P      1 
ATOM 223  O OP1    . DT A 1 8 ? 10.258  11.436  -1.766  1.00 0.00 ? 8  DT A OP1    1 
ATOM 224  O OP2    . DT A 1 8 ? 10.172  10.374  0.556   1.00 0.00 ? 8  DT A OP2    1 
ATOM 225  O "O5'"  . DT A 1 8 ? 8.127   11.267  -0.517  1.00 0.00 ? 8  DT A "O5'"  1 
ATOM 226  C "C5'"  . DT A 1 8 ? 7.284   11.574  -1.629  1.00 0.00 ? 8  DT A "C5'"  1 
ATOM 227  C "C4'"  . DT A 1 8 ? 5.872   12.067  -1.225  1.00 0.00 ? 8  DT A "C4'"  1 
ATOM 228  O "O4'"  . DT A 1 8 ? 5.183   11.125  -0.406  1.00 0.00 ? 8  DT A "O4'"  1 
ATOM 229  C "C3'"  . DT A 1 8 ? 5.901   13.391  -0.474  1.00 0.00 ? 8  DT A "C3'"  1 
ATOM 230  O "O3'"  . DT A 1 8 ? 4.837   14.284  -0.865  1.00 0.00 ? 8  DT A "O3'"  1 
ATOM 231  C "C2'"  . DT A 1 8 ? 5.725   12.889  0.956   1.00 0.00 ? 8  DT A "C2'"  1 
ATOM 232  C "C1'"  . DT A 1 8 ? 4.807   11.717  0.800   1.00 0.00 ? 8  DT A "C1'"  1 
ATOM 233  N N1     . DT A 1 8 ? 4.902   10.763  1.934   1.00 0.00 ? 8  DT A N1     1 
ATOM 234  C C2     . DT A 1 8 ? 3.714   10.424  2.573   1.00 0.00 ? 8  DT A C2     1 
ATOM 235  O O2     . DT A 1 8 ? 2.624   10.862  2.293   1.00 0.00 ? 8  DT A O2     1 
ATOM 236  N N3     . DT A 1 8 ? 3.845   9.515   3.570   1.00 0.00 ? 8  DT A N3     1 
ATOM 237  C C4     . DT A 1 8 ? 5.015   8.968   4.011   1.00 0.00 ? 8  DT A C4     1 
ATOM 238  O O4     . DT A 1 8 ? 5.005   8.120   4.868   1.00 0.00 ? 8  DT A O4     1 
ATOM 239  C C5     . DT A 1 8 ? 6.230   9.514   3.403   1.00 0.00 ? 8  DT A C5     1 
ATOM 240  C C7     . DT A 1 8 ? 7.611   9.085   3.844   1.00 0.00 ? 8  DT A C7     1 
ATOM 241  C C6     . DT A 1 8 ? 6.137   10.352  2.338   1.00 0.00 ? 8  DT A C6     1 
ATOM 242  H "H5'"  . DT A 1 8 ? 7.228   10.689  -2.255  1.00 0.00 ? 8  DT A "H5'"  1 
ATOM 243  H "H5''" . DT A 1 8 ? 7.734   12.319  -2.260  1.00 0.00 ? 8  DT A "H5''" 1 
ATOM 244  H "H4'"  . DT A 1 8 ? 5.284   12.161  -2.124  1.00 0.00 ? 8  DT A "H4'"  1 
ATOM 245  H "H3'"  . DT A 1 8 ? 6.860   13.851  -0.651  1.00 0.00 ? 8  DT A "H3'"  1 
ATOM 246  H "H2'"  . DT A 1 8 ? 6.685   12.681  1.395   1.00 0.00 ? 8  DT A "H2'"  1 
ATOM 247  H "H2''" . DT A 1 8 ? 5.249   13.603  1.588   1.00 0.00 ? 8  DT A "H2''" 1 
ATOM 248  H "H1'"  . DT A 1 8 ? 3.802   12.101  0.691   1.00 0.00 ? 8  DT A "H1'"  1 
ATOM 249  H H3     . DT A 1 8 ? 2.985   9.231   4.006   1.00 0.00 ? 8  DT A H3     1 
ATOM 250  H H71    . DT A 1 8 ? 7.798   8.348   3.882   1.00 0.00 ? 8  DT A H71    1 
ATOM 251  H H72    . DT A 1 8 ? 8.193   9.296   3.456   1.00 0.00 ? 8  DT A H72    1 
ATOM 252  H H73    . DT A 1 8 ? 7.882   9.210   4.581   1.00 0.00 ? 8  DT A H73    1 
ATOM 253  H H6     . DT A 1 8 ? 6.996   10.738  1.821   1.00 0.00 ? 8  DT A H6     1 
ATOM 254  P P      . DG A 1 9 ? 4.822   15.756  -0.403  1.00 0.00 ? 9  DG A P      1 
ATOM 255  O OP1    . DG A 1 9 ? 3.923   16.442  -1.335  1.00 0.00 ? 9  DG A OP1    1 
ATOM 256  O OP2    . DG A 1 9 ? 6.200   16.218  -0.295  1.00 0.00 ? 9  DG A OP2    1 
ATOM 257  O "O5'"  . DG A 1 9 ? 4.163   15.753  1.052   1.00 0.00 ? 9  DG A "O5'"  1 
ATOM 258  C "C5'"  . DG A 1 9 ? 2.801   15.431  1.237   1.00 0.00 ? 9  DG A "C5'"  1 
ATOM 259  C "C4'"  . DG A 1 9 ? 2.440   15.376  2.713   1.00 0.00 ? 9  DG A "C4'"  1 
ATOM 260  O "O4'"  . DG A 1 9 ? 2.891   14.107  3.221   1.00 0.00 ? 9  DG A "O4'"  1 
ATOM 261  C "C3'"  . DG A 1 9 ? 3.071   16.441  3.570   1.00 0.00 ? 9  DG A "C3'"  1 
ATOM 262  O "O3'"  . DG A 1 9 ? 2.122   17.169  4.315   1.00 0.00 ? 9  DG A "O3'"  1 
ATOM 263  C "C2'"  . DG A 1 9 ? 3.987   15.643  4.461   1.00 0.00 ? 9  DG A "C2'"  1 
ATOM 264  C "C1'"  . DG A 1 9 ? 3.200   14.365  4.542   1.00 0.00 ? 9  DG A "C1'"  1 
ATOM 265  N N9     . DG A 1 9 ? 4.022   13.299  5.127   1.00 0.00 ? 9  DG A N9     1 
ATOM 266  C C8     . DG A 1 9 ? 5.382   13.159  5.108   1.00 0.00 ? 9  DG A C8     1 
ATOM 267  N N7     . DG A 1 9 ? 5.833   12.113  5.722   1.00 0.00 ? 9  DG A N7     1 
ATOM 268  C C5     . DG A 1 9 ? 4.707   11.551  6.325   1.00 0.00 ? 9  DG A C5     1 
ATOM 269  C C6     . DG A 1 9 ? 4.500   10.501  7.281   1.00 0.00 ? 9  DG A C6     1 
ATOM 270  O O6     . DG A 1 9 ? 5.334   9.727   7.747   1.00 0.00 ? 9  DG A O6     1 
ATOM 271  N N1     . DG A 1 9 ? 3.218   10.360  7.755   1.00 0.00 ? 9  DG A N1     1 
ATOM 272  C C2     . DG A 1 9 ? 2.218   11.162  7.376   1.00 0.00 ? 9  DG A C2     1 
ATOM 273  N N2     . DG A 1 9 ? 1.102   11.038  8.010   1.00 0.00 ? 9  DG A N2     1 
ATOM 274  N N3     . DG A 1 9 ? 2.329   12.141  6.491   1.00 0.00 ? 9  DG A N3     1 
ATOM 275  C C4     . DG A 1 9 ? 3.601   12.309  5.999   1.00 0.00 ? 9  DG A C4     1 
ATOM 276  H "H5'"  . DG A 1 9 ? 2.569   14.483  0.788   1.00 0.00 ? 9  DG A "H5'"  1 
ATOM 277  H "H5''" . DG A 1 9 ? 2.175   16.174  0.771   1.00 0.00 ? 9  DG A "H5''" 1 
ATOM 278  H "H4'"  . DG A 1 9 ? 1.373   15.447  2.861   1.00 0.00 ? 9  DG A "H4'"  1 
ATOM 279  H "H3'"  . DG A 1 9 ? 3.647   17.129  2.970   1.00 0.00 ? 9  DG A "H3'"  1 
ATOM 280  H "HO3'" . DG A 1 9 ? 1.717   17.671  3.962   1.00 0.00 ? 9  DG A "HO3'" 1 
ATOM 281  H "H2'"  . DG A 1 9 ? 4.928   15.553  3.943   1.00 0.00 ? 9  DG A "H2'"  1 
ATOM 282  H "H2''" . DG A 1 9 ? 4.155   16.072  5.439   1.00 0.00 ? 9  DG A "H2''" 1 
ATOM 283  H "H1'"  . DG A 1 9 ? 2.305   14.533  5.122   1.00 0.00 ? 9  DG A "H1'"  1 
ATOM 284  H H8     . DG A 1 9 ? 6.026   13.826  4.574   1.00 0.00 ? 9  DG A H8     1 
ATOM 285  H H1     . DG A 1 9 ? 3.056   9.707   8.494   1.00 0.00 ? 9  DG A H1     1 
ATOM 286  H H21    . DG A 1 9 ? 1.048   10.369  8.753   1.00 0.00 ? 9  DG A H21    1 
ATOM 287  H H22    . DG A 1 9 ? 0.359   11.635  7.744   1.00 0.00 ? 9  DG A H22    1 
ATOM 288  O "O5'"  . DC B 2 1 ? -0.154  3.447   11.940  1.00 0.00 ? 10 DC B "O5'"  1 
ATOM 289  C "C5'"  . DC B 2 1 ? -0.765  4.099   13.002  1.00 0.00 ? 10 DC B "C5'"  1 
ATOM 290  C "C4'"  . DC B 2 1 ? -1.416  5.418   12.726  1.00 0.00 ? 10 DC B "C4'"  1 
ATOM 291  O "O4'"  . DC B 2 1 ? -0.559  6.512   13.016  1.00 0.00 ? 10 DC B "O4'"  1 
ATOM 292  C "C3'"  . DC B 2 1 ? -2.062  5.601   11.367  1.00 0.00 ? 10 DC B "C3'"  1 
ATOM 293  O "O3'"  . DC B 2 1 ? -3.341  6.079   11.546  1.00 0.00 ? 10 DC B "O3'"  1 
ATOM 294  C "C2'"  . DC B 2 1 ? -1.104  6.645   10.748  1.00 0.00 ? 10 DC B "C2'"  1 
ATOM 295  C "C1'"  . DC B 2 1 ? -0.397  7.394   11.900  1.00 0.00 ? 10 DC B "C1'"  1 
ATOM 296  N N1     . DC B 2 1 ? 1.019   7.508   11.480  1.00 0.00 ? 10 DC B N1     1 
ATOM 297  C C2     . DC B 2 1 ? 1.365   8.522   10.563  1.00 0.00 ? 10 DC B C2     1 
ATOM 298  O O2     . DC B 2 1 ? 0.726   9.543   10.520  1.00 0.00 ? 10 DC B O2     1 
ATOM 299  N N3     . DC B 2 1 ? 2.469   8.408   9.775   1.00 0.00 ? 10 DC B N3     1 
ATOM 300  C C4     . DC B 2 1 ? 3.128   7.301   9.798   1.00 0.00 ? 10 DC B C4     1 
ATOM 301  N N4     . DC B 2 1 ? 4.185   7.232   9.053   1.00 0.00 ? 10 DC B N4     1 
ATOM 302  C C5     . DC B 2 1 ? 2.841   6.280   10.711  1.00 0.00 ? 10 DC B C5     1 
ATOM 303  C C6     . DC B 2 1 ? 1.846   6.458   11.568  1.00 0.00 ? 10 DC B C6     1 
ATOM 304  H "H5'"  . DC B 2 1 ? -0.047  4.276   13.756  1.00 0.00 ? 10 DC B "H5'"  1 
ATOM 305  H "H5''" . DC B 2 1 ? -1.495  3.435   13.402  1.00 0.00 ? 10 DC B "H5''" 1 
ATOM 306  H "H4'"  . DC B 2 1 ? -2.203  5.476   13.460  1.00 0.00 ? 10 DC B "H4'"  1 
ATOM 307  H "H3'"  . DC B 2 1 ? -2.074  4.710   10.763  1.00 0.00 ? 10 DC B "H3'"  1 
ATOM 308  H "H2'"  . DC B 2 1 ? -0.366  6.118   10.168  1.00 0.00 ? 10 DC B "H2'"  1 
ATOM 309  H "H2''" . DC B 2 1 ? -1.660  7.315   10.116  1.00 0.00 ? 10 DC B "H2''" 1 
ATOM 310  H "H1'"  . DC B 2 1 ? -0.801  8.366   12.119  1.00 0.00 ? 10 DC B "H1'"  1 
ATOM 311  H H41    . DC B 2 1 ? 4.468   8.020   8.520   1.00 0.00 ? 10 DC B H41    1 
ATOM 312  H H42    . DC B 2 1 ? 4.684   6.388   9.095   1.00 0.00 ? 10 DC B H42    1 
ATOM 313  H H5     . DC B 2 1 ? 3.319   5.352   10.729  1.00 0.00 ? 10 DC B H5     1 
ATOM 314  H H6     . DC B 2 1 ? 1.643   5.729   12.294  1.00 0.00 ? 10 DC B H6     1 
ATOM 315  H H5T    . DC B 2 1 ? -0.856  2.982   11.520  1.00 0.00 ? 10 DC B H5T    1 
ATOM 316  P P      . DA B 2 2 ? -4.586  5.463   10.842  1.00 0.00 ? 11 DA B P      1 
ATOM 317  O OP1    . DA B 2 2 ? -5.762  5.809   11.634  1.00 0.00 ? 11 DA B OP1    1 
ATOM 318  O OP2    . DA B 2 2 ? -4.357  4.031   10.575  1.00 0.00 ? 11 DA B OP2    1 
ATOM 319  O "O5'"  . DA B 2 2 ? -4.647  6.247   9.512   1.00 0.00 ? 11 DA B "O5'"  1 
ATOM 320  C "C5'"  . DA B 2 2 ? -5.155  7.542   9.398   1.00 0.00 ? 11 DA B "C5'"  1 
ATOM 321  C "C4'"  . DA B 2 2 ? -5.000  8.158   8.028   1.00 0.00 ? 11 DA B "C4'"  1 
ATOM 322  O "O4'"  . DA B 2 2 ? -3.626  8.331   7.780   1.00 0.00 ? 11 DA B "O4'"  1 
ATOM 323  C "C3'"  . DA B 2 2 ? -5.622  7.420   6.887   1.00 0.00 ? 11 DA B "C3'"  1 
ATOM 324  O "O3'"  . DA B 2 2 ? -6.544  8.122   6.175   1.00 0.00 ? 11 DA B "O3'"  1 
ATOM 325  C "C2'"  . DA B 2 2 ? -4.451  7.117   6.165   1.00 0.00 ? 11 DA B "C2'"  1 
ATOM 326  C "C1'"  . DA B 2 2 ? -3.344  7.976   6.517   1.00 0.00 ? 11 DA B "C1'"  1 
ATOM 327  N N9     . DA B 2 2 ? -2.021  7.379   6.427   1.00 0.00 ? 11 DA B N9     1 
ATOM 328  C C8     . DA B 2 2 ? -1.589  6.237   7.027   1.00 0.00 ? 11 DA B C8     1 
ATOM 329  N N7     . DA B 2 2 ? -0.336  5.997   6.893   1.00 0.00 ? 11 DA B N7     1 
ATOM 330  C C5     . DA B 2 2 ? 0.103   7.115   6.177   1.00 0.00 ? 11 DA B C5     1 
ATOM 331  C C6     . DA B 2 2 ? 1.334   7.578   5.678   1.00 0.00 ? 11 DA B C6     1 
ATOM 332  N N6     . DA B 2 2 ? 2.465   6.923   5.778   1.00 0.00 ? 11 DA B N6     1 
ATOM 333  N N1     . DA B 2 2 ? 1.478   8.689   4.998   1.00 0.00 ? 11 DA B N1     1 
ATOM 334  C C2     . DA B 2 2 ? 0.399   9.431   4.824   1.00 0.00 ? 11 DA B C2     1 
ATOM 335  N N3     . DA B 2 2 ? -0.828  9.142   5.237   1.00 0.00 ? 11 DA B N3     1 
ATOM 336  C C4     . DA B 2 2 ? -0.912  7.962   5.906   1.00 0.00 ? 11 DA B C4     1 
ATOM 337  H "H5'"  . DA B 2 2 ? -4.663  8.203   10.070  1.00 0.00 ? 11 DA B "H5'"  1 
ATOM 338  H "H5''" . DA B 2 2 ? -6.210  7.540   9.613   1.00 0.00 ? 11 DA B "H5''" 1 
ATOM 339  H "H4'"  . DA B 2 2 ? -5.469  9.114   8.038   1.00 0.00 ? 11 DA B "H4'"  1 
ATOM 340  H "H3'"  . DA B 2 2 ? -6.061  6.601   7.201   1.00 0.00 ? 11 DA B "H3'"  1 
ATOM 341  H "H2'"  . DA B 2 2 ? -4.195  6.252   6.368   1.00 0.00 ? 11 DA B "H2'"  1 
ATOM 342  H "H2''" . DA B 2 2 ? -4.696  7.229   5.270   1.00 0.00 ? 11 DA B "H2''" 1 
ATOM 343  H "H1'"  . DA B 2 2 ? -3.354  8.802   5.933   1.00 0.00 ? 11 DA B "H1'"  1 
ATOM 344  H H8     . DA B 2 2 ? -2.222  5.609   7.608   1.00 0.00 ? 11 DA B H8     1 
ATOM 345  H H61    . DA B 2 2 ? 3.308   7.316   5.427   1.00 0.00 ? 11 DA B H61    1 
ATOM 346  H H62    . DA B 2 2 ? 2.515   6.022   6.187   1.00 0.00 ? 11 DA B H62    1 
ATOM 347  H H2     . DA B 2 2 ? 0.505   10.350  4.280   1.00 0.00 ? 11 DA B H2     1 
ATOM 348  P P      . DG B 2 3 ? -7.520  7.525   5.113   1.00 0.00 ? 12 DG B P      1 
ATOM 349  O OP1    . DG B 2 3 ? -8.567  8.501   4.933   1.00 0.00 ? 12 DG B OP1    1 
ATOM 350  O OP2    . DG B 2 3 ? -7.885  6.213   5.556   1.00 0.00 ? 12 DG B OP2    1 
ATOM 351  O "O5'"  . DG B 2 3 ? -6.714  7.399   3.748   1.00 0.00 ? 12 DG B "O5'"  1 
ATOM 352  C "C5'"  . DG B 2 3 ? -6.379  8.553   3.029   1.00 0.00 ? 12 DG B "C5'"  1 
ATOM 353  C "C4'"  . DG B 2 3 ? -5.439  8.229   1.867   1.00 0.00 ? 12 DG B "C4'"  1 
ATOM 354  O "O4'"  . DG B 2 3 ? -4.198  7.816   2.395   1.00 0.00 ? 12 DG B "O4'"  1 
ATOM 355  C "C3'"  . DG B 2 3 ? -5.905  7.088   0.976   1.00 0.00 ? 12 DG B "C3'"  1 
ATOM 356  O "O3'"  . DG B 2 3 ? -5.674  7.404   -0.388  1.00 0.00 ? 12 DG B "O3'"  1 
ATOM 357  C "C2'"  . DG B 2 3 ? -5.047  5.967   1.410   1.00 0.00 ? 12 DG B "C2'"  1 
ATOM 358  C "C1'"  . DG B 2 3 ? -3.773  6.682   1.725   1.00 0.00 ? 12 DG B "C1'"  1 
ATOM 359  N N9     . DG B 2 3 ? -2.757  5.966   2.525   1.00 0.00 ? 12 DG B N9     1 
ATOM 360  C C8     . DG B 2 3 ? -2.912  4.873   3.349   1.00 0.00 ? 12 DG B C8     1 
ATOM 361  N N7     . DG B 2 3 ? -1.795  4.440   3.874   1.00 0.00 ? 12 DG B N7     1 
ATOM 362  C C5     . DG B 2 3 ? -0.845  5.235   3.264   1.00 0.00 ? 12 DG B C5     1 
ATOM 363  C C6     . DG B 2 3 ? 0.605   5.228   3.339   1.00 0.00 ? 12 DG B C6     1 
ATOM 364  O O6     . DG B 2 3 ? 1.340   4.502   4.021   1.00 0.00 ? 12 DG B O6     1 
ATOM 365  N N1     . DG B 2 3 ? 1.231   6.131   2.505   1.00 0.00 ? 12 DG B N1     1 
ATOM 366  C C2     . DG B 2 3 ? 0.532   6.970   1.727   1.00 0.00 ? 12 DG B C2     1 
ATOM 367  N N2     . DG B 2 3 ? 1.208   7.710   0.892   1.00 0.00 ? 12 DG B N2     1 
ATOM 368  N N3     . DG B 2 3 ? -0.781  7.082   1.632   1.00 0.00 ? 12 DG B N3     1 
ATOM 369  C C4     . DG B 2 3 ? -1.420  6.155   2.410   1.00 0.00 ? 12 DG B C4     1 
ATOM 370  H "H5'"  . DG B 2 3 ? -5.863  9.229   3.687   1.00 0.00 ? 12 DG B "H5'"  1 
ATOM 371  H "H5''" . DG B 2 3 ? -7.272  9.004   2.667   1.00 0.00 ? 12 DG B "H5''" 1 
ATOM 372  H "H4'"  . DG B 2 3 ? -5.278  9.110   1.294   1.00 0.00 ? 12 DG B "H4'"  1 
ATOM 373  H "H3'"  . DG B 2 3 ? -6.948  6.862   1.156   1.00 0.00 ? 12 DG B "H3'"  1 
ATOM 374  H "H2'"  . DG B 2 3 ? -5.477  5.474   2.269   1.00 0.00 ? 12 DG B "H2'"  1 
ATOM 375  H "H2''" . DG B 2 3 ? -4.900  5.227   0.644   1.00 0.00 ? 12 DG B "H2''" 1 
ATOM 376  H "H1'"  . DG B 2 3 ? -3.362  6.980   0.790   1.00 0.00 ? 12 DG B "H1'"  1 
ATOM 377  H H8     . DG B 2 3 ? -3.879  4.443   3.493   1.00 0.00 ? 12 DG B H8     1 
ATOM 378  H H1     . DG B 2 3 ? 2.231   6.129   2.393   1.00 0.00 ? 12 DG B H1     1 
ATOM 379  H H21    . DG B 2 3 ? 2.183   7.549   0.747   1.00 0.00 ? 12 DG B H21    1 
ATOM 380  H H22    . DG B 2 3 ? 0.741   8.397   0.352   1.00 0.00 ? 12 DG B H22    1 
ATOM 381  P P      . DG B 2 4 ? -6.566  7.122   -1.566  1.00 0.00 ? 13 DG B P      1 
ATOM 382  O OP1    . DG B 2 4 ? -7.508  8.152   -1.669  1.00 0.00 ? 13 DG B OP1    1 
ATOM 383  O OP2    . DG B 2 4 ? -7.051  5.784   -1.482  1.00 0.00 ? 13 DG B OP2    1 
ATOM 384  O "O5'"  . DG B 2 4 ? -5.585  7.176   -2.801  1.00 0.00 ? 13 DG B "O5'"  1 
ATOM 385  C "C5'"  . DG B 2 4 ? -5.026  8.386   -3.251  1.00 0.00 ? 13 DG B "C5'"  1 
ATOM 386  C "C4'"  . DG B 2 4 ? -3.759  8.176   -3.977  1.00 0.00 ? 13 DG B "C4'"  1 
ATOM 387  O "O4'"  . DG B 2 4 ? -2.765  7.850   -3.068  1.00 0.00 ? 13 DG B "O4'"  1 
ATOM 388  C "C3'"  . DG B 2 4 ? -3.782  7.050   -4.990  1.00 0.00 ? 13 DG B "C3'"  1 
ATOM 389  O "O3'"  . DG B 2 4 ? -3.384  7.512   -6.258  1.00 0.00 ? 13 DG B "O3'"  1 
ATOM 390  C "C2'"  . DG B 2 4 ? -2.859  6.125   -4.476  1.00 0.00 ? 13 DG B "C2'"  1 
ATOM 391  C "C1'"  . DG B 2 4 ? -2.069  6.757   -3.435  1.00 0.00 ? 13 DG B "C1'"  1 
ATOM 392  N N9     . DG B 2 4 ? -1.840  5.890   -2.276  1.00 0.00 ? 13 DG B N9     1 
ATOM 393  C C8     . DG B 2 4 ? -2.748  5.331   -1.437  1.00 0.00 ? 13 DG B C8     1 
ATOM 394  N N7     . DG B 2 4 ? -2.251  4.583   -0.520  1.00 0.00 ? 13 DG B N7     1 
ATOM 395  C C5     . DG B 2 4 ? -0.891  4.609   -0.793  1.00 0.00 ? 13 DG B C5     1 
ATOM 396  C C6     . DG B 2 4 ? 0.204   3.958   -0.127  1.00 0.00 ? 13 DG B C6     1 
ATOM 397  O O6     . DG B 2 4 ? 0.223   3.306   0.931   1.00 0.00 ? 13 DG B O6     1 
ATOM 398  N N1     . DG B 2 4 ? 1.436   4.225   -0.695  1.00 0.00 ? 13 DG B N1     1 
ATOM 399  C C2     . DG B 2 4 ? 1.588   4.971   -1.790  1.00 0.00 ? 13 DG B C2     1 
ATOM 400  N N2     . DG B 2 4 ? 2.779   5.013   -2.287  1.00 0.00 ? 13 DG B N2     1 
ATOM 401  N N3     . DG B 2 4 ? 0.592   5.552   -2.477  1.00 0.00 ? 13 DG B N3     1 
ATOM 402  C C4     . DG B 2 4 ? -0.620  5.360   -1.909  1.00 0.00 ? 13 DG B C4     1 
ATOM 403  H "H5'"  . DG B 2 4 ? -4.856  9.030   -2.478  1.00 0.00 ? 13 DG B "H5'"  1 
ATOM 404  H "H5''" . DG B 2 4 ? -5.660  8.840   -3.936  1.00 0.00 ? 13 DG B "H5''" 1 
ATOM 405  H "H4'"  . DG B 2 4 ? -3.450  9.073   -4.504  1.00 0.00 ? 13 DG B "H4'"  1 
ATOM 406  H "H3'"  . DG B 2 4 ? -4.709  6.640   -5.085  1.00 0.00 ? 13 DG B "H3'"  1 
ATOM 407  H "H2'"  . DG B 2 4 ? -3.315  5.383   -4.022  1.00 0.00 ? 13 DG B "H2'"  1 
ATOM 408  H "H2''" . DG B 2 4 ? -2.265  5.857   -5.178  1.00 0.00 ? 13 DG B "H2''" 1 
ATOM 409  H "H1'"  . DG B 2 4 ? -1.208  7.085   -3.830  1.00 0.00 ? 13 DG B "H1'"  1 
ATOM 410  H H8     . DG B 2 4 ? -3.806  5.507   -1.535  1.00 0.00 ? 13 DG B H8     1 
ATOM 411  H H1     . DG B 2 4 ? 2.249   3.778   -0.319  1.00 0.00 ? 13 DG B H1     1 
ATOM 412  H H21    . DG B 2 4 ? 3.516   4.531   -1.820  1.00 0.00 ? 13 DG B H21    1 
ATOM 413  H H22    . DG B 2 4 ? 2.967   5.516   -3.116  1.00 0.00 ? 13 DG B H22    1 
ATOM 414  P P      . DC B 2 5 ? -3.526  6.667   -7.597  1.00 0.00 ? 14 DC B P      1 
ATOM 415  O OP1    . DC B 2 5 ? -3.457  7.623   -8.705  1.00 0.00 ? 14 DC B OP1    1 
ATOM 416  O OP2    . DC B 2 5 ? -4.721  5.828   -7.496  1.00 0.00 ? 14 DC B OP2    1 
ATOM 417  O "O5'"  . DC B 2 5 ? -2.225  5.721   -7.690  1.00 0.00 ? 14 DC B "O5'"  1 
ATOM 418  C "C5'"  . DC B 2 5 ? -0.951  6.254   -7.966  1.00 0.00 ? 14 DC B "C5'"  1 
ATOM 419  C "C4'"  . DC B 2 5 ? 0.188   5.257   -7.842  1.00 0.00 ? 14 DC B "C4'"  1 
ATOM 420  O "O4'"  . DC B 2 5 ? 0.311   4.852   -6.492  1.00 0.00 ? 14 DC B "O4'"  1 
ATOM 421  C "C3'"  . DC B 2 5 ? 0.119   3.987   -8.702  1.00 0.00 ? 14 DC B "C3'"  1 
ATOM 422  O "O3'"  . DC B 2 5 ? 1.343   3.808   -9.326  1.00 0.00 ? 14 DC B "O3'"  1 
ATOM 423  C "C2'"  . DC B 2 5 ? -0.231  2.922   -7.729  1.00 0.00 ? 14 DC B "C2'"  1 
ATOM 424  C "C1'"  . DC B 2 5 ? 0.463   3.449   -6.470  1.00 0.00 ? 14 DC B "C1'"  1 
ATOM 425  N N1     . DC B 2 5 ? -0.062  2.873   -5.197  1.00 0.00 ? 14 DC B N1     1 
ATOM 426  C C2     . DC B 2 5 ? 0.796   2.363   -4.246  1.00 0.00 ? 14 DC B C2     1 
ATOM 427  O O2     . DC B 2 5 ? 2.004   2.303   -4.406  1.00 0.00 ? 14 DC B O2     1 
ATOM 428  N N3     . DC B 2 5 ? 0.320   1.885   -3.058  1.00 0.00 ? 14 DC B N3     1 
ATOM 429  C C4     . DC B 2 5 ? -0.966  1.974   -2.818  1.00 0.00 ? 14 DC B C4     1 
ATOM 430  N N4     . DC B 2 5 ? -1.360  1.493   -1.654  1.00 0.00 ? 14 DC B N4     1 
ATOM 431  C C5     . DC B 2 5 ? -1.910  2.529   -3.734  1.00 0.00 ? 14 DC B C5     1 
ATOM 432  C C6     . DC B 2 5 ? -1.432  2.912   -4.930  1.00 0.00 ? 14 DC B C6     1 
ATOM 433  H "H5'"  . DC B 2 5 ? -0.807  7.055   -7.272  1.00 0.00 ? 14 DC B "H5'"  1 
ATOM 434  H "H5''" . DC B 2 5 ? -0.971  6.616   -8.982  1.00 0.00 ? 14 DC B "H5''" 1 
ATOM 435  H "H4'"  . DC B 2 5 ? 1.100   5.746   -8.132  1.00 0.00 ? 14 DC B "H4'"  1 
ATOM 436  H "H3'"  . DC B 2 5 ? -0.627  4.134   -9.466  1.00 0.00 ? 14 DC B "H3'"  1 
ATOM 437  H "H2'"  . DC B 2 5 ? -1.288  2.880   -7.573  1.00 0.00 ? 14 DC B "H2'"  1 
ATOM 438  H "H2''" . DC B 2 5 ? 0.135   1.963   -8.023  1.00 0.00 ? 14 DC B "H2''" 1 
ATOM 439  H "H1'"  . DC B 2 5 ? 1.507   3.240   -6.569  1.00 0.00 ? 14 DC B "H1'"  1 
ATOM 440  H H41    . DC B 2 5 ? -0.666  1.142   -1.025  1.00 0.00 ? 14 DC B H41    1 
ATOM 441  H H42    . DC B 2 5 ? -2.327  1.558   -1.398  1.00 0.00 ? 14 DC B H42    1 
ATOM 442  H H5     . DC B 2 5 ? -2.955  2.630   -3.517  1.00 0.00 ? 14 DC B H5     1 
ATOM 443  H H6     . DC B 2 5 ? -2.078  3.295   -5.691  1.00 0.00 ? 14 DC B H6     1 
ATOM 444  P P      . DC B 2 6 ? 1.608   2.663   -10.385 1.00 0.00 ? 15 DC B P      1 
ATOM 445  O OP1    . DC B 2 6 ? 2.679   3.145   -11.263 1.00 0.00 ? 15 DC B OP1    1 
ATOM 446  O OP2    . DC B 2 6 ? 0.357   2.226   -10.982 1.00 0.00 ? 15 DC B OP2    1 
ATOM 447  O "O5'"  . DC B 2 6 ? 2.185   1.489   -9.540  1.00 0.00 ? 15 DC B "O5'"  1 
ATOM 448  C "C5'"  . DC B 2 6 ? 3.374   1.640   -8.764  1.00 0.00 ? 15 DC B "C5'"  1 
ATOM 449  C "C4'"  . DC B 2 6 ? 3.692   0.445   -7.918  1.00 0.00 ? 15 DC B "C4'"  1 
ATOM 450  O "O4'"  . DC B 2 6 ? 2.858   0.377   -6.842  1.00 0.00 ? 15 DC B "O4'"  1 
ATOM 451  C "C3'"  . DC B 2 6 ? 3.642   -0.861  -8.677  1.00 0.00 ? 15 DC B "C3'"  1 
ATOM 452  O "O3'"  . DC B 2 6 ? 4.912   -1.415  -8.678  1.00 0.00 ? 15 DC B "O3'"  1 
ATOM 453  C "C2'"  . DC B 2 6 ? 2.678   -1.634  -7.810  1.00 0.00 ? 15 DC B "C2'"  1 
ATOM 454  C "C1'"  . DC B 2 6 ? 2.636   -0.908  -6.537  1.00 0.00 ? 15 DC B "C1'"  1 
ATOM 455  N N1     . DC B 2 6 ? 1.339   -0.993  -5.856  1.00 0.00 ? 15 DC B N1     1 
ATOM 456  C C2     . DC B 2 6 ? 1.309   -1.549  -4.585  1.00 0.00 ? 15 DC B C2     1 
ATOM 457  O O2     . DC B 2 6 ? 2.293   -2.030  -4.070  1.00 0.00 ? 15 DC B O2     1 
ATOM 458  N N3     . DC B 2 6 ? 0.159   -1.575  -3.862  1.00 0.00 ? 15 DC B N3     1 
ATOM 459  C C4     . DC B 2 6 ? -0.927  -1.117  -4.399  1.00 0.00 ? 15 DC B C4     1 
ATOM 460  N N4     . DC B 2 6 ? -1.988  -1.133  -3.665  1.00 0.00 ? 15 DC B N4     1 
ATOM 461  C C5     . DC B 2 6 ? -0.970  -0.619  -5.728  1.00 0.00 ? 15 DC B C5     1 
ATOM 462  C C6     . DC B 2 6 ? 0.183   -0.568  -6.453  1.00 0.00 ? 15 DC B C6     1 
ATOM 463  H "H5'"  . DC B 2 6 ? 3.315   2.522   -8.156  1.00 0.00 ? 15 DC B "H5'"  1 
ATOM 464  H "H5''" . DC B 2 6 ? 4.163   1.741   -9.463  1.00 0.00 ? 15 DC B "H5''" 1 
ATOM 465  H "H4'"  . DC B 2 6 ? 4.686   0.586   -7.561  1.00 0.00 ? 15 DC B "H4'"  1 
ATOM 466  H "H3'"  . DC B 2 6 ? 3.255   -0.739  -9.677  1.00 0.00 ? 15 DC B "H3'"  1 
ATOM 467  H "H2'"  . DC B 2 6 ? 1.712   -1.650  -8.268  1.00 0.00 ? 15 DC B "H2'"  1 
ATOM 468  H "H2''" . DC B 2 6 ? 3.027   -2.604  -7.660  1.00 0.00 ? 15 DC B "H2''" 1 
ATOM 469  H "H1'"  . DC B 2 6 ? 3.434   -1.246  -5.937  1.00 0.00 ? 15 DC B "H1'"  1 
ATOM 470  H H41    . DC B 2 6 ? -1.883  -1.490  -2.733  1.00 0.00 ? 15 DC B H41    1 
ATOM 471  H H42    . DC B 2 6 ? -2.818  -0.698  -4.012  1.00 0.00 ? 15 DC B H42    1 
ATOM 472  H H5     . DC B 2 6 ? -1.874  -0.198  -6.105  1.00 0.00 ? 15 DC B H5     1 
ATOM 473  H H6     . DC B 2 6 ? 0.218   -0.164  -7.447  1.00 0.00 ? 15 DC B H6     1 
ATOM 474  P P      . DT B 2 7 ? 5.284   -2.619  -9.577  1.00 0.00 ? 16 DT B P      1 
ATOM 475  O OP1    . DT B 2 7 ? 6.723   -2.570  -9.787  1.00 0.00 ? 16 DT B OP1    1 
ATOM 476  O OP2    . DT B 2 7 ? 4.440   -2.637  -10.740 1.00 0.00 ? 16 DT B OP2    1 
ATOM 477  O "O5'"  . DT B 2 7 ? 4.936   -3.934  -8.742  1.00 0.00 ? 16 DT B "O5'"  1 
ATOM 478  C "C5'"  . DT B 2 7 ? 5.829   -4.454  -7.767  1.00 0.00 ? 16 DT B "C5'"  1 
ATOM 479  C "C4'"  . DT B 2 7 ? 5.203   -5.474  -6.913  1.00 0.00 ? 16 DT B "C4'"  1 
ATOM 480  O "O4'"  . DT B 2 7 ? 4.159   -4.861  -6.188  1.00 0.00 ? 16 DT B "O4'"  1 
ATOM 481  C "C3'"  . DT B 2 7 ? 4.601   -6.625  -7.631  1.00 0.00 ? 16 DT B "C3'"  1 
ATOM 482  O "O3'"  . DT B 2 7 ? 5.007   -7.864  -7.289  1.00 0.00 ? 16 DT B "O3'"  1 
ATOM 483  C "C2'"  . DT B 2 7 ? 3.320   -6.423  -7.281  1.00 0.00 ? 16 DT B "C2'"  1 
ATOM 484  C "C1'"  . DT B 2 7 ? 3.207   -5.773  -6.029  1.00 0.00 ? 16 DT B "C1'"  1 
ATOM 485  N N1     . DT B 2 7 ? 1.860   -5.238  -5.734  1.00 0.00 ? 16 DT B N1     1 
ATOM 486  C C2     . DT B 2 7 ? 1.313   -5.488  -4.454  1.00 0.00 ? 16 DT B C2     1 
ATOM 487  O O2     . DT B 2 7 ? 1.877   -6.113  -3.558  1.00 0.00 ? 16 DT B O2     1 
ATOM 488  N N3     . DT B 2 7 ? 0.050   -5.093  -4.250  1.00 0.00 ? 16 DT B N3     1 
ATOM 489  C C4     . DT B 2 7 ? -0.777  -4.648  -5.214  1.00 0.00 ? 16 DT B C4     1 
ATOM 490  O O4     . DT B 2 7 ? -1.911  -4.477  -4.927  1.00 0.00 ? 16 DT B O4     1 
ATOM 491  C C5     . DT B 2 7 ? -0.253  -4.517  -6.529  1.00 0.00 ? 16 DT B C5     1 
ATOM 492  C C7     . DT B 2 7 ? -1.082  -4.050  -7.685  1.00 0.00 ? 16 DT B C7     1 
ATOM 493  C C6     . DT B 2 7 ? 1.029   -4.835  -6.753  1.00 0.00 ? 16 DT B C6     1 
ATOM 494  H "H5'"  . DT B 2 7 ? 6.159   -3.678  -7.157  1.00 0.00 ? 16 DT B "H5'"  1 
ATOM 495  H "H5''" . DT B 2 7 ? 6.668   -4.876  -8.239  1.00 0.00 ? 16 DT B "H5''" 1 
ATOM 496  H "H4'"  . DT B 2 7 ? 5.926   -5.889  -6.236  1.00 0.00 ? 16 DT B "H4'"  1 
ATOM 497  H "H3'"  . DT B 2 7 ? 4.719   -6.553  -8.602  1.00 0.00 ? 16 DT B "H3'"  1 
ATOM 498  H "H2'"  . DT B 2 7 ? 2.867   -5.931  -7.871  1.00 0.00 ? 16 DT B "H2'"  1 
ATOM 499  H "H2''" . DT B 2 7 ? 3.015   -7.225  -7.283  1.00 0.00 ? 16 DT B "H2''" 1 
ATOM 500  H "H1'"  . DT B 2 7 ? 3.504   -6.446  -5.310  1.00 0.00 ? 16 DT B "H1'"  1 
ATOM 501  H H3     . DT B 2 7 ? -0.346  -5.335  -3.366  1.00 0.00 ? 16 DT B H3     1 
ATOM 502  H H71    . DT B 2 7 ? -1.612  -3.161  -7.411  1.00 0.00 ? 16 DT B H71    1 
ATOM 503  H H72    . DT B 2 7 ? -0.459  -3.843  -8.510  1.00 0.00 ? 16 DT B H72    1 
ATOM 504  H H73    . DT B 2 7 ? -1.799  -4.787  -7.930  1.00 0.00 ? 16 DT B H73    1 
ATOM 505  H H6     . DT B 2 7 ? 1.413   -4.771  -7.744  1.00 0.00 ? 16 DT B H6     1 
ATOM 506  P P      . DA B 2 8 ? 4.531   -9.257  -7.882  1.00 0.00 ? 17 DA B P      1 
ATOM 507  O OP1    . DA B 2 8 ? 5.728   -10.053 -8.134  1.00 0.00 ? 17 DA B OP1    1 
ATOM 508  O OP2    . DA B 2 8 ? 3.586   -8.989  -8.959  1.00 0.00 ? 17 DA B OP2    1 
ATOM 509  O "O5'"  . DA B 2 8 ? 3.771   -9.977  -6.686  1.00 0.00 ? 17 DA B "O5'"  1 
ATOM 510  C "C5'"  . DA B 2 8 ? 4.373   -10.203 -5.444  1.00 0.00 ? 17 DA B "C5'"  1 
ATOM 511  C "C4'"  . DA B 2 8 ? 3.499   -10.972 -4.447  1.00 0.00 ? 17 DA B "C4'"  1 
ATOM 512  O "O4'"  . DA B 2 8 ? 2.465   -10.195 -4.068  1.00 0.00 ? 17 DA B "O4'"  1 
ATOM 513  C "C3'"  . DA B 2 8 ? 2.987   -12.292 -4.965  1.00 0.00 ? 17 DA B "C3'"  1 
ATOM 514  O "O3'"  . DA B 2 8 ? 3.074   -13.305 -4.009  1.00 0.00 ? 17 DA B "O3'"  1 
ATOM 515  C "C2'"  . DA B 2 8 ? 1.561   -11.898 -5.259  1.00 0.00 ? 17 DA B "C2'"  1 
ATOM 516  C "C1'"  . DA B 2 8 ? 1.305   -10.914 -4.154  1.00 0.00 ? 17 DA B "C1'"  1 
ATOM 517  N N9     . DA B 2 8 ? 0.204   -10.039 -4.470  1.00 0.00 ? 17 DA B N9     1 
ATOM 518  C C8     . DA B 2 8 ? 0.006   -9.444  -5.570  1.00 0.00 ? 17 DA B C8     1 
ATOM 519  N N7     . DA B 2 8 ? -1.101  -8.742  -5.668  1.00 0.00 ? 17 DA B N7     1 
ATOM 520  C C5     . DA B 2 8 ? -1.681  -8.908  -4.490  1.00 0.00 ? 17 DA B C5     1 
ATOM 521  C C6     . DA B 2 8 ? -2.859  -8.473  -3.932  1.00 0.00 ? 17 DA B C6     1 
ATOM 522  N N6     . DA B 2 8 ? -3.759  -7.761  -4.552  1.00 0.00 ? 17 DA B N6     1 
ATOM 523  N N1     . DA B 2 8 ? -3.207  -8.852  -2.756  1.00 0.00 ? 17 DA B N1     1 
ATOM 524  C C2     . DA B 2 8 ? -2.370  -9.684  -2.135  1.00 0.00 ? 17 DA B C2     1 
ATOM 525  N N3     . DA B 2 8 ? -1.201  -10.174 -2.542  1.00 0.00 ? 17 DA B N3     1 
ATOM 526  C C4     . DA B 2 8 ? -0.926  -9.737  -3.737  1.00 0.00 ? 17 DA B C4     1 
ATOM 527  H "H5'"  . DA B 2 8 ? 4.709   -9.294  -5.037  1.00 0.00 ? 17 DA B "H5'"  1 
ATOM 528  H "H5''" . DA B 2 8 ? 5.243   -10.736 -5.575  1.00 0.00 ? 17 DA B "H5''" 1 
ATOM 529  H "H4'"  . DA B 2 8 ? 4.094   -11.156 -3.589  1.00 0.00 ? 17 DA B "H4'"  1 
ATOM 530  H "H3'"  . DA B 2 8 ? 3.487   -12.555 -5.873  1.00 0.00 ? 17 DA B "H3'"  1 
ATOM 531  H "H2'"  . DA B 2 8 ? 1.471   -11.427 -6.225  1.00 0.00 ? 17 DA B "H2'"  1 
ATOM 532  H "H2''" . DA B 2 8 ? 0.898   -12.735 -5.188  1.00 0.00 ? 17 DA B "H2''" 1 
ATOM 533  H "H1'"  . DA B 2 8 ? 1.097   -11.449 -3.244  1.00 0.00 ? 17 DA B "H1'"  1 
ATOM 534  H H8     . DA B 2 8 ? 0.700   -9.551  -6.308  1.00 0.00 ? 17 DA B H8     1 
ATOM 535  H H61    . DA B 2 8 ? -4.583  -7.515  -4.084  1.00 0.00 ? 17 DA B H61    1 
ATOM 536  H H62    . DA B 2 8 ? -3.572  -7.468  -5.487  1.00 0.00 ? 17 DA B H62    1 
ATOM 537  H H2     . DA B 2 8 ? -2.630  -9.954  -1.150  1.00 0.00 ? 17 DA B H2     1 
ATOM 538  P P      . DA B 2 9 ? 2.683   -14.810 -4.274  1.00 0.00 ? 18 DA B P      1 
ATOM 539  O OP1    . DA B 2 9 ? 3.532   -15.657 -3.427  1.00 0.00 ? 18 DA B OP1    1 
ATOM 540  O OP2    . DA B 2 9 ? 2.656   -15.085 -5.736  1.00 0.00 ? 18 DA B OP2    1 
ATOM 541  O "O5'"  . DA B 2 9 ? 1.177   -14.939 -3.704  1.00 0.00 ? 18 DA B "O5'"  1 
ATOM 542  C "C5'"  . DA B 2 9 ? 0.946   -14.882 -2.307  1.00 0.00 ? 18 DA B "C5'"  1 
ATOM 543  C "C4'"  . DA B 2 9 ? -0.508  -15.020 -1.923  1.00 0.00 ? 18 DA B "C4'"  1 
ATOM 544  O "O4'"  . DA B 2 9 ? -1.198  -13.874 -2.264  1.00 0.00 ? 18 DA B "O4'"  1 
ATOM 545  C "C3'"  . DA B 2 9 ? -1.211  -16.169 -2.554  1.00 0.00 ? 18 DA B "C3'"  1 
ATOM 546  O "O3'"  . DA B 2 9 ? -1.632  -17.131 -1.737  1.00 0.00 ? 18 DA B "O3'"  1 
ATOM 547  C "C2'"  . DA B 2 9 ? -2.306  -15.602 -3.029  1.00 0.00 ? 18 DA B "C2'"  1 
ATOM 548  C "C1'"  . DA B 2 9 ? -2.446  -14.238 -2.619  1.00 0.00 ? 18 DA B "C1'"  1 
ATOM 549  N N9     . DA B 2 9 ? -2.963  -13.339 -3.632  1.00 0.00 ? 18 DA B N9     1 
ATOM 550  C C8     . DA B 2 9 ? -2.447  -13.125 -4.784  1.00 0.00 ? 18 DA B C8     1 
ATOM 551  N N7     . DA B 2 9 ? -3.122  -12.308 -5.533  1.00 0.00 ? 18 DA B N7     1 
ATOM 552  C C5     . DA B 2 9 ? -4.178  -11.983 -4.759  1.00 0.00 ? 18 DA B C5     1 
ATOM 553  C C6     . DA B 2 9 ? -5.312  -11.163 -4.895  1.00 0.00 ? 18 DA B C6     1 
ATOM 554  N N6     . DA B 2 9 ? -5.599  -10.440 -5.888  1.00 0.00 ? 18 DA B N6     1 
ATOM 555  N N1     . DA B 2 9 ? -6.135  -11.082 -3.988  1.00 0.00 ? 18 DA B N1     1 
ATOM 556  C C2     . DA B 2 9 ? -5.901  -11.806 -2.910  1.00 0.00 ? 18 DA B C2     1 
ATOM 557  N N3     . DA B 2 9 ? -4.920  -12.593 -2.625  1.00 0.00 ? 18 DA B N3     1 
ATOM 558  C C4     . DA B 2 9 ? -4.111  -12.639 -3.605  1.00 0.00 ? 18 DA B C4     1 
ATOM 559  H "H5'"  . DA B 2 9 ? 1.282   -13.940 -1.898  1.00 0.00 ? 18 DA B "H5'"  1 
ATOM 560  H "H5''" . DA B 2 9 ? 1.448   -15.701 -1.823  1.00 0.00 ? 18 DA B "H5''" 1 
ATOM 561  H "H4'"  . DA B 2 9 ? -0.534  -15.140 -0.855  1.00 0.00 ? 18 DA B "H4'"  1 
ATOM 562  H "H3'"  . DA B 2 9 ? -0.665  -16.531 -3.271  1.00 0.00 ? 18 DA B "H3'"  1 
ATOM 563  H "HO3'" . DA B 2 9 ? -0.916  -17.475 -1.396  1.00 0.00 ? 18 DA B "HO3'" 1 
ATOM 564  H "H2'"  . DA B 2 9 ? -2.328  -15.561 -3.888  1.00 0.00 ? 18 DA B "H2'"  1 
ATOM 565  H "H2''" . DA B 2 9 ? -2.927  -16.112 -2.761  1.00 0.00 ? 18 DA B "H2''" 1 
ATOM 566  H "H1'"  . DA B 2 9 ? -3.062  -14.208 -1.789  1.00 0.00 ? 18 DA B "H1'"  1 
ATOM 567  H H8     . DA B 2 9 ? -1.579  -13.677 -5.017  1.00 0.00 ? 18 DA B H8     1 
ATOM 568  H H61    . DA B 2 9 ? -6.356  -9.858  -5.884  1.00 0.00 ? 18 DA B H61    1 
ATOM 569  H H62    . DA B 2 9 ? -5.029  -10.347 -6.570  1.00 0.00 ? 18 DA B H62    1 
ATOM 570  H H2     . DA B 2 9 ? -6.595  -11.736 -2.203  1.00 0.00 ? 18 DA B H2     1 
ATOM 571  O "O5'"  . DT A 1 1 ? -10.278 -11.788 3.411   1.00 0.00 ? 1  DT A "O5'"  2 
ATOM 572  C "C5'"  . DT A 1 1 ? -9.932  -12.946 3.960   1.00 0.00 ? 1  DT A "C5'"  2 
ATOM 573  C "C4'"  . DT A 1 1 ? -8.589  -13.344 3.778   1.00 0.00 ? 1  DT A "C4'"  2 
ATOM 574  O "O4'"  . DT A 1 1 ? -8.327  -13.479 2.423   1.00 0.00 ? 1  DT A "O4'"  2 
ATOM 575  C "C3'"  . DT A 1 1 ? -7.571  -12.490 4.513   1.00 0.00 ? 1  DT A "C3'"  2 
ATOM 576  O "O3'"  . DT A 1 1 ? -6.891  -13.308 5.448   1.00 0.00 ? 1  DT A "O3'"  2 
ATOM 577  C "C2'"  . DT A 1 1 ? -6.760  -12.025 3.296   1.00 0.00 ? 1  DT A "C2'"  2 
ATOM 578  C "C1'"  . DT A 1 1 ? -7.021  -13.000 2.164   1.00 0.00 ? 1  DT A "C1'"  2 
ATOM 579  N N1     . DT A 1 1 ? -6.905  -12.306 0.854   1.00 0.00 ? 1  DT A N1     2 
ATOM 580  C C2     . DT A 1 1 ? -5.768  -12.526 0.116   1.00 0.00 ? 1  DT A C2     2 
ATOM 581  O O2     . DT A 1 1 ? -4.862  -13.303 0.438   1.00 0.00 ? 1  DT A O2     2 
ATOM 582  N N3     . DT A 1 1 ? -5.664  -11.839 -1.052  1.00 0.00 ? 1  DT A N3     2 
ATOM 583  C C4     . DT A 1 1 ? -6.657  -11.035 -1.589  1.00 0.00 ? 1  DT A C4     2 
ATOM 584  O O4     . DT A 1 1 ? -6.492  -10.516 -2.675  1.00 0.00 ? 1  DT A O4     2 
ATOM 585  C C5     . DT A 1 1 ? -7.811  -10.802 -0.736  1.00 0.00 ? 1  DT A C5     2 
ATOM 586  C C7     . DT A 1 1 ? -8.903  -9.850  -1.109  1.00 0.00 ? 1  DT A C7     2 
ATOM 587  C C6     . DT A 1 1 ? -7.896  -11.451 0.459   1.00 0.00 ? 1  DT A C6     2 
ATOM 588  H "H5'"  . DT A 1 1 ? -10.552 -13.666 3.530   1.00 0.00 ? 1  DT A "H5'"  2 
ATOM 589  H "H5''" . DT A 1 1 ? -10.023 -12.882 4.981   1.00 0.00 ? 1  DT A "H5''" 2 
ATOM 590  H "H4'"  . DT A 1 1 ? -8.473  -14.242 4.194   1.00 0.00 ? 1  DT A "H4'"  2 
ATOM 591  H "H3'"  . DT A 1 1 ? -8.070  -11.687 4.985   1.00 0.00 ? 1  DT A "H3'"  2 
ATOM 592  H "H2'"  . DT A 1 1 ? -7.050  -11.031 3.033   1.00 0.00 ? 1  DT A "H2'"  2 
ATOM 593  H "H2''" . DT A 1 1 ? -5.721  -12.073 3.525   1.00 0.00 ? 1  DT A "H2''" 2 
ATOM 594  H "H1'"  . DT A 1 1 ? -6.321  -13.819 2.158   1.00 0.00 ? 1  DT A "H1'"  2 
ATOM 595  H H3     . DT A 1 1 ? -4.901  -12.099 -1.646  1.00 0.00 ? 1  DT A H3     2 
ATOM 596  H H71    . DT A 1 1 ? -9.472  -10.190 -1.936  1.00 0.00 ? 1  DT A H71    2 
ATOM 597  H H72    . DT A 1 1 ? -9.546  -9.665  -0.276  1.00 0.00 ? 1  DT A H72    2 
ATOM 598  H H73    . DT A 1 1 ? -8.509  -8.894  -1.323  1.00 0.00 ? 1  DT A H73    2 
ATOM 599  H H6     . DT A 1 1 ? -8.735  -11.305 1.110   1.00 0.00 ? 1  DT A H6     2 
ATOM 600  H H5T    . DT A 1 1 ? -11.027 -11.669 3.602   1.00 0.00 ? 1  DT A H5T    2 
ATOM 601  P P      . DT A 1 2 ? -5.868  -12.690 6.522   1.00 0.00 ? 2  DT A P      2 
ATOM 602  O OP1    . DT A 1 2 ? -5.695  -13.719 7.528   1.00 0.00 ? 2  DT A OP1    2 
ATOM 603  O OP2    . DT A 1 2 ? -6.334  -11.383 6.939   1.00 0.00 ? 2  DT A OP2    2 
ATOM 604  O "O5'"  . DT A 1 2 ? -4.540  -12.484 5.760   1.00 0.00 ? 2  DT A "O5'"  2 
ATOM 605  C "C5'"  . DT A 1 2 ? -3.863  -13.593 5.216   1.00 0.00 ? 2  DT A "C5'"  2 
ATOM 606  C "C4'"  . DT A 1 2 ? -2.634  -13.208 4.419   1.00 0.00 ? 2  DT A "C4'"  2 
ATOM 607  O "O4'"  . DT A 1 2 ? -3.052  -12.576 3.219   1.00 0.00 ? 2  DT A "O4'"  2 
ATOM 608  C "C3'"  . DT A 1 2 ? -1.735  -12.211 5.154   1.00 0.00 ? 2  DT A "C3'"  2 
ATOM 609  O "O3'"  . DT A 1 2 ? -0.415  -12.700 5.079   1.00 0.00 ? 2  DT A "O3'"  2 
ATOM 610  C "C2'"  . DT A 1 2 ? -1.847  -10.938 4.330   1.00 0.00 ? 2  DT A "C2'"  2 
ATOM 611  C "C1'"  . DT A 1 2 ? -2.144  -11.560 2.953   1.00 0.00 ? 2  DT A "C1'"  2 
ATOM 612  N N1     . DT A 1 2 ? -2.740  -10.615 1.985   1.00 0.00 ? 2  DT A N1     2 
ATOM 613  C C2     . DT A 1 2 ? -2.071  -10.458 0.785   1.00 0.00 ? 2  DT A C2     2 
ATOM 614  O O2     . DT A 1 2 ? -1.018  -11.023 0.521   1.00 0.00 ? 2  DT A O2     2 
ATOM 615  N N3     . DT A 1 2 ? -2.659  -9.669  -0.171  1.00 0.00 ? 2  DT A N3     2 
ATOM 616  C C4     . DT A 1 2 ? -3.870  -9.065  -0.031  1.00 0.00 ? 2  DT A C4     2 
ATOM 617  O O4     . DT A 1 2 ? -4.306  -8.460  -1.002  1.00 0.00 ? 2  DT A O4     2 
ATOM 618  C C5     . DT A 1 2 ? -4.525  -9.222  1.255   1.00 0.00 ? 2  DT A C5     2 
ATOM 619  C C7     . DT A 1 2 ? -5.854  -8.577  1.531   1.00 0.00 ? 2  DT A C7     2 
ATOM 620  C C6     . DT A 1 2 ? -3.964  -10.013 2.224   1.00 0.00 ? 2  DT A C6     2 
ATOM 621  H "H5'"  . DT A 1 2 ? -4.438  -14.149 4.503   1.00 0.00 ? 2  DT A "H5'"  2 
ATOM 622  H "H5''" . DT A 1 2 ? -3.553  -14.278 5.988   1.00 0.00 ? 2  DT A "H5''" 2 
ATOM 623  H "H4'"  . DT A 1 2 ? -2.095  -14.118 4.171   1.00 0.00 ? 2  DT A "H4'"  2 
ATOM 624  H "H3'"  . DT A 1 2 ? -2.031  -12.126 6.188   1.00 0.00 ? 2  DT A "H3'"  2 
ATOM 625  H "H2'"  . DT A 1 2 ? -2.700  -10.370 4.670   1.00 0.00 ? 2  DT A "H2'"  2 
ATOM 626  H "H2''" . DT A 1 2 ? -0.956  -10.326 4.311   1.00 0.00 ? 2  DT A "H2''" 2 
ATOM 627  H "H1'"  . DT A 1 2 ? -1.227  -11.956 2.563   1.00 0.00 ? 2  DT A "H1'"  2 
ATOM 628  H H3     . DT A 1 2 ? -2.195  -9.664  -1.060  1.00 0.00 ? 2  DT A H3     2 
ATOM 629  H H71    . DT A 1 2 ? -5.730  -7.504  1.554   1.00 0.00 ? 2  DT A H71    2 
ATOM 630  H H72    . DT A 1 2 ? -6.583  -8.775  0.767   1.00 0.00 ? 2  DT A H72    2 
ATOM 631  H H73    . DT A 1 2 ? -6.175  -8.927  2.487   1.00 0.00 ? 2  DT A H73    2 
ATOM 632  H H6     . DT A 1 2 ? -4.404  -10.109 3.195   1.00 0.00 ? 2  DT A H6     2 
ATOM 633  P P      . DA A 1 3 ? 0.802   -12.032 5.875   1.00 0.00 ? 3  DA A P      2 
ATOM 634  O OP1    . DA A 1 3 ? 1.715   -13.091 6.290   1.00 0.00 ? 3  DA A OP1    2 
ATOM 635  O OP2    . DA A 1 3 ? 0.301   -11.073 6.884   1.00 0.00 ? 3  DA A OP2    2 
ATOM 636  O "O5'"  . DA A 1 3 ? 1.537   -11.176 4.773   1.00 0.00 ? 3  DA A "O5'"  2 
ATOM 637  C "C5'"  . DA A 1 3 ? 2.244   -11.835 3.766   1.00 0.00 ? 3  DA A "C5'"  2 
ATOM 638  C "C4'"  . DA A 1 3 ? 2.958   -10.897 2.767   1.00 0.00 ? 3  DA A "C4'"  2 
ATOM 639  O "O4'"  . DA A 1 3 ? 2.053   -10.280 1.905   1.00 0.00 ? 3  DA A "O4'"  2 
ATOM 640  C "C3'"  . DA A 1 3 ? 3.763   -9.790  3.418   1.00 0.00 ? 3  DA A "C3'"  2 
ATOM 641  O "O3'"  . DA A 1 3 ? 5.112   -9.938  3.283   1.00 0.00 ? 3  DA A "O3'"  2 
ATOM 642  C "C2'"  . DA A 1 3 ? 3.155   -8.619  2.708   1.00 0.00 ? 3  DA A "C2'"  2 
ATOM 643  C "C1'"  . DA A 1 3 ? 2.343   -9.029  1.560   1.00 0.00 ? 3  DA A "C1'"  2 
ATOM 644  N N9     . DA A 1 3 ? 1.176   -8.230  1.244   1.00 0.00 ? 3  DA A N9     2 
ATOM 645  C C8     . DA A 1 3 ? 0.124   -7.888  2.076   1.00 0.00 ? 3  DA A C8     2 
ATOM 646  N N7     . DA A 1 3 ? -0.804  -7.168  1.492   1.00 0.00 ? 3  DA A N7     2 
ATOM 647  C C5     . DA A 1 3 ? -0.345  -7.077  0.170   1.00 0.00 ? 3  DA A C5     2 
ATOM 648  C C6     . DA A 1 3 ? -0.854  -6.541  -1.052  1.00 0.00 ? 3  DA A C6     2 
ATOM 649  N N6     . DA A 1 3 ? -2.026  -5.937  -1.204  1.00 0.00 ? 3  DA A N6     2 
ATOM 650  N N1     . DA A 1 3 ? -0.176  -6.602  -2.166  1.00 0.00 ? 3  DA A N1     2 
ATOM 651  C C2     . DA A 1 3 ? 0.985   -7.203  -2.152  1.00 0.00 ? 3  DA A C2     2 
ATOM 652  N N3     . DA A 1 3 ? 1.589   -7.809  -1.159  1.00 0.00 ? 3  DA A N3     2 
ATOM 653  C C4     . DA A 1 3 ? 0.869   -7.701  0.007   1.00 0.00 ? 3  DA A C4     2 
ATOM 654  H "H5'"  . DA A 1 3 ? 1.599   -12.494 3.212   1.00 0.00 ? 3  DA A "H5'"  2 
ATOM 655  H "H5''" . DA A 1 3 ? 3.031   -12.440 4.178   1.00 0.00 ? 3  DA A "H5''" 2 
ATOM 656  H "H4'"  . DA A 1 3 ? 3.641   -11.548 2.259   1.00 0.00 ? 3  DA A "H4'"  2 
ATOM 657  H "H3'"  . DA A 1 3 ? 3.559   -9.757  4.439   1.00 0.00 ? 3  DA A "H3'"  2 
ATOM 658  H "H2'"  . DA A 1 3 ? 2.638   -8.117  3.327   1.00 0.00 ? 3  DA A "H2'"  2 
ATOM 659  H "H2''" . DA A 1 3 ? 3.846   -8.037  2.367   1.00 0.00 ? 3  DA A "H2''" 2 
ATOM 660  H "H1'"  . DA A 1 3 ? 2.924   -8.974  0.729   1.00 0.00 ? 3  DA A "H1'"  2 
ATOM 661  H H8     . DA A 1 3 ? 0.113   -8.209  3.105   1.00 0.00 ? 3  DA A H8     2 
ATOM 662  H H61    . DA A 1 3 ? -2.295  -5.766  -2.152  1.00 0.00 ? 3  DA A H61    2 
ATOM 663  H H62    . DA A 1 3 ? -2.700  -5.899  -0.466  1.00 0.00 ? 3  DA A H62    2 
ATOM 664  H H2     . DA A 1 3 ? 1.464   -7.248  -3.100  1.00 0.00 ? 3  DA A H2     2 
ATOM 665  P P      . DG A 1 4 ? 6.169   -9.086  4.026   1.00 0.00 ? 4  DG A P      2 
ATOM 666  O OP1    . DG A 1 4 ? 7.392   -9.850  4.080   1.00 0.00 ? 4  DG A OP1    2 
ATOM 667  O OP2    . DG A 1 4 ? 5.623   -8.580  5.314   1.00 0.00 ? 4  DG A OP2    2 
ATOM 668  O "O5'"  . DG A 1 4 ? 6.437   -7.865  3.048   1.00 0.00 ? 4  DG A "O5'"  2 
ATOM 669  C "C5'"  . DG A 1 4 ? 7.054   -8.006  1.782   1.00 0.00 ? 4  DG A "C5'"  2 
ATOM 670  C "C4'"  . DG A 1 4 ? 7.015   -6.705  1.002   1.00 0.00 ? 4  DG A "C4'"  2 
ATOM 671  O "O4'"  . DG A 1 4 ? 5.733   -6.508  0.516   1.00 0.00 ? 4  DG A "O4'"  2 
ATOM 672  C "C3'"  . DG A 1 4 ? 7.472   -5.519  1.833   1.00 0.00 ? 4  DG A "C3'"  2 
ATOM 673  O "O3'"  . DG A 1 4 ? 8.602   -4.970  1.174   1.00 0.00 ? 4  DG A "O3'"  2 
ATOM 674  C "C2'"  . DG A 1 4 ? 6.202   -4.666  1.805   1.00 0.00 ? 4  DG A "C2'"  2 
ATOM 675  C "C1'"  . DG A 1 4 ? 5.475   -5.145  0.564   1.00 0.00 ? 4  DG A "C1'"  2 
ATOM 676  N N9     . DG A 1 4 ? 4.030   -4.877  0.566   1.00 0.00 ? 4  DG A N9     2 
ATOM 677  C C8     . DG A 1 4 ? 3.157   -4.929  1.600   1.00 0.00 ? 4  DG A C8     2 
ATOM 678  N N7     . DG A 1 4 ? 1.945   -4.504  1.325   1.00 0.00 ? 4  DG A N7     2 
ATOM 679  C C5     . DG A 1 4 ? 2.040   -4.094  0.001   1.00 0.00 ? 4  DG A C5     2 
ATOM 680  C C6     . DG A 1 4 ? 1.068   -3.526  -0.878  1.00 0.00 ? 4  DG A C6     2 
ATOM 681  O O6     . DG A 1 4 ? -0.111  -3.221  -0.692  1.00 0.00 ? 4  DG A O6     2 
ATOM 682  N N1     . DG A 1 4 ? 1.563   -3.274  -2.122  1.00 0.00 ? 4  DG A N1     2 
ATOM 683  C C2     . DG A 1 4 ? 2.845   -3.516  -2.479  1.00 0.00 ? 4  DG A C2     2 
ATOM 684  N N2     . DG A 1 4 ? 3.231   -3.219  -3.661  1.00 0.00 ? 4  DG A N2     2 
ATOM 685  N N3     . DG A 1 4 ? 3.772   -4.065  -1.705  1.00 0.00 ? 4  DG A N3     2 
ATOM 686  C C4     . DG A 1 4 ? 3.312   -4.326  -0.450  1.00 0.00 ? 4  DG A C4     2 
ATOM 687  H "H5'"  . DG A 1 4 ? 6.541   -8.775  1.227   1.00 0.00 ? 4  DG A "H5'"  2 
ATOM 688  H "H5''" . DG A 1 4 ? 8.093   -8.264  1.912   1.00 0.00 ? 4  DG A "H5''" 2 
ATOM 689  H "H4'"  . DG A 1 4 ? 7.709   -6.784  0.181   1.00 0.00 ? 4  DG A "H4'"  2 
ATOM 690  H "H3'"  . DG A 1 4 ? 7.736   -5.820  2.828   1.00 0.00 ? 4  DG A "H3'"  2 
ATOM 691  H "H2'"  . DG A 1 4 ? 5.608   -4.835  2.682   1.00 0.00 ? 4  DG A "H2'"  2 
ATOM 692  H "H2''" . DG A 1 4 ? 6.403   -3.614  1.741   1.00 0.00 ? 4  DG A "H2''" 2 
ATOM 693  H "H1'"  . DG A 1 4 ? 5.957   -4.642  -0.244  1.00 0.00 ? 4  DG A "H1'"  2 
ATOM 694  H H8     . DG A 1 4 ? 3.401   -5.317  2.564   1.00 0.00 ? 4  DG A H8     2 
ATOM 695  H H1     . DG A 1 4 ? 0.939   -2.880  -2.803  1.00 0.00 ? 4  DG A H1     2 
ATOM 696  H H21    . DG A 1 4 ? 2.517   -2.770  -4.207  1.00 0.00 ? 4  DG A H21    2 
ATOM 697  H H22    . DG A 1 4 ? 4.110   -3.521  -3.966  1.00 0.00 ? 4  DG A H22    2 
ATOM 698  P P      . G  A 1 5 ? 9.290   -3.618  1.663   1.00 0.00 ? 5  G  A P      2 
ATOM 699  O OP1    . G  A 1 5 ? 10.712  -3.729  1.383   1.00 0.00 ? 5  G  A OP1    2 
ATOM 700  O OP2    . G  A 1 5 ? 8.813   -3.372  3.026   1.00 0.00 ? 5  G  A OP2    2 
ATOM 701  O "O5'"  . G  A 1 5 ? 8.653   -2.524  0.659   1.00 0.00 ? 5  G  A "O5'"  2 
ATOM 702  C "C5'"  . G  A 1 5 ? 8.813   -2.628  -0.724  1.00 0.00 ? 5  G  A "C5'"  2 
ATOM 703  C "C4'"  . G  A 1 5 ? 7.870   -1.756  -1.543  1.00 0.00 ? 5  G  A "C4'"  2 
ATOM 704  O "O4'"  . G  A 1 5 ? 6.548   -2.083  -1.320  1.00 0.00 ? 5  G  A "O4'"  2 
ATOM 705  C "C3'"  . G  A 1 5 ? 8.001   -0.256  -1.248  1.00 0.00 ? 5  G  A "C3'"  2 
ATOM 706  O "O3'"  . G  A 1 5 ? 9.071   0.384   -1.862  1.00 0.00 ? 5  G  A "O3'"  2 
ATOM 707  C "C2'"  . G  A 1 5 ? 6.671   0.219   -1.810  1.00 0.00 ? 5  G  A "C2'"  2 
ATOM 708  O "O2'"  . G  A 1 5 ? 6.691   0.472   -3.208  1.00 0.00 ? 5  G  A "O2'"  2 
ATOM 709  C "C1'"  . G  A 1 5 ? 5.763   -0.967  -1.682  1.00 0.00 ? 5  G  A "C1'"  2 
ATOM 710  N N9     . G  A 1 5 ? 4.629   -0.766  -0.767  1.00 0.00 ? 5  G  A N9     2 
ATOM 711  C C8     . G  A 1 5 ? 4.501   -1.130  0.534   1.00 0.00 ? 5  G  A C8     2 
ATOM 712  N N7     . G  A 1 5 ? 3.283   -0.993  1.002   1.00 0.00 ? 5  G  A N7     2 
ATOM 713  C C5     . G  A 1 5 ? 2.560   -0.477  -0.079  1.00 0.00 ? 5  G  A C5     2 
ATOM 714  C C6     . G  A 1 5 ? 1.175   -0.107  -0.265  1.00 0.00 ? 5  G  A C6     2 
ATOM 715  O O6     . G  A 1 5 ? 0.250   -0.195  0.489   1.00 0.00 ? 5  G  A O6     2 
ATOM 716  N N1     . G  A 1 5 ? 0.884   0.400   -1.488  1.00 0.00 ? 5  G  A N1     2 
ATOM 717  C C2     . G  A 1 5 ? 1.801   0.535   -2.434  1.00 0.00 ? 5  G  A C2     2 
ATOM 718  N N2     . G  A 1 5 ? 1.409   1.133   -3.532  1.00 0.00 ? 5  G  A N2     2 
ATOM 719  N N3     . G  A 1 5 ? 3.093   0.195   -2.331  1.00 0.00 ? 5  G  A N3     2 
ATOM 720  C C4     . G  A 1 5 ? 3.394   -0.309  -1.132  1.00 0.00 ? 5  G  A C4     2 
ATOM 721  H "H5'"  . G  A 1 5 ? 8.678   -3.650  -1.010  1.00 0.00 ? 5  G  A "H5'"  2 
ATOM 722  H "H5''" . G  A 1 5 ? 9.828   -2.361  -0.957  1.00 0.00 ? 5  G  A "H5''" 2 
ATOM 723  H "H4'"  . G  A 1 5 ? 8.072   -1.868  -2.596  1.00 0.00 ? 5  G  A "H4'"  2 
ATOM 724  H "H3'"  . G  A 1 5 ? 8.012   -0.136  -0.174  1.00 0.00 ? 5  G  A "H3'"  2 
ATOM 725  H "H2'"  . G  A 1 5 ? 6.331   1.080   -1.256  1.00 0.00 ? 5  G  A "H2'"  2 
ATOM 726  H "HO2'" . G  A 1 5 ? 6.469   1.319   -3.345  1.00 0.00 ? 5  G  A "HO2'" 2 
ATOM 727  H "H1'"  . G  A 1 5 ? 5.310   -1.117  -2.653  1.00 0.00 ? 5  G  A "H1'"  2 
ATOM 728  H H8     . G  A 1 5 ? 5.338   -1.450  1.115   1.00 0.00 ? 5  G  A H8     2 
ATOM 729  H H1     . G  A 1 5 ? -0.057  0.683   -1.680  1.00 0.00 ? 5  G  A H1     2 
ATOM 730  H H21    . G  A 1 5 ? 0.457   1.442   -3.628  1.00 0.00 ? 5  G  A H21    2 
ATOM 731  H H22    . G  A 1 5 ? 2.083   1.274   -4.248  1.00 0.00 ? 5  G  A H22    2 
ATOM 732  P P      . DC A 1 6 ? 9.522   1.830   -1.489  1.00 0.00 ? 6  DC A P      2 
ATOM 733  O OP1    . DC A 1 6 ? 10.817  2.071   -2.156  1.00 0.00 ? 6  DC A OP1    2 
ATOM 734  O OP2    . DC A 1 6 ? 9.515   1.971   -0.026  1.00 0.00 ? 6  DC A OP2    2 
ATOM 735  O "O5'"  . DC A 1 6 ? 8.423   2.830   -2.103  1.00 0.00 ? 6  DC A "O5'"  2 
ATOM 736  C "C5'"  . DC A 1 6 ? 8.366   3.128   -3.503  1.00 0.00 ? 6  DC A "C5'"  2 
ATOM 737  C "C4'"  . DC A 1 6 ? 7.183   3.949   -3.964  1.00 0.00 ? 6  DC A "C4'"  2 
ATOM 738  O "O4'"  . DC A 1 6 ? 6.001   3.273   -3.577  1.00 0.00 ? 6  DC A "O4'"  2 
ATOM 739  C "C3'"  . DC A 1 6 ? 7.096   5.380   -3.415  1.00 0.00 ? 6  DC A "C3'"  2 
ATOM 740  O "O3'"  . DC A 1 6 ? 7.651   6.337   -4.297  1.00 0.00 ? 6  DC A "O3'"  2 
ATOM 741  C "C2'"  . DC A 1 6 ? 5.626   5.613   -3.347  1.00 0.00 ? 6  DC A "C2'"  2 
ATOM 742  C "C1'"  . DC A 1 6 ? 4.992   4.244   -3.298  1.00 0.00 ? 6  DC A "C1'"  2 
ATOM 743  N N1     . DC A 1 6 ? 4.363   3.879   -2.002  1.00 0.00 ? 6  DC A N1     2 
ATOM 744  C C2     . DC A 1 6 ? 2.988   3.986   -1.824  1.00 0.00 ? 6  DC A C2     2 
ATOM 745  O O2     . DC A 1 6 ? 2.237   4.426   -2.713  1.00 0.00 ? 6  DC A O2     2 
ATOM 746  N N3     . DC A 1 6 ? 2.412   3.565   -0.684  1.00 0.00 ? 6  DC A N3     2 
ATOM 747  C C4     . DC A 1 6 ? 3.134   2.953   0.232   1.00 0.00 ? 6  DC A C4     2 
ATOM 748  N N4     . DC A 1 6 ? 2.537   2.490   1.295   1.00 0.00 ? 6  DC A N4     2 
ATOM 749  C C5     . DC A 1 6 ? 4.519   2.795   0.056   1.00 0.00 ? 6  DC A C5     2 
ATOM 750  C C6     . DC A 1 6 ? 5.115   3.317   -1.022  1.00 0.00 ? 6  DC A C6     2 
ATOM 751  H "H5'"  . DC A 1 6 ? 8.380   2.206   -4.067  1.00 0.00 ? 6  DC A "H5'"  2 
ATOM 752  H "H5''" . DC A 1 6 ? 9.257   3.662   -3.786  1.00 0.00 ? 6  DC A "H5''" 2 
ATOM 753  H "H4'"  . DC A 1 6 ? 7.254   4.081   -5.036  1.00 0.00 ? 6  DC A "H4'"  2 
ATOM 754  H "H3'"  . DC A 1 6 ? 7.535   5.426   -2.436  1.00 0.00 ? 6  DC A "H3'"  2 
ATOM 755  H "H2'"  . DC A 1 6 ? 5.404   6.222   -2.496  1.00 0.00 ? 6  DC A "H2'"  2 
ATOM 756  H "H2''" . DC A 1 6 ? 5.275   6.058   -4.265  1.00 0.00 ? 6  DC A "H2''" 2 
ATOM 757  H "H1'"  . DC A 1 6 ? 4.263   4.191   -4.096  1.00 0.00 ? 6  DC A "H1'"  2 
ATOM 758  H H41    . DC A 1 6 ? 1.546   2.589   1.388   1.00 0.00 ? 6  DC A H41    2 
ATOM 759  H H42    . DC A 1 6 ? 3.095   2.051   1.981   1.00 0.00 ? 6  DC A H42    2 
ATOM 760  H H5     . DC A 1 6 ? 5.149   2.274   0.754   1.00 0.00 ? 6  DC A H5     2 
ATOM 761  H H6     . DC A 1 6 ? 6.182   3.268   -1.143  1.00 0.00 ? 6  DC A H6     2 
ATOM 762  P P      . DC A 1 7 ? 8.027   7.813   -3.783  1.00 0.00 ? 7  DC A P      2 
ATOM 763  O OP1    . DC A 1 7 ? 8.701   8.484   -4.898  1.00 0.00 ? 7  DC A OP1    2 
ATOM 764  O OP2    . DC A 1 7 ? 8.780   7.641   -2.544  1.00 0.00 ? 7  DC A OP2    2 
ATOM 765  O "O5'"  . DC A 1 7 ? 6.649   8.542   -3.475  1.00 0.00 ? 7  DC A "O5'"  2 
ATOM 766  C "C5'"  . DC A 1 7 ? 5.828   8.972   -4.563  1.00 0.00 ? 7  DC A "C5'"  2 
ATOM 767  C "C4'"  . DC A 1 7 ? 4.522   9.562   -4.064  1.00 0.00 ? 7  DC A "C4'"  2 
ATOM 768  O "O4'"  . DC A 1 7 ? 3.745   8.588   -3.411  1.00 0.00 ? 7  DC A "O4'"  2 
ATOM 769  C "C3'"  . DC A 1 7 ? 4.754   10.741  -3.110  1.00 0.00 ? 7  DC A "C3'"  2 
ATOM 770  O "O3'"  . DC A 1 7 ? 4.270   11.933  -3.704  1.00 0.00 ? 7  DC A "O3'"  2 
ATOM 771  C "C2'"  . DC A 1 7 ? 3.982   10.350  -1.909  1.00 0.00 ? 7  DC A "C2'"  2 
ATOM 772  C "C1'"  . DC A 1 7 ? 3.134   9.148   -2.299  1.00 0.00 ? 7  DC A "C1'"  2 
ATOM 773  N N1     . DC A 1 7 ? 3.099   8.169   -1.143  1.00 0.00 ? 7  DC A N1     2 
ATOM 774  C C2     . DC A 1 7 ? 1.914   7.942   -0.432  1.00 0.00 ? 7  DC A C2     2 
ATOM 775  O O2     . DC A 1 7 ? 0.857   8.443   -0.728  1.00 0.00 ? 7  DC A O2     2 
ATOM 776  N N3     . DC A 1 7 ? 1.908   7.164   0.643   1.00 0.00 ? 7  DC A N3     2 
ATOM 777  C C4     . DC A 1 7 ? 3.041   6.641   0.999   1.00 0.00 ? 7  DC A C4     2 
ATOM 778  N N4     . DC A 1 7 ? 3.016   5.892   2.050   1.00 0.00 ? 7  DC A N4     2 
ATOM 779  C C5     . DC A 1 7 ? 4.302   6.876   0.351   1.00 0.00 ? 7  DC A C5     2 
ATOM 780  C C6     . DC A 1 7 ? 4.290   7.644   -0.720  1.00 0.00 ? 7  DC A C6     2 
ATOM 781  H "H5'"  . DC A 1 7 ? 5.648   8.156   -5.223  1.00 0.00 ? 7  DC A "H5'"  2 
ATOM 782  H "H5''" . DC A 1 7 ? 6.352   9.735   -5.105  1.00 0.00 ? 7  DC A "H5''" 2 
ATOM 783  H "H4'"  . DC A 1 7 ? 3.917   9.887   -4.905  1.00 0.00 ? 7  DC A "H4'"  2 
ATOM 784  H "H3'"  . DC A 1 7 ? 5.785   10.850  -2.884  1.00 0.00 ? 7  DC A "H3'"  2 
ATOM 785  H "H2'"  . DC A 1 7 ? 4.632   10.037  -1.154  1.00 0.00 ? 7  DC A "H2'"  2 
ATOM 786  H "H2''" . DC A 1 7 ? 3.436   11.172  -1.559  1.00 0.00 ? 7  DC A "H2''" 2 
ATOM 787  H "H1'"  . DC A 1 7 ? 2.169   9.491   -2.571  1.00 0.00 ? 7  DC A "H1'"  2 
ATOM 788  H H41    . DC A 1 7 ? 2.162   5.722   2.550   1.00 0.00 ? 7  DC A H41    2 
ATOM 789  H H42    . DC A 1 7 ? 3.856   5.587   2.416   1.00 0.00 ? 7  DC A H42    2 
ATOM 790  H H5     . DC A 1 7 ? 5.234   6.476   0.673   1.00 0.00 ? 7  DC A H5     2 
ATOM 791  H H6     . DC A 1 7 ? 5.186   7.911   -1.250  1.00 0.00 ? 7  DC A H6     2 
ATOM 792  P P      . DT A 1 8 ? 4.458   13.361  -3.063  1.00 0.00 ? 8  DT A P      2 
ATOM 793  O OP1    . DT A 1 8 ? 4.695   14.314  -4.166  1.00 0.00 ? 8  DT A OP1    2 
ATOM 794  O OP2    . DT A 1 8 ? 5.477   13.252  -2.025  1.00 0.00 ? 8  DT A OP2    2 
ATOM 795  O "O5'"  . DT A 1 8 ? 3.075   13.706  -2.378  1.00 0.00 ? 8  DT A "O5'"  2 
ATOM 796  C "C5'"  . DT A 1 8 ? 1.884   13.763  -3.091  1.00 0.00 ? 8  DT A "C5'"  2 
ATOM 797  C "C4'"  . DT A 1 8 ? 0.644   13.715  -2.208  1.00 0.00 ? 8  DT A "C4'"  2 
ATOM 798  O "O4'"  . DT A 1 8 ? 0.667   12.582  -1.374  1.00 0.00 ? 8  DT A "O4'"  2 
ATOM 799  C "C3'"  . DT A 1 8 ? 0.422   14.923  -1.309  1.00 0.00 ? 8  DT A "C3'"  2 
ATOM 800  O "O3'"  . DT A 1 8 ? -0.967  15.149  -1.154  1.00 0.00 ? 8  DT A "O3'"  2 
ATOM 801  C "C2'"  . DT A 1 8 ? 1.015   14.419  -0.031  1.00 0.00 ? 8  DT A "C2'"  2 
ATOM 802  C "C1'"  . DT A 1 8 ? 0.539   12.957  -0.041  1.00 0.00 ? 8  DT A "C1'"  2 
ATOM 803  N N1     . DT A 1 8 ? 1.316   12.018  0.806   1.00 0.00 ? 8  DT A N1     2 
ATOM 804  C C2     . DT A 1 8 ? 0.601   11.182  1.637   1.00 0.00 ? 8  DT A C2     2 
ATOM 805  O O2     . DT A 1 8 ? -0.623  11.166  1.705   1.00 0.00 ? 8  DT A O2     2 
ATOM 806  N N3     . DT A 1 8 ? 1.315   10.403  2.490   1.00 0.00 ? 8  DT A N3     2 
ATOM 807  C C4     . DT A 1 8 ? 2.696   10.326  2.506   1.00 0.00 ? 8  DT A C4     2 
ATOM 808  O O4     . DT A 1 8 ? 3.202   9.525   3.257   1.00 0.00 ? 8  DT A O4     2 
ATOM 809  C C5     . DT A 1 8 ? 3.383   11.236  1.607   1.00 0.00 ? 8  DT A C5     2 
ATOM 810  C C7     . DT A 1 8 ? 4.899   11.280  1.594   1.00 0.00 ? 8  DT A C7     2 
ATOM 811  C C6     . DT A 1 8 ? 2.661   12.064  0.802   1.00 0.00 ? 8  DT A C6     2 
ATOM 812  H "H5'"  . DT A 1 8 ? 1.871   12.915  -3.702  1.00 0.00 ? 8  DT A "H5'"  2 
ATOM 813  H "H5''" . DT A 1 8 ? 1.844   14.623  -3.680  1.00 0.00 ? 8  DT A "H5''" 2 
ATOM 814  H "H4'"  . DT A 1 8 ? -0.241  13.661  -2.825  1.00 0.00 ? 8  DT A "H4'"  2 
ATOM 815  H "H3'"  . DT A 1 8 ? 0.904   15.796  -1.717  1.00 0.00 ? 8  DT A "H3'"  2 
ATOM 816  H "H2'"  . DT A 1 8 ? 2.096   14.460  -0.094  1.00 0.00 ? 8  DT A "H2'"  2 
ATOM 817  H "H2''" . DT A 1 8 ? 0.670   14.994  0.817   1.00 0.00 ? 8  DT A "H2''" 2 
ATOM 818  H "H1'"  . DT A 1 8 ? -0.517  12.955  0.161   1.00 0.00 ? 8  DT A "H1'"  2 
ATOM 819  H H3     . DT A 1 8 ? 0.850   9.826   3.158   1.00 0.00 ? 8  DT A H3     2 
ATOM 820  H H71    . DT A 1 8 ? 5.243   11.512  2.582   1.00 0.00 ? 8  DT A H71    2 
ATOM 821  H H72    . DT A 1 8 ? 5.244   10.298  1.379   1.00 0.00 ? 8  DT A H72    2 
ATOM 822  H H73    . DT A 1 8 ? 5.277   11.973  0.879   1.00 0.00 ? 8  DT A H73    2 
ATOM 823  H H6     . DT A 1 8 ? 3.129   12.721  0.089   1.00 0.00 ? 8  DT A H6     2 
ATOM 824  P P      . DG A 1 9 ? -1.551  16.469  -0.463  1.00 0.00 ? 9  DG A P      2 
ATOM 825  O OP1    . DG A 1 9 ? -2.943  16.641  -0.895  1.00 0.00 ? 9  DG A OP1    2 
ATOM 826  O OP2    . DG A 1 9 ? -0.593  17.577  -0.607  1.00 0.00 ? 9  DG A OP2    2 
ATOM 827  O "O5'"  . DG A 1 9 ? -1.625  16.060  1.070   1.00 0.00 ? 9  DG A "O5'"  2 
ATOM 828  C "C5'"  . DG A 1 9 ? -2.643  15.255  1.564   1.00 0.00 ? 9  DG A "C5'"  2 
ATOM 829  C "C4'"  . DG A 1 9 ? -2.469  15.082  3.093   1.00 0.00 ? 9  DG A "C4'"  2 
ATOM 830  O "O4'"  . DG A 1 9 ? -1.515  14.075  3.388   1.00 0.00 ? 9  DG A "O4'"  2 
ATOM 831  C "C3'"  . DG A 1 9 ? -2.022  16.340  3.873   1.00 0.00 ? 9  DG A "C3'"  2 
ATOM 832  O "O3'"  . DG A 1 9 ? -2.864  16.552  4.994   1.00 0.00 ? 9  DG A "O3'"  2 
ATOM 833  C "C2'"  . DG A 1 9 ? -0.634  15.999  4.257   1.00 0.00 ? 9  DG A "C2'"  2 
ATOM 834  C "C1'"  . DG A 1 9 ? -0.828  14.508  4.536   1.00 0.00 ? 9  DG A "C1'"  2 
ATOM 835  N N9     . DG A 1 9 ? 0.486   13.846  4.655   1.00 0.00 ? 9  DG A N9     2 
ATOM 836  C C8     . DG A 1 9 ? 1.669   14.204  4.105   1.00 0.00 ? 9  DG A C8     2 
ATOM 837  N N7     . DG A 1 9 ? 2.665   13.482  4.523   1.00 0.00 ? 9  DG A N7     2 
ATOM 838  C C5     . DG A 1 9 ? 2.112   12.580  5.395   1.00 0.00 ? 9  DG A C5     2 
ATOM 839  C C6     . DG A 1 9 ? 2.717   11.586  6.229   1.00 0.00 ? 9  DG A C6     2 
ATOM 840  O O6     . DG A 1 9 ? 3.876   11.174  6.267   1.00 0.00 ? 9  DG A O6     2 
ATOM 841  N N1     . DG A 1 9 ? 1.827   11.036  7.112   1.00 0.00 ? 9  DG A N1     2 
ATOM 842  C C2     . DG A 1 9 ? 0.527   11.332  7.160   1.00 0.00 ? 9  DG A C2     2 
ATOM 843  N N2     . DG A 1 9 ? -0.137  10.704  8.088   1.00 0.00 ? 9  DG A N2     2 
ATOM 844  N N3     . DG A 1 9 ? -0.093  12.206  6.403   1.00 0.00 ? 9  DG A N3     2 
ATOM 845  C C4     . DG A 1 9 ? 0.759   12.812  5.526   1.00 0.00 ? 9  DG A C4     2 
ATOM 846  H "H5'"  . DG A 1 9 ? -2.653  14.320  1.039   1.00 0.00 ? 9  DG A "H5'"  2 
ATOM 847  H "H5''" . DG A 1 9 ? -3.567  15.721  1.365   1.00 0.00 ? 9  DG A "H5''" 2 
ATOM 848  H "H4'"  . DG A 1 9 ? -3.437  14.776  3.449   1.00 0.00 ? 9  DG A "H4'"  2 
ATOM 849  H "H3'"  . DG A 1 9 ? -2.001  17.233  3.270   1.00 0.00 ? 9  DG A "H3'"  2 
ATOM 850  H "HO3'" . DG A 1 9 ? -3.411  15.813  5.201   1.00 0.00 ? 9  DG A "HO3'" 2 
ATOM 851  H "H2'"  . DG A 1 9 ? 0.064   16.159  3.441   1.00 0.00 ? 9  DG A "H2'"  2 
ATOM 852  H "H2''" . DG A 1 9 ? -0.254  16.534  5.109   1.00 0.00 ? 9  DG A "H2''" 2 
ATOM 853  H "H1'"  . DG A 1 9 ? -1.428  14.318  5.413   1.00 0.00 ? 9  DG A "H1'"  2 
ATOM 854  H H8     . DG A 1 9 ? 1.747   15.074  3.483   1.00 0.00 ? 9  DG A H8     2 
ATOM 855  H H1     . DG A 1 9 ? 2.147   10.299  7.705   1.00 0.00 ? 9  DG A H1     2 
ATOM 856  H H21    . DG A 1 9 ? 0.343   10.270  8.856   1.00 0.00 ? 9  DG A H21    2 
ATOM 857  H H22    . DG A 1 9 ? -1.091  10.954  8.182   1.00 0.00 ? 9  DG A H22    2 
ATOM 858  O "O5'"  . DC B 2 1 ? 3.298   4.313   14.088  1.00 0.00 ? 10 DC B "O5'"  2 
ATOM 859  C "C5'"  . DC B 2 1 ? 2.447   5.194   14.781  1.00 0.00 ? 10 DC B "C5'"  2 
ATOM 860  C "C4'"  . DC B 2 1 ? 1.705   6.185   13.958  1.00 0.00 ? 10 DC B "C4'"  2 
ATOM 861  O "O4'"  . DC B 2 1 ? 2.566   7.077   13.349  1.00 0.00 ? 10 DC B "O4'"  2 
ATOM 862  C "C3'"  . DC B 2 1 ? 0.843   5.582   12.822  1.00 0.00 ? 10 DC B "C3'"  2 
ATOM 863  O "O3'"  . DC B 2 1 ? -0.487  5.331   13.173  1.00 0.00 ? 10 DC B "O3'"  2 
ATOM 864  C "C2'"  . DC B 2 1 ? 0.901   6.702   11.839  1.00 0.00 ? 10 DC B "C2'"  2 
ATOM 865  C "C1'"  . DC B 2 1 ? 1.902   7.705   12.294  1.00 0.00 ? 10 DC B "C1'"  2 
ATOM 866  N N1     . DC B 2 1 ? 2.689   8.003   11.137  1.00 0.00 ? 10 DC B N1     2 
ATOM 867  C C2     . DC B 2 1 ? 2.373   8.984   10.235  1.00 0.00 ? 10 DC B C2     2 
ATOM 868  O O2     . DC B 2 1 ? 1.559   9.784   10.510  1.00 0.00 ? 10 DC B O2     2 
ATOM 869  N N3     . DC B 2 1 ? 2.915   9.030   9.006   1.00 0.00 ? 10 DC B N3     2 
ATOM 870  C C4     . DC B 2 1 ? 3.705   8.131   8.657   1.00 0.00 ? 10 DC B C4     2 
ATOM 871  N N4     . DC B 2 1 ? 4.287   8.300   7.539   1.00 0.00 ? 10 DC B N4     2 
ATOM 872  C C5     . DC B 2 1 ? 4.012   7.138   9.501   1.00 0.00 ? 10 DC B C5     2 
ATOM 873  C C6     . DC B 2 1 ? 3.511   7.119   10.738  1.00 0.00 ? 10 DC B C6     2 
ATOM 874  H "H5'"  . DC B 2 1 ? 3.016   5.752   15.494  1.00 0.00 ? 10 DC B "H5'"  2 
ATOM 875  H "H5''" . DC B 2 1 ? 1.741   4.614   15.348  1.00 0.00 ? 10 DC B "H5''" 2 
ATOM 876  H "H4'"  . DC B 2 1 ? 1.058   6.746   14.607  1.00 0.00 ? 10 DC B "H4'"  2 
ATOM 877  H "H3'"  . DC B 2 1 ? 1.263   4.663   12.469  1.00 0.00 ? 10 DC B "H3'"  2 
ATOM 878  H "H2'"  . DC B 2 1 ? 1.166   6.345   10.960  1.00 0.00 ? 10 DC B "H2'"  2 
ATOM 879  H "H2''" . DC B 2 1 ? 0.024   7.137   11.784  1.00 0.00 ? 10 DC B "H2''" 2 
ATOM 880  H "H1'"  . DC B 2 1 ? 1.547   8.620   12.614  1.00 0.00 ? 10 DC B "H1'"  2 
ATOM 881  H H41    . DC B 2 1 ? 4.157   9.135   7.070   1.00 0.00 ? 10 DC B H41    2 
ATOM 882  H H42    . DC B 2 1 ? 4.928   7.700   7.302   1.00 0.00 ? 10 DC B H42    2 
ATOM 883  H H5     . DC B 2 1 ? 4.661   6.415   9.236   1.00 0.00 ? 10 DC B H5     2 
ATOM 884  H H6     . DC B 2 1 ? 3.777   6.420   11.402  1.00 0.00 ? 10 DC B H6     2 
ATOM 885  H H5T    . DC B 2 1 ? 4.021   4.659   13.875  1.00 0.00 ? 10 DC B H5T    2 
ATOM 886  P P      . DA B 2 2 ? -1.517  4.515   12.261  1.00 0.00 ? 11 DA B P      2 
ATOM 887  O OP1    . DA B 2 2 ? -2.603  4.127   13.131  1.00 0.00 ? 11 DA B OP1    2 
ATOM 888  O OP2    . DA B 2 2 ? -0.803  3.491   11.530  1.00 0.00 ? 11 DA B OP2    2 
ATOM 889  O "O5'"  . DA B 2 2 ? -2.096  5.554   11.229  1.00 0.00 ? 11 DA B "O5'"  2 
ATOM 890  C "C5'"  . DA B 2 2 ? -2.850  6.649   11.630  1.00 0.00 ? 11 DA B "C5'"  2 
ATOM 891  C "C4'"  . DA B 2 2 ? -3.685  7.251   10.506  1.00 0.00 ? 11 DA B "C4'"  2 
ATOM 892  O "O4'"  . DA B 2 2 ? -2.876  7.809   9.521   1.00 0.00 ? 11 DA B "O4'"  2 
ATOM 893  C "C3'"  . DA B 2 2 ? -4.552  6.177   9.827   1.00 0.00 ? 11 DA B "C3'"  2 
ATOM 894  O "O3'"  . DA B 2 2 ? -5.841  6.735   9.617   1.00 0.00 ? 11 DA B "O3'"  2 
ATOM 895  C "C2'"  . DA B 2 2 ? -3.824  5.884   8.562   1.00 0.00 ? 11 DA B "C2'"  2 
ATOM 896  C "C1'"  . DA B 2 2 ? -3.063  7.144   8.278   1.00 0.00 ? 11 DA B "C1'"  2 
ATOM 897  N N9     . DA B 2 2 ? -1.787  6.915   7.629   1.00 0.00 ? 11 DA B N9     2 
ATOM 898  C C8     . DA B 2 2 ? -0.785  6.057   7.980   1.00 0.00 ? 11 DA B C8     2 
ATOM 899  N N7     . DA B 2 2 ? 0.319   6.195   7.262   1.00 0.00 ? 11 DA B N7     2 
ATOM 900  C C5     . DA B 2 2 ? 0.020   7.194   6.377   1.00 0.00 ? 11 DA B C5     2 
ATOM 901  C C6     . DA B 2 2 ? 0.706   7.886   5.382   1.00 0.00 ? 11 DA B C6     2 
ATOM 902  N N6     . DA B 2 2 ? 1.987   7.731   5.081   1.00 0.00 ? 11 DA B N6     2 
ATOM 903  N N1     . DA B 2 2 ? 0.124   8.827   4.688   1.00 0.00 ? 11 DA B N1     2 
ATOM 904  C C2     . DA B 2 2 ? -1.158  9.056   4.904   1.00 0.00 ? 11 DA B C2     2 
ATOM 905  N N3     . DA B 2 2 ? -1.954  8.487   5.789   1.00 0.00 ? 11 DA B N3     2 
ATOM 906  C C4     . DA B 2 2 ? -1.285  7.578   6.542   1.00 0.00 ? 11 DA B C4     2 
ATOM 907  H "H5'"  . DA B 2 2 ? -2.246  7.430   12.014  1.00 0.00 ? 11 DA B "H5'"  2 
ATOM 908  H "H5''" . DA B 2 2 ? -3.456  6.349   12.448  1.00 0.00 ? 11 DA B "H5''" 2 
ATOM 909  H "H4'"  . DA B 2 2 ? -4.311  8.049   10.891  1.00 0.00 ? 11 DA B "H4'"  2 
ATOM 910  H "H3'"  . DA B 2 2 ? -4.617  5.298   10.449  1.00 0.00 ? 11 DA B "H3'"  2 
ATOM 911  H "H2'"  . DA B 2 2 ? -3.137  5.084   8.791   1.00 0.00 ? 11 DA B "H2'"  2 
ATOM 912  H "H2''" . DA B 2 2 ? -4.514  5.714   7.762   1.00 0.00 ? 11 DA B "H2''" 2 
ATOM 913  H "H1'"  . DA B 2 2 ? -3.651  7.817   7.670   1.00 0.00 ? 11 DA B "H1'"  2 
ATOM 914  H H8     . DA B 2 2 ? -0.867  5.384   8.795   1.00 0.00 ? 11 DA B H8     2 
ATOM 915  H H61    . DA B 2 2 ? 2.378   8.349   4.410   1.00 0.00 ? 11 DA B H61    2 
ATOM 916  H H62    . DA B 2 2 ? 2.493   7.057   5.599   1.00 0.00 ? 11 DA B H62    2 
ATOM 917  H H2     . DA B 2 2 ? -1.670  9.745   4.277   1.00 0.00 ? 11 DA B H2     2 
ATOM 918  P P      . DG B 2 3 ? -7.071  5.884   9.100   1.00 0.00 ? 12 DG B P      2 
ATOM 919  O OP1    . DG B 2 3 ? -8.287  6.629   9.479   1.00 0.00 ? 12 DG B OP1    2 
ATOM 920  O OP2    . DG B 2 3 ? -6.937  4.473   9.487   1.00 0.00 ? 12 DG B OP2    2 
ATOM 921  O "O5'"  . DG B 2 3 ? -6.945  5.998   7.485   1.00 0.00 ? 12 DG B "O5'"  2 
ATOM 922  C "C5'"  . DG B 2 3 ? -7.094  7.226   6.918   1.00 0.00 ? 12 DG B "C5'"  2 
ATOM 923  C "C4'"  . DG B 2 3 ? -6.921  7.168   5.410   1.00 0.00 ? 12 DG B "C4'"  2 
ATOM 924  O "O4'"  . DG B 2 3 ? -5.519  7.087   5.063   1.00 0.00 ? 12 DG B "O4'"  2 
ATOM 925  C "C3'"  . DG B 2 3 ? -7.614  6.056   4.699   1.00 0.00 ? 12 DG B "C3'"  2 
ATOM 926  O "O3'"  . DG B 2 3 ? -8.372  6.587   3.645   1.00 0.00 ? 12 DG B "O3'"  2 
ATOM 927  C "C2'"  . DG B 2 3 ? -6.487  5.189   4.220   1.00 0.00 ? 12 DG B "C2'"  2 
ATOM 928  C "C1'"  . DG B 2 3 ? -5.362  6.176   4.029   1.00 0.00 ? 12 DG B "C1'"  2 
ATOM 929  N N9     . DG B 2 3 ? -3.975  5.628   4.124   1.00 0.00 ? 12 DG B N9     2 
ATOM 930  C C8     . DG B 2 3 ? -3.443  4.653   4.940   1.00 0.00 ? 12 DG B C8     2 
ATOM 931  N N7     . DG B 2 3 ? -2.177  4.459   4.817   1.00 0.00 ? 12 DG B N7     2 
ATOM 932  C C5     . DG B 2 3 ? -1.798  5.360   3.840   1.00 0.00 ? 12 DG B C5     2 
ATOM 933  C C6     . DG B 2 3 ? -0.523  5.608   3.237   1.00 0.00 ? 12 DG B C6     2 
ATOM 934  O O6     . DG B 2 3 ? 0.556   5.116   3.480   1.00 0.00 ? 12 DG B O6     2 
ATOM 935  N N1     . DG B 2 3 ? -0.555  6.502   2.240   1.00 0.00 ? 12 DG B N1     2 
ATOM 936  C C2     . DG B 2 3 ? -1.661  7.139   1.825   1.00 0.00 ? 12 DG B C2     2 
ATOM 937  N N2     . DG B 2 3 ? -1.472  8.016   0.884   1.00 0.00 ? 12 DG B N2     2 
ATOM 938  N N3     . DG B 2 3 ? -2.865  6.949   2.354   1.00 0.00 ? 12 DG B N3     2 
ATOM 939  C C4     . DG B 2 3 ? -2.891  6.028   3.369   1.00 0.00 ? 12 DG B C4     2 
ATOM 940  H "H5'"  . DG B 2 3 ? -6.342  7.886   7.330   1.00 0.00 ? 12 DG B "H5'"  2 
ATOM 941  H "H5''" . DG B 2 3 ? -8.070  7.661   7.104   1.00 0.00 ? 12 DG B "H5''" 2 
ATOM 942  H "H4'"  . DG B 2 3 ? -7.357  8.048   4.980   1.00 0.00 ? 12 DG B "H4'"  2 
ATOM 943  H "H3'"  . DG B 2 3 ? -8.236  5.553   5.424   1.00 0.00 ? 12 DG B "H3'"  2 
ATOM 944  H "H2'"  . DG B 2 3 ? -6.190  4.510   4.978   1.00 0.00 ? 12 DG B "H2'"  2 
ATOM 945  H "H2''" . DG B 2 3 ? -6.711  4.707   3.305   1.00 0.00 ? 12 DG B "H2''" 2 
ATOM 946  H "H1'"  . DG B 2 3 ? -5.539  6.670   3.092   1.00 0.00 ? 12 DG B "H1'"  2 
ATOM 947  H H8     . DG B 2 3 ? -4.058  4.080   5.611   1.00 0.00 ? 12 DG B H8     2 
ATOM 948  H H1     . DG B 2 3 ? 0.304   6.727   1.771   1.00 0.00 ? 12 DG B H1     2 
ATOM 949  H H21    . DG B 2 3 ? -0.575  8.111   0.435   1.00 0.00 ? 12 DG B H21    2 
ATOM 950  H H22    . DG B 2 3 ? -2.248  8.555   0.584   1.00 0.00 ? 12 DG B H22    2 
ATOM 951  P P      . DG B 2 4 ? -9.502  5.759   2.832   1.00 0.00 ? 13 DG B P      2 
ATOM 952  O OP1    . DG B 2 4 ? -10.549 6.731   2.515   1.00 0.00 ? 13 DG B OP1    2 
ATOM 953  O OP2    . DG B 2 4 ? -9.873  4.546   3.548   1.00 0.00 ? 13 DG B OP2    2 
ATOM 954  O "O5'"  . DG B 2 4 ? -8.781  5.373   1.475   1.00 0.00 ? 13 DG B "O5'"  2 
ATOM 955  C "C5'"  . DG B 2 4 ? -8.389  6.363   0.552   1.00 0.00 ? 13 DG B "C5'"  2 
ATOM 956  C "C4'"  . DG B 2 4 ? -7.416  5.859   -0.470  1.00 0.00 ? 13 DG B "C4'"  2 
ATOM 957  O "O4'"  . DG B 2 4 ? -6.135  5.635   0.094   1.00 0.00 ? 13 DG B "O4'"  2 
ATOM 958  C "C3'"  . DG B 2 4 ? -7.836  4.587   -1.229  1.00 0.00 ? 13 DG B "C3'"  2 
ATOM 959  O "O3'"  . DG B 2 4 ? -8.081  4.929   -2.538  1.00 0.00 ? 13 DG B "O3'"  2 
ATOM 960  C "C2'"  . DG B 2 4 ? -6.586  3.777   -1.098  1.00 0.00 ? 13 DG B "C2'"  2 
ATOM 961  C "C1'"  . DG B 2 4 ? -5.499  4.669   -0.644  1.00 0.00 ? 13 DG B "C1'"  2 
ATOM 962  N N9     . DG B 2 4 ? -4.491  3.992   0.181   1.00 0.00 ? 13 DG B N9     2 
ATOM 963  C C8     . DG B 2 4 ? -4.622  3.173   1.277   1.00 0.00 ? 13 DG B C8     2 
ATOM 964  N N7     . DG B 2 4 ? -3.470  2.752   1.762   1.00 0.00 ? 13 DG B N7     2 
ATOM 965  C C5     . DG B 2 4 ? -2.517  3.312   0.935   1.00 0.00 ? 13 DG B C5     2 
ATOM 966  C C6     . DG B 2 4 ? -1.083  3.232   0.901   1.00 0.00 ? 13 DG B C6     2 
ATOM 967  O O6     . DG B 2 4 ? -0.311  2.672   1.680   1.00 0.00 ? 13 DG B O6     2 
ATOM 968  N N1     . DG B 2 4 ? -0.506  3.889   -0.158  1.00 0.00 ? 13 DG B N1     2 
ATOM 969  C C2     . DG B 2 4 ? -1.201  4.533   -1.079  1.00 0.00 ? 13 DG B C2     2 
ATOM 970  N N2     . DG B 2 4 ? -0.536  5.007   -2.085  1.00 0.00 ? 13 DG B N2     2 
ATOM 971  N N3     . DG B 2 4 ? -2.505  4.671   -1.063  1.00 0.00 ? 13 DG B N3     2 
ATOM 972  C C4     . DG B 2 4 ? -3.141  4.027   -0.052  1.00 0.00 ? 13 DG B C4     2 
ATOM 973  H "H5'"  . DG B 2 4 ? -7.956  7.193   1.103   1.00 0.00 ? 13 DG B "H5'"  2 
ATOM 974  H "H5''" . DG B 2 4 ? -9.263  6.766   0.074   1.00 0.00 ? 13 DG B "H5''" 2 
ATOM 975  H "H4'"  . DG B 2 4 ? -7.336  6.644   -1.197  1.00 0.00 ? 13 DG B "H4'"  2 
ATOM 976  H "H3'"  . DG B 2 4 ? -8.694  4.103   -0.801  1.00 0.00 ? 13 DG B "H3'"  2 
ATOM 977  H "H2'"  . DG B 2 4 ? -6.764  3.085   -0.398  1.00 0.00 ? 13 DG B "H2'"  2 
ATOM 978  H "H2''" . DG B 2 4 ? -6.341  3.297   -1.948  1.00 0.00 ? 13 DG B "H2''" 2 
ATOM 979  H "H1'"  . DG B 2 4 ? -5.003  5.088   -1.462  1.00 0.00 ? 13 DG B "H1'"  2 
ATOM 980  H H8     . DG B 2 4 ? -5.575  2.881   1.672   1.00 0.00 ? 13 DG B H8     2 
ATOM 981  H H1     . DG B 2 4 ? 0.497   3.921   -0.233  1.00 0.00 ? 13 DG B H1     2 
ATOM 982  H H21    . DG B 2 4 ? 0.438   4.803   -2.207  1.00 0.00 ? 13 DG B H21    2 
ATOM 983  H H22    . DG B 2 4 ? -1.123  5.382   -2.801  1.00 0.00 ? 13 DG B H22    2 
ATOM 984  P P      . DC B 2 5 ? -8.565  3.915   -3.649  1.00 0.00 ? 14 DC B P      2 
ATOM 985  O OP1    . DC B 2 5 ? -9.537  4.555   -4.491  1.00 0.00 ? 14 DC B OP1    2 
ATOM 986  O OP2    . DC B 2 5 ? -8.915  2.647   -3.058  1.00 0.00 ? 14 DC B OP2    2 
ATOM 987  O "O5'"  . DC B 2 5 ? -7.266  3.721   -4.501  1.00 0.00 ? 14 DC B "O5'"  2 
ATOM 988  C "C5'"  . DC B 2 5 ? -6.534  4.799   -5.008  1.00 0.00 ? 14 DC B "C5'"  2 
ATOM 989  C "C4'"  . DC B 2 5 ? -5.213  4.407   -5.570  1.00 0.00 ? 14 DC B "C4'"  2 
ATOM 990  O "O4'"  . DC B 2 5 ? -4.310  4.053   -4.551  1.00 0.00 ? 14 DC B "O4'"  2 
ATOM 991  C "C3'"  . DC B 2 5 ? -5.230  3.253   -6.589  1.00 0.00 ? 14 DC B "C3'"  2 
ATOM 992  O "O3'"  . DC B 2 5 ? -4.320  3.526   -7.667  1.00 0.00 ? 14 DC B "O3'"  2 
ATOM 993  C "C2'"  . DC B 2 5 ? -4.827  2.076   -5.727  1.00 0.00 ? 14 DC B "C2'"  2 
ATOM 994  C "C1'"  . DC B 2 5 ? -3.817  2.748   -4.822  1.00 0.00 ? 14 DC B "C1'"  2 
ATOM 995  N N1     . DC B 2 5 ? -3.483  2.049   -3.560  1.00 0.00 ? 14 DC B N1     2 
ATOM 996  C C2     . DC B 2 5 ? -2.160  1.812   -3.201  1.00 0.00 ? 14 DC B C2     2 
ATOM 997  O O2     . DC B 2 5 ? -1.223  2.211   -3.890  1.00 0.00 ? 14 DC B O2     2 
ATOM 998  N N3     . DC B 2 5 ? -1.841  1.164   -2.079  1.00 0.00 ? 14 DC B N3     2 
ATOM 999  C C4     . DC B 2 5 ? -2.819  0.752   -1.283  1.00 0.00 ? 14 DC B C4     2 
ATOM 1000 N N4     . DC B 2 5 ? -2.466  0.154   -0.181  1.00 0.00 ? 14 DC B N4     2 
ATOM 1001 C C5     . DC B 2 5 ? -4.190  0.916   -1.587  1.00 0.00 ? 14 DC B C5     2 
ATOM 1002 C C6     . DC B 2 5 ? -4.485  1.535   -2.758  1.00 0.00 ? 14 DC B C6     2 
ATOM 1003 H "H5'"  . DC B 2 5 ? -6.402  5.554   -4.274  1.00 0.00 ? 14 DC B "H5'"  2 
ATOM 1004 H "H5''" . DC B 2 5 ? -7.103  5.236   -5.789  1.00 0.00 ? 14 DC B "H5''" 2 
ATOM 1005 H "H4'"  . DC B 2 5 ? -4.838  5.260   -6.111  1.00 0.00 ? 14 DC B "H4'"  2 
ATOM 1006 H "H3'"  . DC B 2 5 ? -6.224  3.155   -7.006  1.00 0.00 ? 14 DC B "H3'"  2 
ATOM 1007 H "H2'"  . DC B 2 5 ? -5.718  1.779   -5.181  1.00 0.00 ? 14 DC B "H2'"  2 
ATOM 1008 H "H2''" . DC B 2 5 ? -4.383  1.268   -6.292  1.00 0.00 ? 14 DC B "H2''" 2 
ATOM 1009 H "H1'"  . DC B 2 5 ? -2.888  2.852   -5.351  1.00 0.00 ? 14 DC B "H1'"  2 
ATOM 1010 H H41    . DC B 2 5 ? -1.487  0.045   -0.030  1.00 0.00 ? 14 DC B H41    2 
ATOM 1011 H H42    . DC B 2 5 ? -3.133  -0.132  0.495   1.00 0.00 ? 14 DC B H42    2 
ATOM 1012 H H5     . DC B 2 5 ? -4.985  0.540   -0.964  1.00 0.00 ? 14 DC B H5     2 
ATOM 1013 H H6     . DC B 2 5 ? -5.499  1.636   -3.062  1.00 0.00 ? 14 DC B H6     2 
ATOM 1014 P P      . DC B 2 6 ? -4.195  2.566   -8.927  1.00 0.00 ? 15 DC B P      2 
ATOM 1015 O OP1    . DC B 2 6 ? -3.951  3.450   -10.098 1.00 0.00 ? 15 DC B OP1    2 
ATOM 1016 O OP2    . DC B 2 6 ? -5.336  1.640   -8.949  1.00 0.00 ? 15 DC B OP2    2 
ATOM 1017 O "O5'"  . DC B 2 6 ? -2.886  1.726   -8.652  1.00 0.00 ? 15 DC B "O5'"  2 
ATOM 1018 C "C5'"  . DC B 2 6 ? -1.614  2.338   -8.651  1.00 0.00 ? 15 DC B "C5'"  2 
ATOM 1019 C "C4'"  . DC B 2 6 ? -0.448  1.360   -8.629  1.00 0.00 ? 15 DC B "C4'"  2 
ATOM 1020 O "O4'"  . DC B 2 6 ? -0.288  0.855   -7.351  1.00 0.00 ? 15 DC B "O4'"  2 
ATOM 1021 C "C3'"  . DC B 2 6 ? -0.577  0.160   -9.600  1.00 0.00 ? 15 DC B "C3'"  2 
ATOM 1022 O "O3'"  . DC B 2 6 ? 0.582   0.039   -10.402 1.00 0.00 ? 15 DC B "O3'"  2 
ATOM 1023 C "C2'"  . DC B 2 6 ? -0.765  -1.033  -8.659  1.00 0.00 ? 15 DC B "C2'"  2 
ATOM 1024 C "C1'"  . DC B 2 6 ? -0.130  -0.555  -7.395  1.00 0.00 ? 15 DC B "C1'"  2 
ATOM 1025 N N1     . DC B 2 6 ? -0.720  -1.096  -6.112  1.00 0.00 ? 15 DC B N1     2 
ATOM 1026 C C2     . DC B 2 6 ? 0.139   -1.658  -5.163  1.00 0.00 ? 15 DC B C2     2 
ATOM 1027 O O2     . DC B 2 6 ? 1.337   -1.862  -5.342  1.00 0.00 ? 15 DC B O2     2 
ATOM 1028 N N3     . DC B 2 6 ? -0.345  -2.005  -3.961  1.00 0.00 ? 15 DC B N3     2 
ATOM 1029 C C4     . DC B 2 6 ? -1.612  -1.747  -3.687  1.00 0.00 ? 15 DC B C4     2 
ATOM 1030 N N4     . DC B 2 6 ? -1.993  -2.088  -2.512  1.00 0.00 ? 15 DC B N4     2 
ATOM 1031 C C5     . DC B 2 6 ? -2.529  -1.165  -4.618  1.00 0.00 ? 15 DC B C5     2 
ATOM 1032 C C6     . DC B 2 6 ? -2.043  -0.896  -5.831  1.00 0.00 ? 15 DC B C6     2 
ATOM 1033 H "H5'"  . DC B 2 6 ? -1.532  3.025   -7.832  1.00 0.00 ? 15 DC B "H5'"  2 
ATOM 1034 H "H5''" . DC B 2 6 ? -1.498  2.930   -9.527  1.00 0.00 ? 15 DC B "H5''" 2 
ATOM 1035 H "H4'"  . DC B 2 6 ? 0.449   1.905   -8.869  1.00 0.00 ? 15 DC B "H4'"  2 
ATOM 1036 H "H3'"  . DC B 2 6 ? -1.441  0.316   -10.198 1.00 0.00 ? 15 DC B "H3'"  2 
ATOM 1037 H "H2'"  . DC B 2 6 ? -1.805  -1.255  -8.526  1.00 0.00 ? 15 DC B "H2'"  2 
ATOM 1038 H "H2''" . DC B 2 6 ? -0.274  -1.909  -9.041  1.00 0.00 ? 15 DC B "H2''" 2 
ATOM 1039 H "H1'"  . DC B 2 6 ? 0.911   -0.843  -7.399  1.00 0.00 ? 15 DC B "H1'"  2 
ATOM 1040 H H41    . DC B 2 6 ? -1.326  -2.499  -1.885  1.00 0.00 ? 15 DC B H41    2 
ATOM 1041 H H42    . DC B 2 6 ? -2.925  -1.942  -2.230  1.00 0.00 ? 15 DC B H42    2 
ATOM 1042 H H5     . DC B 2 6 ? -3.568  -0.968  -4.419  1.00 0.00 ? 15 DC B H5     2 
ATOM 1043 H H6     . DC B 2 6 ? -2.660  -0.531  -6.626  1.00 0.00 ? 15 DC B H6     2 
ATOM 1044 P P      . DT B 2 7 ? 0.832   -1.042  -11.535 1.00 0.00 ? 16 DT B P      2 
ATOM 1045 O OP1    . DT B 2 7 ? 1.943   -0.531  -12.330 1.00 0.00 ? 16 DT B OP1    2 
ATOM 1046 O OP2    . DT B 2 7 ? -0.429  -1.397  -12.193 1.00 0.00 ? 16 DT B OP2    2 
ATOM 1047 O "O5'"  . DT B 2 7 ? 1.351   -2.377  -10.820 1.00 0.00 ? 16 DT B "O5'"  2 
ATOM 1048 C "C5'"  . DT B 2 7 ? 2.536   -2.421  -10.076 1.00 0.00 ? 16 DT B "C5'"  2 
ATOM 1049 C "C4'"  . DT B 2 7 ? 2.633   -3.706  -9.232  1.00 0.00 ? 16 DT B "C4'"  2 
ATOM 1050 O "O4'"  . DT B 2 7 ? 1.752   -3.675  -8.148  1.00 0.00 ? 16 DT B "O4'"  2 
ATOM 1051 C "C3'"  . DT B 2 7 ? 2.283   -5.001  -9.974  1.00 0.00 ? 16 DT B "C3'"  2 
ATOM 1052 O "O3'"  . DT B 2 7 ? 3.374   -5.888  -9.818  1.00 0.00 ? 16 DT B "O3'"  2 
ATOM 1053 C "C2'"  . DT B 2 7 ? 1.063   -5.490  -9.288  1.00 0.00 ? 16 DT B "C2'"  2 
ATOM 1054 C "C1'"  . DT B 2 7 ? 1.324   -4.959  -7.883  1.00 0.00 ? 16 DT B "C1'"  2 
ATOM 1055 N N1     . DT B 2 7 ? 0.162   -4.980  -6.961  1.00 0.00 ? 16 DT B N1     2 
ATOM 1056 C C2     . DT B 2 7 ? 0.406   -5.435  -5.667  1.00 0.00 ? 16 DT B C2     2 
ATOM 1057 O O2     . DT B 2 7 ? 1.503   -5.779  -5.255  1.00 0.00 ? 16 DT B O2     2 
ATOM 1058 N N3     . DT B 2 7 ? -0.675  -5.485  -4.813  1.00 0.00 ? 16 DT B N3     2 
ATOM 1059 C C4     . DT B 2 7 ? -1.977  -5.205  -5.124  1.00 0.00 ? 16 DT B C4     2 
ATOM 1060 O O4     . DT B 2 7 ? -2.825  -5.355  -4.264  1.00 0.00 ? 16 DT B O4     2 
ATOM 1061 C C5     . DT B 2 7 ? -2.134  -4.722  -6.494  1.00 0.00 ? 16 DT B C5     2 
ATOM 1062 C C7     . DT B 2 7 ? -3.489  -4.273  -6.965  1.00 0.00 ? 16 DT B C7     2 
ATOM 1063 C C6     . DT B 2 7 ? -1.081  -4.603  -7.351  1.00 0.00 ? 16 DT B C6     2 
ATOM 1064 H "H5'"  . DT B 2 7 ? 2.592   -1.565  -9.422  1.00 0.00 ? 16 DT B "H5'"  2 
ATOM 1065 H "H5''" . DT B 2 7 ? 3.377   -2.390  -10.750 1.00 0.00 ? 16 DT B "H5''" 2 
ATOM 1066 H "H4'"  . DT B 2 7 ? 3.642   -3.791  -8.873  1.00 0.00 ? 16 DT B "H4'"  2 
ATOM 1067 H "H3'"  . DT B 2 7 ? 2.112   -4.845  -11.018 1.00 0.00 ? 16 DT B "H3'"  2 
ATOM 1068 H "H2'"  . DT B 2 7 ? 0.190   -5.069  -9.700  1.00 0.00 ? 16 DT B "H2'"  2 
ATOM 1069 H "H2''" . DT B 2 7 ? 1.048   -6.543  -9.292  1.00 0.00 ? 16 DT B "H2''" 2 
ATOM 1070 H "H1'"  . DT B 2 7 ? 2.149   -5.480  -7.466  1.00 0.00 ? 16 DT B "H1'"  2 
ATOM 1071 H H3     . DT B 2 7 ? -0.543  -5.857  -3.891  1.00 0.00 ? 16 DT B H3     2 
ATOM 1072 H H71    . DT B 2 7 ? -3.947  -3.780  -6.637  1.00 0.00 ? 16 DT B H71    2 
ATOM 1073 H H72    . DT B 2 7 ? -3.524  -3.947  -7.600  1.00 0.00 ? 16 DT B H72    2 
ATOM 1074 H H73    . DT B 2 7 ? -3.985  -4.783  -7.063  1.00 0.00 ? 16 DT B H73    2 
ATOM 1075 H H6     . DT B 2 7 ? -1.227  -4.248  -8.355  1.00 0.00 ? 16 DT B H6     2 
ATOM 1076 P P      . DA B 2 8 ? 3.513   -7.256  -10.598 1.00 0.00 ? 17 DA B P      2 
ATOM 1077 O OP1    . DA B 2 8 ? 4.864   -7.290  -11.187 1.00 0.00 ? 17 DA B OP1    2 
ATOM 1078 O OP2    . DA B 2 8 ? 2.354   -7.442  -11.483 1.00 0.00 ? 17 DA B OP2    2 
ATOM 1079 O "O5'"  . DA B 2 8 ? 3.421   -8.286  -9.442  1.00 0.00 ? 17 DA B "O5'"  2 
ATOM 1080 C "C5'"  . DA B 2 8 ? 4.394   -8.285  -8.419  1.00 0.00 ? 17 DA B "C5'"  2 
ATOM 1081 C "C4'"  . DA B 2 8 ? 4.168   -9.319  -7.335  1.00 0.00 ? 17 DA B "C4'"  2 
ATOM 1082 O "O4'"  . DA B 2 8 ? 3.011   -9.011  -6.533  1.00 0.00 ? 17 DA B "O4'"  2 
ATOM 1083 C "C3'"  . DA B 2 8 ? 3.983   -10.737 -7.874  1.00 0.00 ? 17 DA B "C3'"  2 
ATOM 1084 O "O3'"  . DA B 2 8 ? 4.802   -11.622 -7.097  1.00 0.00 ? 17 DA B "O3'"  2 
ATOM 1085 C "C2'"  . DA B 2 8 ? 2.521   -10.968 -7.638  1.00 0.00 ? 17 DA B "C2'"  2 
ATOM 1086 C "C1'"  . DA B 2 8 ? 2.271   -10.184 -6.396  1.00 0.00 ? 17 DA B "C1'"  2 
ATOM 1087 N N9     . DA B 2 8 ? 0.893   -9.779  -6.112  1.00 0.00 ? 17 DA B N9     2 
ATOM 1088 C C8     . DA B 2 8 ? -0.061  -9.296  -6.963  1.00 0.00 ? 17 DA B C8     2 
ATOM 1089 N N7     . DA B 2 8 ? -1.211  -8.983  -6.434  1.00 0.00 ? 17 DA B N7     2 
ATOM 1090 C C5     . DA B 2 8 ? -1.005  -9.299  -5.095  1.00 0.00 ? 17 DA B C5     2 
ATOM 1091 C C6     . DA B 2 8 ? -1.771  -9.242  -3.913  1.00 0.00 ? 17 DA B C6     2 
ATOM 1092 N N6     . DA B 2 8 ? -3.009  -8.844  -3.818  1.00 0.00 ? 17 DA B N6     2 
ATOM 1093 N N1     . DA B 2 8 ? -1.279  -9.660  -2.761  1.00 0.00 ? 17 DA B N1     2 
ATOM 1094 C C2     . DA B 2 8 ? -0.047  -10.095 -2.716  1.00 0.00 ? 17 DA B C2     2 
ATOM 1095 N N3     . DA B 2 8 ? 0.802   -10.164 -3.738  1.00 0.00 ? 17 DA B N3     2 
ATOM 1096 C C4     . DA B 2 8 ? 0.260   -9.749  -4.903  1.00 0.00 ? 17 DA B C4     2 
ATOM 1097 H "H5'"  . DA B 2 8 ? 4.437   -7.295  -7.973  1.00 0.00 ? 17 DA B "H5'"  2 
ATOM 1098 H "H5''" . DA B 2 8 ? 5.360   -8.466  -8.866  1.00 0.00 ? 17 DA B "H5''" 2 
ATOM 1099 H "H4'"  . DA B 2 8 ? 5.046   -9.271  -6.699  1.00 0.00 ? 17 DA B "H4'"  2 
ATOM 1100 H "H3'"  . DA B 2 8 ? 4.282   -10.735 -8.914  1.00 0.00 ? 17 DA B "H3'"  2 
ATOM 1101 H "H2'"  . DA B 2 8 ? 1.986   -10.578 -8.496  1.00 0.00 ? 17 DA B "H2'"  2 
ATOM 1102 H "H2''" . DA B 2 8 ? 2.282   -12.009 -7.463  1.00 0.00 ? 17 DA B "H2''" 2 
ATOM 1103 H "H1'"  . DA B 2 8 ? 2.652   -10.770 -5.575  1.00 0.00 ? 17 DA B "H1'"  2 
ATOM 1104 H H8     . DA B 2 8 ? 0.113   -9.265  -8.020  1.00 0.00 ? 17 DA B H8     2 
ATOM 1105 H H61    . DA B 2 8 ? -3.391  -8.765  -2.897  1.00 0.00 ? 17 DA B H61    2 
ATOM 1106 H H62    . DA B 2 8 ? -3.491  -8.484  -4.610  1.00 0.00 ? 17 DA B H62    2 
ATOM 1107 H H2     . DA B 2 8 ? 0.338   -10.386 -1.770  1.00 0.00 ? 17 DA B H2     2 
ATOM 1108 P P      . DA B 2 9 ? 4.940   -13.168 -7.438  1.00 0.00 ? 18 DA B P      2 
ATOM 1109 O OP1    . DA B 2 9 ? 6.347   -13.564 -7.216  1.00 0.00 ? 18 DA B OP1    2 
ATOM 1110 O OP2    . DA B 2 9 ? 4.296   -13.447 -8.709  1.00 0.00 ? 18 DA B OP2    2 
ATOM 1111 O "O5'"  . DA B 2 9 ? 4.033   -13.775 -6.299  1.00 0.00 ? 18 DA B "O5'"  2 
ATOM 1112 C "C5'"  . DA B 2 9 ? 4.403   -13.663 -4.942  1.00 0.00 ? 18 DA B "C5'"  2 
ATOM 1113 C "C4'"  . DA B 2 9 ? 3.474   -14.389 -4.004  1.00 0.00 ? 18 DA B "C4'"  2 
ATOM 1114 O "O4'"  . DA B 2 9 ? 2.260   -13.664 -3.840  1.00 0.00 ? 18 DA B "O4'"  2 
ATOM 1115 C "C3'"  . DA B 2 9 ? 3.076   -15.757 -4.560  1.00 0.00 ? 18 DA B "C3'"  2 
ATOM 1116 O "O3'"  . DA B 2 9 ? 3.216   -16.718 -3.587  1.00 0.00 ? 18 DA B "O3'"  2 
ATOM 1117 C "C2'"  . DA B 2 9 ? 1.605   -15.556 -4.918  1.00 0.00 ? 18 DA B "C2'"  2 
ATOM 1118 C "C1'"  . DA B 2 9 ? 1.182   -14.469 -3.987  1.00 0.00 ? 18 DA B "C1'"  2 
ATOM 1119 N N9     . DA B 2 9 ? -0.001  -13.708 -4.411  1.00 0.00 ? 18 DA B N9     2 
ATOM 1120 C C8     . DA B 2 9 ? -0.223  -13.195 -5.642  1.00 0.00 ? 18 DA B C8     2 
ATOM 1121 N N7     . DA B 2 9 ? -1.363  -12.597 -5.804  1.00 0.00 ? 18 DA B N7     2 
ATOM 1122 C C5     . DA B 2 9 ? -1.920  -12.737 -4.527  1.00 0.00 ? 18 DA B C5     2 
ATOM 1123 C C6     . DA B 2 9 ? -3.129  -12.391 -3.889  1.00 0.00 ? 18 DA B C6     2 
ATOM 1124 N N6     . DA B 2 9 ? -4.157  -11.771 -4.468  1.00 0.00 ? 18 DA B N6     2 
ATOM 1125 N N1     . DA B 2 9 ? -3.377  -12.657 -2.625  1.00 0.00 ? 18 DA B N1     2 
ATOM 1126 C C2     . DA B 2 9 ? -2.438  -13.285 -1.938  1.00 0.00 ? 18 DA B C2     2 
ATOM 1127 N N3     . DA B 2 9 ? -1.241  -13.700 -2.355  1.00 0.00 ? 18 DA B N3     2 
ATOM 1128 C C4     . DA B 2 9 ? -1.080  -13.408 -3.671  1.00 0.00 ? 18 DA B C4     2 
ATOM 1129 H "H5'"  . DA B 2 9 ? 4.486   -12.623 -4.651  1.00 0.00 ? 18 DA B "H5'"  2 
ATOM 1130 H "H5''" . DA B 2 9 ? 5.386   -14.097 -4.862  1.00 0.00 ? 18 DA B "H5''" 2 
ATOM 1131 H "H4'"  . DA B 2 9 ? 3.882   -14.505 -3.022  1.00 0.00 ? 18 DA B "H4'"  2 
ATOM 1132 H "H3'"  . DA B 2 9 ? 3.660   -16.013 -5.426  1.00 0.00 ? 18 DA B "H3'"  2 
ATOM 1133 H "HO3'" . DA B 2 9 ? 4.100   -16.931 -3.526  1.00 0.00 ? 18 DA B "HO3'" 2 
ATOM 1134 H "H2'"  . DA B 2 9 ? 1.542   -15.267 -5.940  1.00 0.00 ? 18 DA B "H2'"  2 
ATOM 1135 H "H2''" . DA B 2 9 ? 1.037   -16.442 -4.757  1.00 0.00 ? 18 DA B "H2''" 2 
ATOM 1136 H "H1'"  . DA B 2 9 ? 0.928   -14.896 -3.061  1.00 0.00 ? 18 DA B "H1'"  2 
ATOM 1137 H H8     . DA B 2 9 ? 0.503   -13.315 -6.406  1.00 0.00 ? 18 DA B H8     2 
ATOM 1138 H H61    . DA B 2 9 ? -4.897  -11.448 -3.870  1.00 0.00 ? 18 DA B H61    2 
ATOM 1139 H H62    . DA B 2 9 ? -4.108  -11.573 -5.442  1.00 0.00 ? 18 DA B H62    2 
ATOM 1140 H H2     . DA B 2 9 ? -2.655  -13.397 -0.892  1.00 0.00 ? 18 DA B H2     2 
# 
